data_3A8K
#
_entry.id   3A8K
#
_cell.length_a   54.122
_cell.length_b   88.412
_cell.length_c   97.863
_cell.angle_alpha   91.56
_cell.angle_beta   102.42
_cell.angle_gamma   89.59
#
_symmetry.space_group_name_H-M   'P 1'
#
loop_
_entity.id
_entity.type
_entity.pdbx_description
1 polymer Aminomethyltransferase
2 polymer 'Glycine cleavage system H protein'
3 water water
#
loop_
_entity_poly.entity_id
_entity_poly.type
_entity_poly.pdbx_seq_one_letter_code
_entity_poly.pdbx_strand_id
1 'polypeptide(L)'
;MAQQTPLYEQHTLCGARMVDFHGWMMPLHYGSQIDEHHAVRTDAGMFDVSHMTIVDLRGSRTREFLRYLLANDVAKLTKS
GKALYSGMLNASGGVIDNLIVYYFTEDFFRLVVNSATREKDLSWITQHAEPFGIEITVRDDLSMIAVQGPNAQAKAATLF
NDAQRQAVEGMKPFFGVQAGDLFIATTGYTGEAGYEIALPNEKAADFWRALVEAGVKPCGLGARDTLRLEAGMNLYGQEM
DETISPLAANMGWTIAWEPADRDFIGREALEVQREHGTEKLVGLVMTEKGVLRNELPVRFTDAQGNQHEGIITSGTFSPT
LGYSIALARVPEGIGETAIVQIRNREMPVKVTKPVFVRNGKAVA
;
A,B,C,D
2 'polypeptide(L)'
;MSNVPAELKYSKEHEWLRKEADGTYTVGITEHAQELLGDMVFVDLPEVGATVSAGDDCAVAESV(LA2)AASDIYAPVSG
EIVAVNDALSDSPELVNSEPYAGGWIFKIKASDESELESLLDATAYEALLEDE
;
E,F
#
# COMPACT_ATOMS: atom_id res chain seq x y z
N ALA A 2 -9.57 36.23 3.60
CA ALA A 2 -8.34 35.48 3.97
C ALA A 2 -7.12 36.41 4.00
N GLN A 3 -6.24 36.19 4.96
CA GLN A 3 -5.04 37.01 5.01
C GLN A 3 -3.86 36.26 4.38
N GLN A 4 -2.84 37.01 4.06
CA GLN A 4 -1.64 36.47 3.43
C GLN A 4 -0.41 36.91 4.17
N THR A 5 0.62 36.07 4.09
CA THR A 5 1.89 36.43 4.66
C THR A 5 2.63 37.44 3.74
N PRO A 6 3.74 38.02 4.22
CA PRO A 6 4.66 38.84 3.39
C PRO A 6 5.31 38.07 2.19
N LEU A 7 5.15 36.75 2.16
CA LEU A 7 5.76 35.87 1.12
C LEU A 7 4.87 35.57 -0.08
N TYR A 8 3.67 36.09 -0.03
CA TYR A 8 2.63 35.72 -0.98
C TYR A 8 3.12 35.84 -2.39
N GLU A 9 3.83 36.91 -2.71
CA GLU A 9 4.35 37.07 -4.08
C GLU A 9 5.50 36.10 -4.43
N GLN A 10 6.40 35.91 -3.47
CA GLN A 10 7.45 34.92 -3.61
C GLN A 10 6.85 33.56 -3.90
N HIS A 11 5.78 33.17 -3.21
CA HIS A 11 5.15 31.85 -3.44
C HIS A 11 4.60 31.73 -4.90
N THR A 12 4.00 32.80 -5.38
CA THR A 12 3.54 32.82 -6.79
C THR A 12 4.66 32.73 -7.81
N LEU A 13 5.74 33.52 -7.66
CA LEU A 13 6.91 33.34 -8.51
C LEU A 13 7.48 31.94 -8.42
N CYS A 14 7.27 31.23 -7.30
CA CYS A 14 7.82 29.86 -7.21
C CYS A 14 6.83 28.78 -7.72
N GLY A 15 5.70 29.24 -8.22
CA GLY A 15 4.71 28.35 -8.83
C GLY A 15 3.70 27.77 -7.83
N ALA A 16 3.45 28.47 -6.71
CA ALA A 16 2.52 27.92 -5.68
C ALA A 16 1.11 27.76 -6.23
N ARG A 17 0.47 26.69 -5.85
CA ARG A 17 -0.98 26.61 -5.93
C ARG A 17 -1.49 27.04 -4.57
N MET A 18 -2.15 28.20 -4.50
CA MET A 18 -2.59 28.80 -3.24
C MET A 18 -3.91 28.25 -2.80
N VAL A 19 -4.05 27.97 -1.51
CA VAL A 19 -5.37 27.65 -0.96
C VAL A 19 -5.64 28.49 0.26
N ASP A 20 -6.90 28.70 0.57
CA ASP A 20 -7.28 29.25 1.86
C ASP A 20 -7.00 28.24 3.07
N PHE A 21 -6.15 28.58 4.01
CA PHE A 21 -5.89 27.68 5.15
C PHE A 21 -6.18 28.40 6.46
N HIS A 22 -7.32 28.17 7.09
CA HIS A 22 -7.67 28.89 8.34
C HIS A 22 -7.51 30.37 8.11
N GLY A 23 -8.10 30.86 7.02
CA GLY A 23 -8.05 32.30 6.75
C GLY A 23 -6.74 32.88 6.31
N TRP A 24 -5.82 32.00 5.92
CA TRP A 24 -4.57 32.38 5.30
C TRP A 24 -4.47 31.78 3.88
N MET A 25 -4.18 32.58 2.85
CA MET A 25 -3.82 32.00 1.55
C MET A 25 -2.42 31.40 1.71
N MET A 26 -2.26 30.08 1.54
CA MET A 26 -0.95 29.46 1.68
C MET A 26 -0.76 28.47 0.52
N PRO A 27 0.49 28.13 0.20
CA PRO A 27 0.78 27.19 -0.90
C PRO A 27 0.41 25.81 -0.44
N LEU A 28 -0.40 25.10 -1.23
CA LEU A 28 -0.71 23.71 -0.96
C LEU A 28 0.46 22.86 -1.44
N HIS A 29 1.03 23.30 -2.58
CA HIS A 29 2.26 22.75 -3.05
C HIS A 29 2.70 23.68 -4.16
N TYR A 30 3.82 23.34 -4.76
CA TYR A 30 4.41 24.14 -5.86
C TYR A 30 4.60 23.26 -7.10
N GLY A 31 3.75 22.28 -7.29
CA GLY A 31 3.99 21.40 -8.47
C GLY A 31 3.79 19.93 -8.13
N SER A 32 4.28 19.50 -6.98
CA SER A 32 4.23 18.09 -6.61
C SER A 32 4.47 17.95 -5.09
N GLN A 33 3.41 17.67 -4.35
CA GLN A 33 3.61 17.49 -2.89
C GLN A 33 4.47 16.28 -2.55
N ILE A 34 4.47 15.25 -3.41
CA ILE A 34 5.33 14.09 -3.22
C ILE A 34 6.82 14.41 -3.38
N ASP A 35 7.15 15.11 -4.48
CA ASP A 35 8.51 15.57 -4.65
C ASP A 35 8.97 16.47 -3.50
N GLU A 36 8.06 17.34 -3.05
CA GLU A 36 8.36 18.19 -1.89
C GLU A 36 8.68 17.41 -0.66
N HIS A 37 7.90 16.37 -0.41
CA HIS A 37 8.22 15.48 0.70
C HIS A 37 9.59 14.83 0.51
N HIS A 38 9.85 14.32 -0.72
CA HIS A 38 11.19 13.71 -0.98
C HIS A 38 12.34 14.71 -0.73
N ALA A 39 12.19 15.97 -1.17
CA ALA A 39 13.24 17.00 -0.89
C ALA A 39 13.56 17.16 0.58
N VAL A 40 12.55 17.14 1.44
CA VAL A 40 12.82 17.25 2.90
C VAL A 40 13.46 15.97 3.46
N ARG A 41 13.03 14.84 2.94
CA ARG A 41 13.63 13.60 3.44
C ARG A 41 15.10 13.39 2.97
N THR A 42 15.45 13.97 1.83
CA THR A 42 16.70 13.62 1.17
C THR A 42 17.64 14.78 0.98
N ASP A 43 17.18 16.01 1.13
CA ASP A 43 18.07 17.13 0.85
C ASP A 43 17.65 18.37 1.69
N ALA A 44 16.89 19.28 1.11
CA ALA A 44 16.37 20.45 1.88
C ALA A 44 15.12 20.94 1.26
N GLY A 45 14.09 21.24 2.10
CA GLY A 45 12.83 21.85 1.64
C GLY A 45 12.49 22.98 2.62
N MET A 46 11.61 23.91 2.29
CA MET A 46 11.33 24.99 3.25
C MET A 46 9.86 25.38 3.17
N PHE A 47 9.32 25.92 4.26
CA PHE A 47 7.90 26.13 4.41
C PHE A 47 7.72 27.52 4.97
N ASP A 48 6.70 28.20 4.52
CA ASP A 48 6.39 29.50 5.08
C ASP A 48 5.59 29.26 6.33
N VAL A 49 6.20 29.55 7.47
CA VAL A 49 5.43 29.39 8.68
C VAL A 49 5.16 30.79 9.28
N SER A 50 5.04 31.83 8.43
CA SER A 50 4.87 33.18 9.02
C SER A 50 3.49 33.42 9.69
N HIS A 51 2.53 32.52 9.48
CA HIS A 51 1.21 32.61 10.11
C HIS A 51 1.22 32.05 11.59
N MET A 52 2.33 31.48 12.05
CA MET A 52 2.50 31.25 13.48
C MET A 52 2.71 32.54 14.23
N THR A 53 2.29 32.57 15.48
CA THR A 53 2.48 33.81 16.24
C THR A 53 3.57 33.61 17.29
N ILE A 54 4.49 34.55 17.37
CA ILE A 54 5.63 34.49 18.26
C ILE A 54 5.23 35.44 19.42
N VAL A 55 5.33 34.97 20.67
CA VAL A 55 4.96 35.80 21.82
C VAL A 55 6.20 35.92 22.72
N ASP A 56 6.66 37.12 22.98
CA ASP A 56 7.72 37.32 23.94
C ASP A 56 7.15 37.69 25.32
N LEU A 57 7.74 37.13 26.37
CA LEU A 57 7.22 37.36 27.73
C LEU A 57 8.39 37.82 28.60
N ARG A 58 8.24 38.91 29.32
CA ARG A 58 9.35 39.44 30.09
C ARG A 58 8.85 39.90 31.43
N GLY A 59 9.73 39.83 32.42
CA GLY A 59 9.38 40.21 33.78
C GLY A 59 9.90 39.16 34.76
N SER A 60 10.09 39.57 36.04
CA SER A 60 10.71 38.69 37.00
C SER A 60 9.83 37.47 37.31
N ARG A 61 8.55 37.52 37.05
CA ARG A 61 7.75 36.34 37.39
C ARG A 61 7.40 35.51 36.14
N THR A 62 8.12 35.74 35.04
CA THR A 62 7.90 34.93 33.82
C THR A 62 8.05 33.45 34.02
N ARG A 63 9.16 33.01 34.63
CA ARG A 63 9.36 31.60 34.86
C ARG A 63 8.21 31.05 35.73
N GLU A 64 7.93 31.74 36.81
CA GLU A 64 6.90 31.30 37.73
C GLU A 64 5.57 31.17 37.03
N PHE A 65 5.26 32.15 36.16
CA PHE A 65 4.01 32.12 35.44
C PHE A 65 3.94 30.86 34.54
N LEU A 66 5.02 30.63 33.78
CA LEU A 66 5.05 29.54 32.83
C LEU A 66 5.01 28.18 33.54
N ARG A 67 5.64 28.11 34.71
CA ARG A 67 5.51 26.87 35.51
C ARG A 67 4.12 26.53 35.95
N TYR A 68 3.27 27.54 36.01
CA TYR A 68 1.86 27.34 36.34
C TYR A 68 1.03 27.18 35.06
N LEU A 69 1.39 27.86 33.97
CA LEU A 69 0.57 27.82 32.73
C LEU A 69 0.66 26.48 31.98
N LEU A 70 1.83 25.85 32.01
CA LEU A 70 2.15 24.81 31.07
C LEU A 70 2.29 23.49 31.77
N ALA A 71 2.07 22.40 31.05
CA ALA A 71 2.10 21.08 31.70
C ALA A 71 3.50 20.47 31.65
N ASN A 72 4.32 20.81 30.63
CA ASN A 72 5.77 20.57 30.81
C ASN A 72 6.32 21.63 31.80
N ASP A 73 7.54 21.44 32.27
CA ASP A 73 8.15 22.33 33.29
C ASP A 73 9.29 23.09 32.72
N VAL A 74 9.13 24.41 32.56
CA VAL A 74 10.22 25.27 32.03
C VAL A 74 11.40 25.37 32.99
N ALA A 75 11.22 24.91 34.23
CA ALA A 75 12.42 24.84 35.09
C ALA A 75 13.48 23.88 34.47
N LYS A 76 13.06 22.95 33.60
CA LYS A 76 14.04 22.12 32.91
C LYS A 76 14.92 22.88 31.91
N LEU A 77 14.60 24.13 31.59
CA LEU A 77 15.42 24.89 30.64
C LEU A 77 16.54 25.70 31.40
N THR A 78 17.75 25.15 31.45
CA THR A 78 18.79 25.71 32.33
C THR A 78 19.90 26.33 31.51
N LYS A 79 19.88 26.07 30.21
CA LYS A 79 20.85 26.66 29.30
C LYS A 79 20.18 27.69 28.37
N SER A 80 20.83 28.82 28.26
CA SER A 80 20.31 29.93 27.44
C SER A 80 19.91 29.44 26.04
N GLY A 81 18.68 29.73 25.63
CA GLY A 81 18.14 29.37 24.30
C GLY A 81 17.47 28.01 24.23
N LYS A 82 17.57 27.23 25.30
CA LYS A 82 16.90 25.92 25.31
C LYS A 82 15.39 26.03 25.14
N ALA A 83 14.83 25.10 24.32
CA ALA A 83 13.41 25.06 24.13
C ALA A 83 12.83 23.75 24.59
N LEU A 84 11.51 23.75 24.89
CA LEU A 84 10.76 22.49 24.98
C LEU A 84 9.38 22.59 24.35
N TYR A 85 8.74 21.44 24.15
CA TYR A 85 7.39 21.32 23.65
C TYR A 85 6.52 21.14 24.91
N SER A 86 5.34 21.78 24.95
CA SER A 86 4.50 21.52 26.07
C SER A 86 3.06 21.68 25.64
N GLY A 87 2.17 20.96 26.29
CA GLY A 87 0.75 21.26 26.15
C GLY A 87 0.43 22.44 27.07
N MET A 88 -0.66 23.11 26.75
CA MET A 88 -1.20 24.14 27.57
C MET A 88 -2.67 23.72 27.80
N LEU A 89 -3.02 23.39 29.05
CA LEU A 89 -4.29 22.69 29.27
C LEU A 89 -5.34 23.63 29.87
N ASN A 90 -6.62 23.29 29.70
CA ASN A 90 -7.66 23.94 30.53
C ASN A 90 -7.80 23.27 31.91
N ALA A 91 -8.74 23.78 32.73
CA ALA A 91 -8.94 23.27 34.07
C ALA A 91 -9.40 21.82 34.07
N SER A 92 -10.06 21.37 33.00
CA SER A 92 -10.46 19.99 32.92
C SER A 92 -9.40 19.08 32.39
N GLY A 93 -8.21 19.62 32.16
CA GLY A 93 -7.12 18.80 31.64
C GLY A 93 -7.19 18.52 30.14
N GLY A 94 -8.03 19.23 29.40
CA GLY A 94 -8.12 19.08 27.95
C GLY A 94 -7.02 19.98 27.34
N VAL A 95 -6.66 19.75 26.08
CA VAL A 95 -5.55 20.51 25.45
C VAL A 95 -6.11 21.78 24.78
N ILE A 96 -5.66 22.93 25.26
CA ILE A 96 -5.94 24.19 24.62
C ILE A 96 -4.98 24.38 23.43
N ASP A 97 -3.69 24.11 23.61
CA ASP A 97 -2.75 24.05 22.45
C ASP A 97 -1.52 23.21 22.78
N ASN A 98 -0.77 22.79 21.75
CA ASN A 98 0.60 22.30 21.97
C ASN A 98 1.54 23.39 21.47
N LEU A 99 2.56 23.78 22.24
CA LEU A 99 3.34 24.91 21.77
C LEU A 99 4.83 24.70 22.10
N ILE A 100 5.74 25.53 21.56
CA ILE A 100 7.13 25.40 21.98
C ILE A 100 7.45 26.62 22.80
N VAL A 101 8.38 26.52 23.74
CA VAL A 101 8.73 27.68 24.56
C VAL A 101 10.26 27.66 24.67
N TYR A 102 10.87 28.84 24.56
CA TYR A 102 12.30 29.06 24.66
C TYR A 102 12.57 29.82 25.94
N TYR A 103 13.63 29.45 26.63
CA TYR A 103 14.19 30.19 27.78
C TYR A 103 15.38 31.00 27.27
N PHE A 104 15.42 32.33 27.46
CA PHE A 104 16.59 33.15 27.13
C PHE A 104 17.31 33.60 28.40
N THR A 105 16.59 34.31 29.27
CA THR A 105 17.15 34.63 30.57
C THR A 105 16.11 34.39 31.60
N GLU A 106 16.52 34.55 32.85
CA GLU A 106 15.56 34.34 33.91
C GLU A 106 14.28 35.12 33.69
N ASP A 107 14.38 36.29 33.10
CA ASP A 107 13.21 37.11 32.99
C ASP A 107 12.72 37.30 31.54
N PHE A 108 13.11 36.43 30.60
CA PHE A 108 12.72 36.54 29.17
C PHE A 108 12.57 35.12 28.55
N PHE A 109 11.33 34.78 28.19
CA PHE A 109 10.95 33.51 27.52
C PHE A 109 10.19 33.84 26.25
N ARG A 110 10.05 32.86 25.35
CA ARG A 110 9.31 33.13 24.11
C ARG A 110 8.41 31.90 23.86
N LEU A 111 7.19 32.12 23.40
CA LEU A 111 6.29 31.03 23.00
C LEU A 111 6.07 31.16 21.48
N VAL A 112 5.88 30.04 20.82
CA VAL A 112 5.46 30.08 19.43
C VAL A 112 4.14 29.32 19.36
N VAL A 113 3.09 29.96 18.83
CA VAL A 113 1.81 29.25 18.78
C VAL A 113 1.28 29.21 17.35
N ASN A 114 0.41 28.24 17.11
CA ASN A 114 -0.07 27.92 15.76
C ASN A 114 -1.04 28.98 15.31
N SER A 115 -1.25 28.97 14.01
CA SER A 115 -2.12 29.88 13.37
C SER A 115 -3.56 29.68 13.82
N ALA A 116 -3.99 28.44 13.79
CA ALA A 116 -5.38 28.19 13.99
C ALA A 116 -5.84 28.52 15.43
N THR A 117 -4.92 28.50 16.40
CA THR A 117 -5.29 28.66 17.83
C THR A 117 -4.85 30.06 18.29
N ARG A 118 -4.44 30.94 17.35
CA ARG A 118 -3.85 32.20 17.75
C ARG A 118 -4.73 32.94 18.78
N GLU A 119 -6.01 33.17 18.45
CA GLU A 119 -6.76 34.18 19.25
C GLU A 119 -7.15 33.56 20.58
N LYS A 120 -7.58 32.29 20.53
CA LYS A 120 -7.86 31.57 21.79
C LYS A 120 -6.61 31.55 22.71
N ASP A 121 -5.40 31.28 22.18
CA ASP A 121 -4.22 31.18 23.00
C ASP A 121 -3.82 32.51 23.56
N LEU A 122 -3.82 33.54 22.74
CA LEU A 122 -3.52 34.89 23.22
C LEU A 122 -4.47 35.30 24.35
N SER A 123 -5.79 35.08 24.18
CA SER A 123 -6.70 35.45 25.33
C SER A 123 -6.34 34.63 26.60
N TRP A 124 -6.06 33.34 26.39
CA TRP A 124 -5.83 32.49 27.59
C TRP A 124 -4.55 32.98 28.28
N ILE A 125 -3.54 33.28 27.47
CA ILE A 125 -2.27 33.75 28.00
C ILE A 125 -2.38 35.11 28.70
N THR A 126 -2.97 36.09 28.02
CA THR A 126 -3.07 37.40 28.65
C THR A 126 -4.00 37.34 29.89
N GLN A 127 -5.05 36.52 29.87
CA GLN A 127 -5.94 36.34 31.07
C GLN A 127 -5.09 35.84 32.24
N HIS A 128 -4.34 34.75 32.00
CA HIS A 128 -3.61 34.14 33.07
C HIS A 128 -2.32 34.86 33.50
N ALA A 129 -1.68 35.58 32.57
CA ALA A 129 -0.42 36.28 32.90
C ALA A 129 -0.60 37.53 33.81
N GLU A 130 -1.76 38.14 33.70
CA GLU A 130 -1.98 39.42 34.33
C GLU A 130 -1.53 39.55 35.79
N PRO A 131 -1.97 38.64 36.68
CA PRO A 131 -1.57 38.76 38.11
C PRO A 131 -0.12 38.54 38.32
N PHE A 132 0.60 37.99 37.33
CA PHE A 132 2.04 37.84 37.41
C PHE A 132 2.78 39.12 36.90
N GLY A 133 2.08 40.09 36.39
CA GLY A 133 2.76 41.35 36.00
C GLY A 133 3.64 41.18 34.79
N ILE A 134 3.28 40.26 33.87
CA ILE A 134 4.20 39.98 32.71
C ILE A 134 4.06 40.99 31.56
N GLU A 135 5.17 41.44 30.98
CA GLU A 135 5.05 42.25 29.76
C GLU A 135 4.93 41.31 28.56
N ILE A 136 3.81 41.33 27.82
CA ILE A 136 3.57 40.29 26.81
C ILE A 136 3.63 40.97 25.46
N THR A 137 4.50 40.51 24.57
CA THR A 137 4.61 41.18 23.25
C THR A 137 4.22 40.21 22.17
N VAL A 138 3.21 40.57 21.35
CA VAL A 138 2.84 39.74 20.21
C VAL A 138 3.71 40.23 19.05
N ARG A 139 4.59 39.38 18.54
CA ARG A 139 5.56 39.75 17.47
C ARG A 139 5.01 39.55 16.07
N ASP A 140 3.92 40.24 15.74
CA ASP A 140 3.45 40.16 14.33
C ASP A 140 4.39 40.89 13.36
N ASP A 141 5.41 41.54 13.89
CA ASP A 141 6.40 42.25 13.06
C ASP A 141 7.35 41.19 12.47
N LEU A 142 7.28 39.94 12.91
CA LEU A 142 8.21 38.87 12.45
C LEU A 142 7.53 37.86 11.51
N SER A 143 8.27 37.36 10.48
CA SER A 143 7.89 36.25 9.64
C SER A 143 8.77 35.07 10.03
N MET A 144 8.49 33.90 9.46
CA MET A 144 9.30 32.77 9.85
C MET A 144 9.28 31.70 8.78
N ILE A 145 10.44 31.07 8.60
CA ILE A 145 10.59 30.10 7.55
C ILE A 145 11.16 28.88 8.12
N ALA A 146 10.56 27.74 7.85
CA ALA A 146 11.17 26.52 8.35
C ALA A 146 11.97 25.86 7.20
N VAL A 147 13.24 25.54 7.46
CA VAL A 147 14.11 24.89 6.47
C VAL A 147 14.47 23.55 7.01
N GLN A 148 14.13 22.48 6.31
CA GLN A 148 14.17 21.14 6.93
C GLN A 148 14.79 20.11 5.98
N GLY A 149 15.55 19.17 6.55
CA GLY A 149 16.14 18.08 5.75
C GLY A 149 17.62 17.93 6.05
N PRO A 150 18.23 16.83 5.58
CA PRO A 150 19.60 16.53 5.96
C PRO A 150 20.66 17.56 5.49
N ASN A 151 20.33 18.35 4.46
CA ASN A 151 21.20 19.42 3.94
C ASN A 151 20.66 20.81 4.27
N ALA A 152 19.63 20.86 5.12
CA ALA A 152 18.97 22.17 5.36
C ALA A 152 19.84 23.18 6.14
N GLN A 153 20.47 22.72 7.21
CA GLN A 153 21.27 23.58 8.01
C GLN A 153 22.47 24.09 7.18
N ALA A 154 23.10 23.19 6.39
CA ALA A 154 24.27 23.66 5.61
C ALA A 154 23.83 24.67 4.56
N LYS A 155 22.73 24.40 3.84
CA LYS A 155 22.21 25.35 2.83
C LYS A 155 21.81 26.67 3.38
N ALA A 156 21.05 26.67 4.51
CA ALA A 156 20.69 27.92 5.15
C ALA A 156 21.90 28.68 5.66
N ALA A 157 22.87 27.96 6.21
CA ALA A 157 24.03 28.63 6.76
C ALA A 157 24.91 29.32 5.70
N THR A 158 24.67 29.00 4.43
CA THR A 158 25.27 29.82 3.34
C THR A 158 24.81 31.25 3.37
N LEU A 159 23.62 31.54 3.95
CA LEU A 159 23.12 32.91 4.05
C LEU A 159 23.51 33.68 5.28
N PHE A 160 24.06 32.98 6.25
CA PHE A 160 24.44 33.58 7.51
C PHE A 160 25.76 34.36 7.36
N ASN A 161 25.85 35.46 8.08
CA ASN A 161 27.16 36.08 8.24
C ASN A 161 28.05 35.31 9.21
N ASP A 162 29.28 35.79 9.43
CA ASP A 162 30.19 35.04 10.30
C ASP A 162 29.72 34.98 11.74
N ALA A 163 29.20 36.06 12.26
CA ALA A 163 28.71 36.05 13.66
C ALA A 163 27.51 35.09 13.79
N GLN A 164 26.67 35.03 12.75
CA GLN A 164 25.50 34.14 12.79
C GLN A 164 25.95 32.68 12.74
N ARG A 165 26.93 32.35 11.86
CA ARG A 165 27.43 30.98 11.85
C ARG A 165 28.08 30.63 13.18
N GLN A 166 28.81 31.59 13.77
CA GLN A 166 29.48 31.35 15.08
C GLN A 166 28.44 31.01 16.16
N ALA A 167 27.34 31.79 16.15
CA ALA A 167 26.27 31.64 17.14
C ALA A 167 25.61 30.28 17.11
N VAL A 168 25.44 29.68 15.92
CA VAL A 168 24.80 28.36 15.77
C VAL A 168 25.73 27.19 15.57
N GLU A 169 27.03 27.40 15.73
CA GLU A 169 27.97 26.32 15.44
C GLU A 169 27.71 25.10 16.28
N GLY A 170 27.45 23.96 15.68
CA GLY A 170 27.22 22.74 16.46
C GLY A 170 25.99 22.81 17.37
N MET A 171 25.09 23.75 17.14
CA MET A 171 23.92 23.88 18.03
C MET A 171 23.11 22.59 18.05
N LYS A 172 22.73 22.16 19.25
CA LYS A 172 21.93 20.94 19.38
C LYS A 172 20.44 21.23 19.11
N PRO A 173 19.64 20.14 18.89
CA PRO A 173 18.18 20.26 18.72
C PRO A 173 17.53 21.01 19.86
N PHE A 174 16.46 21.73 19.53
CA PHE A 174 15.66 22.46 20.48
C PHE A 174 16.40 23.52 21.23
N PHE A 175 17.15 24.34 20.46
CA PHE A 175 17.72 25.59 20.94
C PHE A 175 17.35 26.69 19.95
N GLY A 176 17.20 27.91 20.43
CA GLY A 176 17.08 29.08 19.51
C GLY A 176 17.93 30.25 19.96
N VAL A 177 18.47 31.00 19.01
CA VAL A 177 19.37 32.06 19.36
C VAL A 177 19.14 33.23 18.42
N GLN A 178 19.13 34.42 18.97
CA GLN A 178 19.02 35.62 18.21
C GLN A 178 20.41 36.03 17.77
N ALA A 179 20.57 36.29 16.50
CA ALA A 179 21.92 36.63 15.96
C ALA A 179 21.69 37.67 14.86
N GLY A 180 21.83 38.92 15.22
CA GLY A 180 21.38 40.05 14.42
C GLY A 180 19.87 40.01 14.26
N ASP A 181 19.41 40.28 13.05
CA ASP A 181 17.99 40.26 12.82
C ASP A 181 17.42 38.84 12.56
N LEU A 182 18.18 37.79 12.79
CA LEU A 182 17.70 36.41 12.58
C LEU A 182 17.60 35.75 13.91
N PHE A 183 16.43 35.15 14.15
CA PHE A 183 16.32 34.23 15.25
C PHE A 183 16.43 32.84 14.68
N ILE A 184 17.46 32.06 15.06
CA ILE A 184 17.69 30.78 14.42
C ILE A 184 17.49 29.63 15.43
N ALA A 185 16.62 28.69 15.11
CA ALA A 185 16.25 27.65 16.10
C ALA A 185 16.35 26.29 15.47
N THR A 186 16.84 25.30 16.23
CA THR A 186 16.90 23.97 15.69
C THR A 186 15.63 23.20 16.02
N THR A 187 14.54 23.61 15.39
CA THR A 187 13.22 22.99 15.64
C THR A 187 12.63 22.65 14.29
N GLY A 188 11.47 21.99 14.29
CA GLY A 188 10.82 21.64 13.05
C GLY A 188 9.70 20.68 13.26
N TYR A 189 9.00 20.35 12.18
CA TYR A 189 7.77 19.63 12.22
C TYR A 189 7.90 18.50 11.21
N THR A 190 9.13 18.01 10.98
CA THR A 190 9.29 17.00 9.90
C THR A 190 9.92 15.65 10.26
N GLY A 191 10.58 15.60 11.41
CA GLY A 191 11.42 14.44 11.65
C GLY A 191 12.86 14.64 11.22
N GLU A 192 13.18 15.74 10.54
CA GLU A 192 14.52 15.97 10.02
C GLU A 192 15.21 17.10 10.80
N ALA A 193 16.52 17.21 10.60
CA ALA A 193 17.32 18.35 11.05
C ALA A 193 16.88 19.59 10.26
N GLY A 194 17.21 20.78 10.78
CA GLY A 194 16.98 22.01 10.03
C GLY A 194 16.88 23.18 11.01
N TYR A 195 16.33 24.29 10.52
CA TYR A 195 16.16 25.48 11.36
C TYR A 195 14.75 25.99 11.16
N GLU A 196 14.25 26.76 12.11
CA GLU A 196 13.15 27.69 11.82
C GLU A 196 13.77 29.02 12.04
N ILE A 197 13.58 29.92 11.11
CA ILE A 197 14.31 31.20 11.17
C ILE A 197 13.27 32.26 11.19
N ALA A 198 13.23 33.07 12.25
CA ALA A 198 12.27 34.16 12.24
C ALA A 198 13.05 35.46 11.99
N LEU A 199 12.44 36.38 11.27
CA LEU A 199 13.12 37.59 10.85
C LEU A 199 12.08 38.65 10.52
N PRO A 200 12.49 39.93 10.42
CA PRO A 200 11.50 40.96 10.21
C PRO A 200 10.70 40.75 8.91
N ASN A 201 9.43 41.17 8.90
CA ASN A 201 8.54 40.93 7.79
C ASN A 201 9.13 41.44 6.51
N GLU A 202 9.80 42.59 6.59
CA GLU A 202 10.28 43.31 5.38
C GLU A 202 11.53 42.63 4.86
N LYS A 203 12.08 41.65 5.58
CA LYS A 203 13.30 40.99 5.14
C LYS A 203 12.95 39.60 4.58
N ALA A 204 11.72 39.18 4.74
CA ALA A 204 11.42 37.70 4.57
C ALA A 204 11.41 37.27 3.08
N ALA A 205 10.85 38.10 2.20
CA ALA A 205 10.81 37.82 0.75
C ALA A 205 12.24 37.61 0.20
N ASP A 206 13.18 38.46 0.59
CA ASP A 206 14.51 38.36 0.01
C ASP A 206 15.24 37.18 0.60
N PHE A 207 14.95 36.88 1.87
CA PHE A 207 15.55 35.68 2.49
C PHE A 207 14.99 34.40 1.81
N TRP A 208 13.70 34.34 1.58
CA TRP A 208 13.14 33.18 0.84
C TRP A 208 13.81 32.99 -0.54
N ARG A 209 13.91 34.10 -1.29
CA ARG A 209 14.63 34.13 -2.57
CA ARG A 209 14.60 34.10 -2.58
C ARG A 209 16.05 33.56 -2.46
N ALA A 210 16.82 34.03 -1.48
CA ALA A 210 18.18 33.52 -1.27
C ALA A 210 18.16 32.04 -0.94
N LEU A 211 17.18 31.60 -0.11
CA LEU A 211 17.15 30.15 0.21
C LEU A 211 16.86 29.31 -1.07
N VAL A 212 15.90 29.73 -1.89
CA VAL A 212 15.63 29.03 -3.20
C VAL A 212 16.91 28.87 -3.98
N GLU A 213 17.63 29.98 -4.05
CA GLU A 213 18.86 30.05 -4.83
C GLU A 213 19.96 29.22 -4.20
N ALA A 214 19.89 29.00 -2.88
CA ALA A 214 20.77 28.05 -2.18
C ALA A 214 20.40 26.58 -2.34
N GLY A 215 19.37 26.33 -3.14
CA GLY A 215 19.05 24.94 -3.52
C GLY A 215 18.05 24.35 -2.50
N VAL A 216 17.39 25.20 -1.71
CA VAL A 216 16.32 24.71 -0.81
C VAL A 216 14.97 24.68 -1.55
N LYS A 217 14.31 23.52 -1.60
CA LYS A 217 13.07 23.48 -2.39
C LYS A 217 11.85 24.06 -1.63
N PRO A 218 11.08 24.96 -2.28
CA PRO A 218 9.76 25.39 -1.73
C PRO A 218 8.77 24.22 -1.56
N CYS A 219 8.22 24.09 -0.33
CA CYS A 219 7.37 22.93 0.00
C CYS A 219 6.11 23.46 0.61
N GLY A 220 4.97 22.91 0.27
CA GLY A 220 3.73 23.47 0.73
C GLY A 220 3.05 22.66 1.85
N LEU A 221 1.75 22.93 2.04
CA LEU A 221 1.02 22.32 3.17
C LEU A 221 0.85 20.81 2.97
N GLY A 222 0.77 20.39 1.73
CA GLY A 222 0.56 18.97 1.43
C GLY A 222 1.73 18.16 2.00
N ALA A 223 2.96 18.59 1.66
CA ALA A 223 4.13 17.88 2.19
C ALA A 223 4.23 18.15 3.68
N ARG A 224 3.83 19.33 4.17
CA ARG A 224 3.98 19.55 5.60
C ARG A 224 3.16 18.49 6.37
N ASP A 225 2.01 18.11 5.81
CA ASP A 225 1.17 17.10 6.49
C ASP A 225 1.80 15.73 6.43
N THR A 226 2.33 15.36 5.24
CA THR A 226 2.87 13.99 5.13
C THR A 226 4.12 13.78 5.95
N LEU A 227 5.00 14.79 5.97
CA LEU A 227 6.18 14.74 6.75
C LEU A 227 5.86 14.70 8.26
N ARG A 228 4.96 15.57 8.72
CA ARG A 228 4.75 15.65 10.22
C ARG A 228 4.07 14.36 10.70
N LEU A 229 3.21 13.82 9.85
CA LEU A 229 2.39 12.66 10.24
C LEU A 229 3.31 11.43 10.32
N GLU A 230 4.17 11.26 9.30
CA GLU A 230 5.19 10.21 9.36
C GLU A 230 6.04 10.33 10.59
N ALA A 231 6.32 11.56 10.98
CA ALA A 231 7.21 11.81 12.10
C ALA A 231 6.42 11.66 13.46
N GLY A 232 5.16 11.36 13.37
CA GLY A 232 4.35 11.08 14.56
C GLY A 232 4.04 12.38 15.33
N MET A 233 3.99 13.51 14.63
CA MET A 233 3.76 14.77 15.31
C MET A 233 2.29 15.18 15.21
N ASN A 234 1.75 15.71 16.32
CA ASN A 234 0.34 16.02 16.42
C ASN A 234 -0.05 17.27 15.68
N LEU A 235 -1.27 17.27 15.15
CA LEU A 235 -1.90 18.48 14.63
C LEU A 235 -3.05 18.86 15.53
N TYR A 236 -3.00 20.07 16.13
CA TYR A 236 -4.09 20.50 16.96
C TYR A 236 -5.41 20.53 16.21
N GLY A 237 -6.47 20.06 16.85
CA GLY A 237 -7.78 19.98 16.19
C GLY A 237 -8.04 18.53 15.73
N GLN A 238 -6.96 17.77 15.55
CA GLN A 238 -7.08 16.40 15.01
C GLN A 238 -6.64 15.36 16.05
N GLU A 239 -5.35 15.34 16.42
CA GLU A 239 -4.87 14.47 17.48
C GLU A 239 -5.36 14.85 18.92
N MET A 240 -5.75 16.12 19.09
CA MET A 240 -6.24 16.63 20.38
C MET A 240 -7.05 17.90 20.19
N ASP A 241 -7.87 18.23 21.17
CA ASP A 241 -8.48 19.54 21.29
C ASP A 241 -8.95 19.69 22.72
N GLU A 242 -9.76 20.68 23.02
CA GLU A 242 -10.08 20.95 24.47
C GLU A 242 -10.83 19.80 25.11
N THR A 243 -11.41 18.90 24.30
CA THR A 243 -12.11 17.77 24.88
C THR A 243 -11.25 16.56 25.13
N ILE A 244 -9.98 16.63 24.70
CA ILE A 244 -9.11 15.46 24.72
C ILE A 244 -7.99 15.63 25.71
N SER A 245 -7.76 14.64 26.57
CA SER A 245 -6.63 14.70 27.51
C SER A 245 -5.32 14.54 26.75
N PRO A 246 -4.24 15.22 27.16
CA PRO A 246 -2.96 14.97 26.52
C PRO A 246 -2.51 13.51 26.67
N LEU A 247 -3.00 12.81 27.71
CA LEU A 247 -2.58 11.44 27.90
C LEU A 247 -3.17 10.55 26.80
N ALA A 248 -4.24 11.01 26.15
CA ALA A 248 -4.89 10.25 25.07
C ALA A 248 -4.46 10.72 23.64
N ALA A 249 -3.47 11.62 23.59
CA ALA A 249 -2.92 12.18 22.36
C ALA A 249 -1.43 12.05 22.30
N ASN A 250 -0.86 11.02 22.96
CA ASN A 250 0.60 10.78 22.97
C ASN A 250 1.38 12.04 23.39
N MET A 251 0.84 12.78 24.37
CA MET A 251 1.52 13.90 25.00
C MET A 251 1.96 13.62 26.42
N GLY A 252 1.73 12.38 26.89
CA GLY A 252 2.22 11.95 28.21
C GLY A 252 3.65 12.24 28.48
N TRP A 253 4.50 12.13 27.46
CA TRP A 253 5.94 12.31 27.61
C TRP A 253 6.35 13.77 27.88
N THR A 254 5.47 14.71 27.58
CA THR A 254 5.74 16.12 27.79
C THR A 254 5.10 16.62 29.11
N ILE A 255 4.42 15.76 29.86
CA ILE A 255 3.92 16.18 31.18
C ILE A 255 5.07 16.02 32.19
N ALA A 256 5.49 17.09 32.86
CA ALA A 256 6.56 16.96 33.83
C ALA A 256 5.90 16.79 35.22
N TRP A 257 5.61 15.54 35.57
CA TRP A 257 4.98 15.24 36.87
C TRP A 257 5.86 15.64 38.08
N GLU A 258 7.16 15.43 37.97
CA GLU A 258 8.09 15.84 38.99
C GLU A 258 8.68 17.20 38.68
N PRO A 259 8.83 18.09 39.68
CA PRO A 259 8.47 17.97 41.10
C PRO A 259 7.00 17.98 41.34
N ALA A 260 6.60 17.14 42.31
CA ALA A 260 5.20 17.02 42.63
C ALA A 260 4.62 18.34 43.11
N ASP A 261 5.41 19.24 43.69
CA ASP A 261 4.78 20.45 44.29
C ASP A 261 4.51 21.58 43.28
N ARG A 262 4.72 21.31 41.99
CA ARG A 262 4.39 22.34 40.95
C ARG A 262 2.99 22.10 40.49
N ASP A 263 2.05 22.93 40.93
CA ASP A 263 0.72 22.87 40.38
C ASP A 263 0.72 23.57 39.01
N PHE A 264 -0.08 23.12 38.03
CA PHE A 264 -0.19 23.83 36.74
C PHE A 264 -1.64 23.62 36.40
N ILE A 265 -2.15 24.45 35.49
CA ILE A 265 -3.57 24.44 35.14
C ILE A 265 -3.82 23.09 34.45
N GLY A 266 -4.83 22.40 34.98
CA GLY A 266 -5.22 21.07 34.55
C GLY A 266 -4.58 19.94 35.26
N ARG A 267 -3.56 20.17 36.11
CA ARG A 267 -2.77 19.08 36.66
C ARG A 267 -3.68 18.26 37.58
N GLU A 268 -4.52 18.93 38.35
CA GLU A 268 -5.43 18.17 39.21
C GLU A 268 -6.34 17.19 38.44
N ALA A 269 -7.01 17.69 37.41
CA ALA A 269 -7.84 16.90 36.54
C ALA A 269 -7.06 15.79 35.85
N LEU A 270 -5.83 16.07 35.39
CA LEU A 270 -4.99 15.10 34.74
C LEU A 270 -4.58 13.94 35.71
N GLU A 271 -4.34 14.27 36.98
CA GLU A 271 -3.94 13.27 37.93
C GLU A 271 -5.14 12.29 38.09
N VAL A 272 -6.32 12.85 38.08
CA VAL A 272 -7.57 12.09 38.24
C VAL A 272 -7.76 11.23 36.97
N GLN A 273 -7.52 11.81 35.78
CA GLN A 273 -7.58 11.07 34.50
C GLN A 273 -6.63 9.93 34.46
N ARG A 274 -5.39 10.16 34.89
CA ARG A 274 -4.35 9.15 34.81
C ARG A 274 -4.69 7.99 35.76
N GLU A 275 -5.47 8.28 36.82
CA GLU A 275 -5.87 7.26 37.80
C GLU A 275 -7.04 6.44 37.28
N HIS A 276 -7.94 7.08 36.54
CA HIS A 276 -9.04 6.38 35.88
C HIS A 276 -8.53 5.66 34.62
N GLY A 277 -7.31 5.96 34.15
CA GLY A 277 -6.82 5.48 32.83
C GLY A 277 -7.51 6.21 31.70
N THR A 278 -6.92 6.24 30.50
CA THR A 278 -7.52 6.90 29.32
C THR A 278 -7.28 6.04 28.04
N GLU A 279 -8.00 6.39 26.96
CA GLU A 279 -7.67 5.96 25.60
C GLU A 279 -6.27 6.41 25.23
N LYS A 280 -5.79 5.95 24.08
CA LYS A 280 -4.44 6.19 23.70
C LYS A 280 -4.31 6.40 22.18
N LEU A 281 -3.28 7.13 21.78
CA LEU A 281 -3.10 7.50 20.38
C LEU A 281 -2.14 6.48 19.89
N VAL A 282 -2.51 5.79 18.81
CA VAL A 282 -1.65 4.79 18.27
C VAL A 282 -1.39 5.13 16.77
N GLY A 283 -0.47 4.39 16.16
CA GLY A 283 -0.22 4.50 14.69
C GLY A 283 -0.99 3.37 14.03
N LEU A 284 -1.50 3.61 12.80
CA LEU A 284 -2.01 2.50 11.96
C LEU A 284 -1.27 2.50 10.61
N VAL A 285 -0.98 1.30 10.09
CA VAL A 285 -0.32 1.18 8.77
C VAL A 285 -1.21 0.27 7.97
N MET A 286 -1.70 0.77 6.83
CA MET A 286 -2.44 -0.09 5.88
C MET A 286 -1.54 -0.43 4.72
N THR A 287 -1.09 -1.67 4.63
CA THR A 287 -0.23 -2.07 3.55
C THR A 287 -1.02 -2.45 2.30
N GLU A 288 -2.28 -2.76 2.44
CA GLU A 288 -3.14 -2.97 1.27
CA GLU A 288 -3.10 -2.98 1.26
C GLU A 288 -3.43 -1.64 0.57
N LYS A 289 -3.77 -1.70 -0.72
CA LYS A 289 -3.97 -0.56 -1.57
C LYS A 289 -5.05 0.39 -1.03
N GLY A 290 -4.81 1.69 -1.03
CA GLY A 290 -5.83 2.54 -0.49
C GLY A 290 -5.28 3.61 0.44
N VAL A 291 -6.14 4.55 0.86
CA VAL A 291 -5.65 5.62 1.74
C VAL A 291 -6.59 5.80 2.92
N LEU A 292 -6.01 5.70 4.11
CA LEU A 292 -6.74 6.00 5.35
C LEU A 292 -7.07 7.50 5.41
N ARG A 293 -8.30 7.84 5.82
CA ARG A 293 -8.80 9.23 5.89
C ARG A 293 -9.25 9.60 7.31
N ASN A 294 -9.24 10.92 7.57
CA ASN A 294 -9.65 11.45 8.88
C ASN A 294 -11.04 10.94 9.30
N GLU A 295 -11.21 10.69 10.58
CA GLU A 295 -12.50 10.42 11.25
C GLU A 295 -13.14 9.07 10.91
N LEU A 296 -12.41 8.19 10.23
CA LEU A 296 -12.89 6.83 10.00
C LEU A 296 -12.88 6.02 11.28
N PRO A 297 -13.91 5.16 11.48
CA PRO A 297 -13.89 4.25 12.65
C PRO A 297 -12.79 3.22 12.56
N VAL A 298 -12.23 2.87 13.70
CA VAL A 298 -11.16 1.91 13.84
C VAL A 298 -11.70 0.83 14.81
N ARG A 299 -11.84 -0.41 14.35
CA ARG A 299 -12.53 -1.39 15.19
C ARG A 299 -11.62 -2.55 15.44
N PHE A 300 -11.73 -3.14 16.63
CA PHE A 300 -11.04 -4.38 16.92
C PHE A 300 -11.91 -5.23 17.85
N THR A 301 -11.66 -6.54 17.83
CA THR A 301 -12.45 -7.51 18.63
C THR A 301 -11.50 -8.07 19.66
N ASP A 302 -11.83 -7.93 20.94
CA ASP A 302 -10.88 -8.29 21.99
C ASP A 302 -10.73 -9.78 22.21
N ALA A 303 -9.87 -10.12 23.19
CA ALA A 303 -9.62 -11.51 23.60
C ALA A 303 -10.89 -12.37 23.77
N GLN A 304 -12.05 -11.71 24.00
CA GLN A 304 -13.25 -12.36 24.50
C GLN A 304 -14.40 -12.42 23.49
N GLY A 305 -14.20 -11.84 22.31
CA GLY A 305 -15.23 -11.78 21.28
C GLY A 305 -15.92 -10.41 21.27
N ASN A 306 -15.47 -9.52 22.16
CA ASN A 306 -16.12 -8.18 22.36
C ASN A 306 -15.49 -7.12 21.38
N GLN A 307 -16.33 -6.38 20.67
CA GLN A 307 -15.91 -5.35 19.73
C GLN A 307 -15.64 -3.99 20.44
N HIS A 308 -14.59 -3.27 20.05
CA HIS A 308 -14.34 -1.91 20.52
C HIS A 308 -14.02 -1.00 19.33
N GLU A 309 -14.27 0.29 19.49
CA GLU A 309 -14.17 1.24 18.39
C GLU A 309 -13.36 2.49 18.83
N GLY A 310 -12.43 2.90 17.97
CA GLY A 310 -11.71 4.18 18.13
C GLY A 310 -11.93 4.95 16.84
N ILE A 311 -11.05 5.94 16.62
CA ILE A 311 -11.26 6.78 15.48
C ILE A 311 -9.95 7.29 14.90
N ILE A 312 -9.87 7.44 13.56
CA ILE A 312 -8.69 8.04 12.99
C ILE A 312 -8.66 9.53 13.27
N THR A 313 -7.57 9.98 13.82
CA THR A 313 -7.46 11.43 14.00
C THR A 313 -6.81 12.10 12.76
N SER A 314 -5.78 11.46 12.19
CA SER A 314 -5.19 11.95 10.92
C SER A 314 -4.83 10.73 10.10
N GLY A 315 -5.25 10.72 8.83
CA GLY A 315 -4.71 9.76 7.83
C GLY A 315 -4.09 10.40 6.58
N THR A 316 -3.17 9.67 5.95
CA THR A 316 -2.54 10.17 4.74
C THR A 316 -1.87 9.01 4.05
N PHE A 317 -1.25 9.32 2.93
CA PHE A 317 -0.38 8.37 2.22
C PHE A 317 1.04 8.73 2.56
N SER A 318 1.81 7.76 3.06
CA SER A 318 3.18 8.04 3.41
C SER A 318 4.13 7.81 2.19
N PRO A 319 4.73 8.87 1.62
CA PRO A 319 5.68 8.57 0.52
C PRO A 319 6.93 7.86 0.95
N THR A 320 7.36 8.04 2.21
CA THR A 320 8.58 7.38 2.67
C THR A 320 8.30 5.86 2.85
N LEU A 321 7.18 5.51 3.47
CA LEU A 321 6.75 4.09 3.60
C LEU A 321 6.21 3.47 2.32
N GLY A 322 5.52 4.26 1.50
CA GLY A 322 4.87 3.70 0.30
C GLY A 322 3.56 3.00 0.66
N TYR A 323 3.01 3.34 1.84
CA TYR A 323 1.76 2.76 2.35
C TYR A 323 0.98 3.92 3.00
N SER A 324 -0.32 3.78 3.16
CA SER A 324 -1.06 4.74 3.97
C SER A 324 -0.77 4.52 5.47
N ILE A 325 -0.78 5.63 6.22
CA ILE A 325 -0.58 5.61 7.67
C ILE A 325 -1.62 6.47 8.30
N ALA A 326 -1.81 6.27 9.60
CA ALA A 326 -2.73 7.14 10.31
C ALA A 326 -2.42 7.19 11.77
N LEU A 327 -2.84 8.27 12.43
CA LEU A 327 -2.78 8.27 13.85
C LEU A 327 -4.23 8.06 14.25
N ALA A 328 -4.48 7.39 15.40
CA ALA A 328 -5.87 7.07 15.75
C ALA A 328 -5.97 7.01 17.27
N ARG A 329 -7.11 7.48 17.81
CA ARG A 329 -7.26 7.45 19.25
C ARG A 329 -8.14 6.23 19.52
N VAL A 330 -7.69 5.34 20.42
CA VAL A 330 -8.31 4.03 20.60
C VAL A 330 -8.40 3.60 22.06
N PRO A 331 -9.42 2.77 22.39
CA PRO A 331 -9.45 2.12 23.72
C PRO A 331 -8.13 1.42 24.05
N GLU A 332 -7.70 1.52 25.29
CA GLU A 332 -6.74 0.60 25.84
C GLU A 332 -7.18 -0.86 25.59
N GLY A 333 -6.27 -1.77 25.36
CA GLY A 333 -6.68 -3.12 25.07
C GLY A 333 -6.55 -3.52 23.60
N ILE A 334 -6.29 -2.54 22.72
CA ILE A 334 -6.14 -2.91 21.30
C ILE A 334 -4.94 -3.85 21.12
N GLY A 335 -5.00 -4.80 20.19
CA GLY A 335 -3.80 -5.64 19.97
C GLY A 335 -3.00 -5.15 18.77
N GLU A 336 -2.51 -6.09 17.95
CA GLU A 336 -1.60 -5.76 16.87
C GLU A 336 -2.23 -5.36 15.54
N THR A 337 -3.55 -5.58 15.40
CA THR A 337 -4.25 -5.32 14.19
C THR A 337 -5.65 -4.79 14.46
N ALA A 338 -6.22 -4.11 13.47
CA ALA A 338 -7.55 -3.54 13.58
C ALA A 338 -8.15 -3.56 12.23
N ILE A 339 -9.35 -3.02 12.15
CA ILE A 339 -10.01 -2.87 10.91
C ILE A 339 -10.53 -1.48 10.77
N VAL A 340 -10.44 -0.92 9.56
CA VAL A 340 -10.93 0.44 9.35
C VAL A 340 -11.87 0.35 8.18
N GLN A 341 -13.02 0.97 8.36
CA GLN A 341 -14.03 0.99 7.34
C GLN A 341 -13.80 2.15 6.37
N ILE A 342 -13.42 1.79 5.14
CA ILE A 342 -13.18 2.73 4.03
C ILE A 342 -14.21 2.51 2.93
N ARG A 343 -15.24 3.38 2.88
CA ARG A 343 -16.31 3.28 1.88
C ARG A 343 -16.86 1.84 1.75
N ASN A 344 -17.63 1.40 2.73
CA ASN A 344 -18.36 0.11 2.64
C ASN A 344 -17.52 -1.19 2.76
N ARG A 345 -16.22 -1.09 3.04
CA ARG A 345 -15.33 -2.27 3.02
C ARG A 345 -14.41 -2.25 4.23
N GLU A 346 -14.13 -3.40 4.81
CA GLU A 346 -13.41 -3.44 6.08
C GLU A 346 -11.94 -3.78 5.83
N MET A 347 -11.09 -2.76 5.90
CA MET A 347 -9.71 -2.93 5.54
C MET A 347 -8.93 -3.30 6.80
N PRO A 348 -8.14 -4.37 6.77
CA PRO A 348 -7.25 -4.60 7.93
C PRO A 348 -6.10 -3.60 7.96
N VAL A 349 -5.64 -3.30 9.17
CA VAL A 349 -4.47 -2.42 9.38
C VAL A 349 -3.62 -3.01 10.47
N LYS A 350 -2.33 -2.68 10.44
CA LYS A 350 -1.43 -3.01 11.52
C LYS A 350 -1.48 -1.83 12.51
N VAL A 351 -1.43 -2.16 13.81
CA VAL A 351 -1.42 -1.13 14.88
C VAL A 351 0.02 -1.01 15.33
N THR A 352 0.55 0.20 15.38
CA THR A 352 1.97 0.39 15.72
C THR A 352 2.04 1.56 16.71
N LYS A 353 3.24 1.87 17.13
CA LYS A 353 3.48 3.07 17.91
C LYS A 353 3.15 4.25 17.03
N PRO A 354 2.84 5.39 17.65
CA PRO A 354 2.37 6.52 16.86
C PRO A 354 3.55 7.29 16.24
N VAL A 355 4.43 6.59 15.49
CA VAL A 355 5.52 7.24 14.73
C VAL A 355 5.91 6.25 13.62
N PHE A 356 6.34 6.73 12.44
CA PHE A 356 6.49 5.84 11.27
C PHE A 356 7.87 5.94 10.63
N VAL A 357 8.49 7.09 10.81
CA VAL A 357 9.79 7.34 10.22
C VAL A 357 10.66 7.98 11.28
N ARG A 358 11.89 7.46 11.45
CA ARG A 358 12.94 8.09 12.25
C ARG A 358 14.21 8.04 11.39
N ASN A 359 14.80 9.22 11.18
CA ASN A 359 16.06 9.36 10.45
C ASN A 359 15.97 8.86 9.02
N GLY A 360 14.95 9.33 8.30
CA GLY A 360 14.65 8.91 6.93
C GLY A 360 14.31 7.45 6.78
N LYS A 361 14.35 6.73 7.90
CA LYS A 361 14.08 5.30 7.89
C LYS A 361 12.75 4.89 8.51
N ALA A 362 12.04 4.00 7.84
CA ALA A 362 10.88 3.33 8.39
C ALA A 362 11.15 2.77 9.78
N VAL A 363 10.31 3.11 10.76
CA VAL A 363 10.31 2.37 12.03
C VAL A 363 9.14 1.38 12.10
N ALA A 364 9.51 0.09 12.02
CA ALA A 364 8.61 -1.05 12.24
C ALA A 364 9.16 -1.89 13.42
N ALA B 2 -3.64 -44.40 -11.68
CA ALA B 2 -3.86 -43.04 -11.13
C ALA B 2 -2.94 -42.68 -9.93
N GLN B 3 -2.19 -41.59 -10.03
CA GLN B 3 -1.38 -41.20 -8.88
C GLN B 3 -2.23 -40.29 -7.98
N GLN B 4 -1.81 -40.06 -6.75
CA GLN B 4 -2.52 -39.08 -5.91
C GLN B 4 -1.54 -38.14 -5.25
N THR B 5 -2.06 -37.04 -4.71
CA THR B 5 -1.23 -36.05 -4.03
C THR B 5 -1.09 -36.47 -2.59
N PRO B 6 -0.24 -35.76 -1.83
CA PRO B 6 -0.16 -36.01 -0.38
C PRO B 6 -1.49 -35.76 0.39
N LEU B 7 -2.49 -35.15 -0.25
CA LEU B 7 -3.66 -34.61 0.47
C LEU B 7 -4.85 -35.57 0.36
N TYR B 8 -4.56 -36.66 -0.33
CA TYR B 8 -5.53 -37.58 -0.75
C TYR B 8 -6.39 -37.92 0.43
N GLU B 9 -5.79 -38.12 1.60
CA GLU B 9 -6.50 -38.47 2.86
C GLU B 9 -7.33 -37.31 3.50
N GLN B 10 -6.74 -36.13 3.49
CA GLN B 10 -7.48 -34.96 3.91
C GLN B 10 -8.72 -34.80 3.05
N HIS B 11 -8.61 -35.00 1.74
CA HIS B 11 -9.76 -34.84 0.86
C HIS B 11 -10.91 -35.79 1.29
N THR B 12 -10.55 -37.03 1.60
CA THR B 12 -11.55 -38.00 2.00
C THR B 12 -12.20 -37.55 3.33
N LEU B 13 -11.42 -37.06 4.31
CA LEU B 13 -11.94 -36.55 5.55
C LEU B 13 -12.92 -35.41 5.31
N CYS B 14 -12.66 -34.61 4.26
CA CYS B 14 -13.43 -33.44 3.99
C CYS B 14 -14.63 -33.81 3.09
N GLY B 15 -14.79 -35.08 2.74
CA GLY B 15 -15.95 -35.51 1.98
C GLY B 15 -15.85 -35.47 0.48
N ALA B 16 -14.62 -35.58 -0.04
CA ALA B 16 -14.39 -35.52 -1.49
C ALA B 16 -15.03 -36.67 -2.26
N ARG B 17 -15.62 -36.38 -3.41
CA ARG B 17 -15.94 -37.35 -4.39
C ARG B 17 -14.76 -37.35 -5.33
N MET B 18 -14.02 -38.45 -5.31
CA MET B 18 -12.74 -38.55 -6.07
C MET B 18 -12.98 -39.02 -7.48
N VAL B 19 -12.32 -38.36 -8.42
CA VAL B 19 -12.31 -38.84 -9.81
C VAL B 19 -10.88 -38.92 -10.32
N ASP B 20 -10.70 -39.58 -11.47
CA ASP B 20 -9.38 -39.75 -12.05
C ASP B 20 -9.17 -38.57 -13.02
N PHE B 21 -8.36 -37.61 -12.68
CA PHE B 21 -8.22 -36.45 -13.58
C PHE B 21 -6.86 -36.51 -14.20
N HIS B 22 -6.83 -36.82 -15.50
CA HIS B 22 -5.58 -36.96 -16.27
C HIS B 22 -4.55 -37.81 -15.55
N GLY B 23 -4.93 -38.93 -14.92
CA GLY B 23 -3.94 -39.72 -14.18
C GLY B 23 -3.79 -39.43 -12.72
N TRP B 24 -4.62 -38.54 -12.20
CA TRP B 24 -4.49 -38.14 -10.83
C TRP B 24 -5.82 -38.37 -10.08
N MET B 25 -5.87 -39.03 -8.92
CA MET B 25 -7.13 -39.06 -8.14
C MET B 25 -7.40 -37.67 -7.45
N MET B 26 -8.41 -36.94 -7.88
CA MET B 26 -8.66 -35.58 -7.41
C MET B 26 -10.16 -35.39 -7.07
N PRO B 27 -10.46 -34.51 -6.12
CA PRO B 27 -11.84 -34.23 -5.71
C PRO B 27 -12.52 -33.55 -6.86
N LEU B 28 -13.57 -34.17 -7.37
CA LEU B 28 -14.48 -33.45 -8.23
C LEU B 28 -15.24 -32.34 -7.48
N HIS B 29 -15.70 -32.68 -6.28
CA HIS B 29 -16.40 -31.75 -5.38
C HIS B 29 -16.44 -32.42 -3.99
N TYR B 30 -16.95 -31.72 -2.99
CA TYR B 30 -16.97 -32.20 -1.61
C TYR B 30 -18.41 -32.13 -1.13
N GLY B 31 -19.35 -32.28 -2.04
CA GLY B 31 -20.78 -32.19 -1.68
C GLY B 31 -21.62 -31.37 -2.66
N SER B 32 -21.12 -30.19 -3.05
CA SER B 32 -21.87 -29.38 -4.02
C SER B 32 -20.91 -28.48 -4.80
N GLN B 33 -20.70 -28.75 -6.05
CA GLN B 33 -19.80 -27.86 -6.81
C GLN B 33 -20.35 -26.43 -6.94
N ILE B 34 -21.68 -26.24 -6.91
CA ILE B 34 -22.23 -24.89 -6.95
C ILE B 34 -21.91 -24.14 -5.69
N ASP B 35 -22.09 -24.80 -4.55
CA ASP B 35 -21.77 -24.11 -3.29
C ASP B 35 -20.26 -23.77 -3.18
N GLU B 36 -19.45 -24.65 -3.74
CA GLU B 36 -17.98 -24.42 -3.76
C GLU B 36 -17.63 -23.21 -4.66
N HIS B 37 -18.31 -23.14 -5.80
CA HIS B 37 -18.15 -21.95 -6.67
C HIS B 37 -18.54 -20.65 -5.89
N HIS B 38 -19.69 -20.70 -5.22
CA HIS B 38 -20.21 -19.56 -4.46
C HIS B 38 -19.30 -19.20 -3.29
N ALA B 39 -18.70 -20.20 -2.62
CA ALA B 39 -17.72 -19.90 -1.55
C ALA B 39 -16.55 -19.07 -2.06
N VAL B 40 -16.07 -19.37 -3.28
CA VAL B 40 -14.91 -18.60 -3.84
C VAL B 40 -15.38 -17.21 -4.29
N ARG B 41 -16.60 -17.14 -4.80
CA ARG B 41 -17.10 -15.83 -5.29
C ARG B 41 -17.42 -14.87 -4.15
N THR B 42 -17.70 -15.40 -2.95
CA THR B 42 -18.17 -14.54 -1.82
C THR B 42 -17.34 -14.58 -0.55
N ASP B 43 -16.39 -15.51 -0.43
CA ASP B 43 -15.67 -15.63 0.85
C ASP B 43 -14.28 -16.22 0.63
N ALA B 44 -14.12 -17.55 0.84
CA ALA B 44 -12.83 -18.21 0.55
C ALA B 44 -13.07 -19.71 0.29
N GLY B 45 -12.48 -20.22 -0.80
CA GLY B 45 -12.45 -21.62 -1.10
C GLY B 45 -11.01 -22.04 -1.47
N MET B 46 -10.72 -23.32 -1.40
CA MET B 46 -9.34 -23.72 -1.75
C MET B 46 -9.28 -24.97 -2.62
N PHE B 47 -8.16 -25.18 -3.32
CA PHE B 47 -8.09 -26.26 -4.30
C PHE B 47 -6.71 -26.86 -4.18
N ASP B 48 -6.62 -28.19 -4.30
CA ASP B 48 -5.35 -28.89 -4.26
C ASP B 48 -4.77 -28.81 -5.67
N VAL B 49 -3.68 -28.06 -5.84
CA VAL B 49 -3.09 -27.97 -7.17
C VAL B 49 -1.72 -28.62 -7.08
N SER B 50 -1.56 -29.59 -6.17
CA SER B 50 -0.23 -30.14 -5.94
C SER B 50 0.25 -30.95 -7.13
N HIS B 51 -0.65 -31.30 -8.02
CA HIS B 51 -0.24 -32.01 -9.25
C HIS B 51 0.33 -31.09 -10.33
N MET B 52 0.36 -29.79 -10.08
CA MET B 52 1.05 -28.92 -11.01
C MET B 52 2.55 -29.09 -10.72
N THR B 53 3.41 -28.78 -11.71
CA THR B 53 4.82 -29.00 -11.40
C THR B 53 5.58 -27.69 -11.35
N ILE B 54 6.36 -27.49 -10.30
CA ILE B 54 7.11 -26.27 -10.21
C ILE B 54 8.50 -26.59 -10.76
N VAL B 55 9.06 -25.72 -11.58
CA VAL B 55 10.43 -25.92 -12.12
C VAL B 55 11.30 -24.72 -11.75
N ASP B 56 12.38 -24.93 -11.01
CA ASP B 56 13.28 -23.85 -10.74
C ASP B 56 14.42 -23.86 -11.81
N LEU B 57 14.79 -22.64 -12.24
CA LEU B 57 15.82 -22.47 -13.28
C LEU B 57 16.89 -21.51 -12.76
N ARG B 58 18.15 -21.95 -12.72
CA ARG B 58 19.21 -21.14 -12.14
C ARG B 58 20.40 -21.05 -13.11
N GLY B 59 21.04 -19.91 -13.19
CA GLY B 59 22.28 -19.80 -13.94
C GLY B 59 22.31 -18.45 -14.59
N SER B 60 23.48 -18.01 -15.03
CA SER B 60 23.50 -16.62 -15.57
C SER B 60 22.77 -16.43 -16.86
N ARG B 61 22.48 -17.49 -17.62
CA ARG B 61 21.81 -17.24 -18.87
C ARG B 61 20.30 -17.53 -18.79
N THR B 62 19.78 -17.69 -17.57
CA THR B 62 18.38 -18.05 -17.37
C THR B 62 17.45 -17.05 -18.02
N ARG B 63 17.73 -15.75 -17.83
CA ARG B 63 16.88 -14.72 -18.37
C ARG B 63 16.90 -14.74 -19.90
N GLU B 64 18.12 -14.81 -20.45
CA GLU B 64 18.36 -15.08 -21.88
C GLU B 64 17.59 -16.26 -22.46
N PHE B 65 17.69 -17.42 -21.77
CA PHE B 65 16.95 -18.62 -22.19
C PHE B 65 15.45 -18.37 -22.25
N LEU B 66 14.91 -17.77 -21.16
CA LEU B 66 13.49 -17.54 -21.11
C LEU B 66 13.04 -16.55 -22.15
N ARG B 67 13.85 -15.54 -22.46
CA ARG B 67 13.44 -14.60 -23.51
C ARG B 67 13.34 -15.24 -24.89
N TYR B 68 13.97 -16.40 -25.01
CA TYR B 68 13.90 -17.15 -26.27
C TYR B 68 12.78 -18.17 -26.20
N LEU B 69 12.62 -18.78 -25.03
CA LEU B 69 11.64 -19.89 -24.92
C LEU B 69 10.18 -19.42 -25.04
N LEU B 70 9.91 -18.25 -24.46
CA LEU B 70 8.53 -17.86 -24.22
C LEU B 70 8.10 -16.70 -25.10
N ALA B 71 6.78 -16.57 -25.31
CA ALA B 71 6.29 -15.51 -26.24
C ALA B 71 6.01 -14.20 -25.54
N ASN B 72 5.62 -14.22 -24.24
CA ASN B 72 5.75 -13.04 -23.44
C ASN B 72 7.22 -12.80 -23.18
N ASP B 73 7.59 -11.64 -22.62
CA ASP B 73 8.98 -11.27 -22.44
C ASP B 73 9.28 -11.10 -20.97
N VAL B 74 10.10 -11.97 -20.43
CA VAL B 74 10.51 -11.91 -19.00
C VAL B 74 11.37 -10.69 -18.69
N ALA B 75 11.90 -9.99 -19.71
CA ALA B 75 12.54 -8.67 -19.43
C ALA B 75 11.58 -7.72 -18.75
N LYS B 76 10.28 -7.92 -18.95
CA LYS B 76 9.28 -7.15 -18.19
C LYS B 76 9.30 -7.35 -16.67
N LEU B 77 9.95 -8.42 -16.18
CA LEU B 77 9.92 -8.69 -14.75
C LEU B 77 11.11 -7.94 -14.10
N THR B 78 10.86 -6.75 -13.58
CA THR B 78 12.00 -5.94 -13.08
C THR B 78 12.10 -5.87 -11.53
N LYS B 79 11.06 -6.36 -10.85
CA LYS B 79 10.98 -6.32 -9.41
C LYS B 79 11.02 -7.77 -8.93
N SER B 80 11.89 -8.07 -7.99
CA SER B 80 12.00 -9.43 -7.44
C SER B 80 10.63 -9.99 -7.03
N GLY B 81 10.34 -11.24 -7.46
CA GLY B 81 9.03 -11.90 -7.20
C GLY B 81 8.00 -11.67 -8.29
N LYS B 82 8.19 -10.68 -9.22
CA LYS B 82 7.10 -10.43 -10.18
CA LYS B 82 7.16 -10.41 -10.22
C LYS B 82 6.93 -11.62 -11.12
N ALA B 83 5.68 -11.88 -11.48
CA ALA B 83 5.41 -12.99 -12.36
C ALA B 83 4.65 -12.52 -13.57
N LEU B 84 4.69 -13.33 -14.62
CA LEU B 84 3.79 -13.08 -15.70
C LEU B 84 3.23 -14.37 -16.28
N TYR B 85 2.23 -14.23 -17.12
CA TYR B 85 1.56 -15.37 -17.77
C TYR B 85 2.12 -15.44 -19.20
N SER B 86 2.45 -16.62 -19.69
CA SER B 86 3.04 -16.66 -21.06
C SER B 86 2.65 -17.91 -21.78
N GLY B 87 2.45 -17.79 -23.09
CA GLY B 87 2.38 -18.97 -23.96
C GLY B 87 3.81 -19.49 -24.15
N MET B 88 3.95 -20.80 -24.34
CA MET B 88 5.21 -21.41 -24.73
C MET B 88 4.84 -22.14 -26.08
N LEU B 89 5.46 -21.72 -27.20
CA LEU B 89 5.01 -22.09 -28.54
C LEU B 89 6.01 -23.03 -29.22
N ASN B 90 5.50 -23.85 -30.14
CA ASN B 90 6.35 -24.64 -31.03
C ASN B 90 6.80 -23.77 -32.22
N ALA B 91 7.57 -24.37 -33.15
CA ALA B 91 8.20 -23.56 -34.23
C ALA B 91 7.15 -23.07 -35.19
N SER B 92 6.00 -23.76 -35.19
CA SER B 92 4.81 -23.37 -36.00
C SER B 92 3.91 -22.30 -35.39
N GLY B 93 4.28 -21.87 -34.19
CA GLY B 93 3.49 -20.84 -33.53
C GLY B 93 2.29 -21.43 -32.76
N GLY B 94 2.14 -22.73 -32.72
CA GLY B 94 1.04 -23.36 -31.95
C GLY B 94 1.42 -23.31 -30.46
N VAL B 95 0.45 -23.53 -29.57
CA VAL B 95 0.69 -23.35 -28.17
C VAL B 95 1.03 -24.73 -27.54
N ILE B 96 2.25 -24.86 -27.04
CA ILE B 96 2.66 -26.06 -26.32
C ILE B 96 2.06 -26.01 -24.89
N ASP B 97 2.10 -24.84 -24.21
CA ASP B 97 1.41 -24.73 -22.89
C ASP B 97 1.19 -23.27 -22.63
N ASN B 98 0.24 -22.96 -21.76
CA ASN B 98 0.28 -21.65 -21.08
C ASN B 98 0.87 -21.78 -19.68
N LEU B 99 1.77 -20.91 -19.25
CA LEU B 99 2.36 -21.11 -17.92
C LEU B 99 2.58 -19.82 -17.15
N ILE B 100 3.00 -19.91 -15.88
CA ILE B 100 3.32 -18.71 -15.13
C ILE B 100 4.82 -18.75 -14.94
N VAL B 101 5.50 -17.60 -14.99
CA VAL B 101 6.92 -17.61 -14.70
C VAL B 101 7.17 -16.52 -13.66
N TYR B 102 8.00 -16.80 -12.67
CA TYR B 102 8.46 -15.80 -11.70
C TYR B 102 9.89 -15.43 -11.87
N TYR B 103 10.19 -14.17 -11.65
CA TYR B 103 11.55 -13.67 -11.54
C TYR B 103 11.94 -13.49 -10.11
N PHE B 104 13.05 -14.11 -9.71
CA PHE B 104 13.60 -13.88 -8.37
C PHE B 104 14.90 -13.07 -8.40
N THR B 105 15.91 -13.57 -9.10
CA THR B 105 17.14 -12.79 -9.21
C THR B 105 17.50 -12.92 -10.65
N GLU B 106 18.55 -12.20 -11.10
CA GLU B 106 19.04 -12.37 -12.47
C GLU B 106 19.28 -13.80 -12.83
N ASP B 107 19.74 -14.57 -11.86
CA ASP B 107 20.09 -15.95 -12.05
C ASP B 107 19.10 -17.01 -11.53
N PHE B 108 17.85 -16.66 -11.20
CA PHE B 108 16.92 -17.58 -10.60
C PHE B 108 15.47 -17.21 -11.00
N PHE B 109 14.83 -18.06 -11.78
CA PHE B 109 13.44 -17.86 -12.16
C PHE B 109 12.64 -19.12 -11.81
N ARG B 110 11.31 -19.07 -11.84
CA ARG B 110 10.53 -20.31 -11.59
C ARG B 110 9.39 -20.39 -12.60
N LEU B 111 9.16 -21.56 -13.12
CA LEU B 111 7.97 -21.81 -13.94
C LEU B 111 7.02 -22.70 -13.16
N VAL B 112 5.73 -22.57 -13.46
CA VAL B 112 4.75 -23.49 -12.90
C VAL B 112 3.97 -24.03 -14.10
N VAL B 113 3.95 -25.34 -14.28
CA VAL B 113 3.26 -25.91 -15.44
C VAL B 113 2.19 -26.87 -15.02
N ASN B 114 1.21 -26.92 -15.90
CA ASN B 114 0.01 -27.77 -15.84
C ASN B 114 0.32 -29.25 -15.67
N SER B 115 -0.54 -29.93 -14.92
CA SER B 115 -0.44 -31.38 -14.77
C SER B 115 -0.45 -32.19 -16.10
N ALA B 116 -1.38 -31.85 -16.96
CA ALA B 116 -1.64 -32.63 -18.17
C ALA B 116 -0.47 -32.51 -19.13
N THR B 117 0.28 -31.43 -19.03
CA THR B 117 1.31 -31.15 -20.02
C THR B 117 2.71 -31.35 -19.41
N ARG B 118 2.76 -31.91 -18.19
CA ARG B 118 4.02 -31.97 -17.46
C ARG B 118 5.14 -32.63 -18.26
N GLU B 119 4.93 -33.85 -18.80
CA GLU B 119 6.10 -34.57 -19.39
C GLU B 119 6.51 -33.87 -20.69
N LYS B 120 5.52 -33.47 -21.48
CA LYS B 120 5.84 -32.76 -22.73
C LYS B 120 6.60 -31.46 -22.45
N ASP B 121 6.16 -30.72 -21.42
CA ASP B 121 6.79 -29.44 -21.09
C ASP B 121 8.19 -29.63 -20.57
N LEU B 122 8.39 -30.63 -19.69
CA LEU B 122 9.70 -30.95 -19.13
C LEU B 122 10.69 -31.29 -20.26
N SER B 123 10.25 -32.12 -21.20
CA SER B 123 11.15 -32.48 -22.30
C SER B 123 11.48 -31.26 -23.15
N TRP B 124 10.48 -30.43 -23.42
CA TRP B 124 10.71 -29.28 -24.23
C TRP B 124 11.67 -28.30 -23.56
N ILE B 125 11.44 -28.07 -22.28
CA ILE B 125 12.28 -27.17 -21.49
C ILE B 125 13.74 -27.68 -21.38
N THR B 126 13.93 -28.93 -21.00
CA THR B 126 15.29 -29.42 -20.87
C THR B 126 15.96 -29.50 -22.22
N GLN B 127 15.22 -29.81 -23.29
CA GLN B 127 15.84 -29.84 -24.64
C GLN B 127 16.45 -28.45 -25.00
N HIS B 128 15.64 -27.41 -24.82
CA HIS B 128 16.01 -26.06 -25.24
C HIS B 128 16.92 -25.35 -24.27
N ALA B 129 16.84 -25.69 -22.97
CA ALA B 129 17.69 -25.05 -21.94
C ALA B 129 19.15 -25.50 -22.08
N GLU B 130 19.39 -26.72 -22.53
CA GLU B 130 20.74 -27.26 -22.45
C GLU B 130 21.88 -26.37 -22.99
N PRO B 131 21.71 -25.80 -24.18
CA PRO B 131 22.84 -24.97 -24.68
C PRO B 131 23.05 -23.72 -23.85
N PHE B 132 22.08 -23.34 -22.98
CA PHE B 132 22.23 -22.16 -22.13
C PHE B 132 22.89 -22.51 -20.79
N GLY B 133 23.16 -23.79 -20.55
CA GLY B 133 23.85 -24.17 -19.30
C GLY B 133 22.97 -23.94 -18.03
N ILE B 134 21.64 -24.10 -18.13
CA ILE B 134 20.70 -23.91 -16.97
C ILE B 134 20.67 -25.09 -15.98
N GLU B 135 20.78 -24.81 -14.69
CA GLU B 135 20.40 -25.84 -13.74
C GLU B 135 18.90 -25.86 -13.57
N ILE B 136 18.28 -26.98 -13.94
CA ILE B 136 16.84 -27.07 -14.04
C ILE B 136 16.40 -27.99 -12.91
N THR B 137 15.55 -27.50 -12.03
CA THR B 137 15.12 -28.40 -10.90
C THR B 137 13.63 -28.65 -10.92
N VAL B 138 13.24 -29.92 -10.97
CA VAL B 138 11.83 -30.30 -10.92
C VAL B 138 11.49 -30.42 -9.45
N ARG B 139 10.63 -29.52 -8.96
CA ARG B 139 10.26 -29.48 -7.54
C ARG B 139 9.13 -30.43 -7.12
N ASP B 140 9.30 -31.73 -7.33
CA ASP B 140 8.24 -32.66 -6.96
C ASP B 140 8.15 -32.87 -5.42
N ASP B 141 9.08 -32.27 -4.70
CA ASP B 141 9.11 -32.21 -3.25
C ASP B 141 8.07 -31.23 -2.65
N LEU B 142 7.44 -30.45 -3.50
CA LEU B 142 6.52 -29.36 -3.08
C LEU B 142 5.09 -29.73 -3.49
N SER B 143 4.12 -29.44 -2.62
CA SER B 143 2.72 -29.51 -2.89
C SER B 143 2.25 -28.07 -3.03
N MET B 144 1.01 -27.87 -3.43
CA MET B 144 0.58 -26.51 -3.60
C MET B 144 -0.94 -26.41 -3.40
N ILE B 145 -1.35 -25.38 -2.65
CA ILE B 145 -2.75 -25.14 -2.40
C ILE B 145 -3.13 -23.77 -2.90
N ALA B 146 -4.17 -23.66 -3.69
CA ALA B 146 -4.69 -22.36 -4.13
C ALA B 146 -5.87 -21.91 -3.22
N VAL B 147 -5.73 -20.79 -2.53
CA VAL B 147 -6.79 -20.23 -1.68
C VAL B 147 -7.31 -18.97 -2.36
N GLN B 148 -8.60 -18.94 -2.70
CA GLN B 148 -9.12 -17.95 -3.63
C GLN B 148 -10.46 -17.39 -3.08
N GLY B 149 -10.70 -16.11 -3.36
CA GLY B 149 -11.91 -15.42 -2.91
C GLY B 149 -11.61 -14.13 -2.16
N PRO B 150 -12.63 -13.29 -1.94
CA PRO B 150 -12.37 -11.98 -1.33
C PRO B 150 -11.81 -12.00 0.10
N ASN B 151 -12.04 -13.10 0.84
CA ASN B 151 -11.47 -13.27 2.15
C ASN B 151 -10.34 -14.31 2.21
N ALA B 152 -9.86 -14.75 1.04
CA ALA B 152 -8.83 -15.80 1.03
C ALA B 152 -7.49 -15.37 1.63
N GLN B 153 -6.96 -14.22 1.20
CA GLN B 153 -5.72 -13.74 1.75
C GLN B 153 -5.79 -13.60 3.25
N ALA B 154 -6.90 -13.07 3.77
CA ALA B 154 -6.98 -12.80 5.22
C ALA B 154 -7.10 -14.11 6.00
N LYS B 155 -7.89 -15.05 5.47
CA LYS B 155 -8.01 -16.40 6.18
C LYS B 155 -6.69 -17.14 6.09
N ALA B 156 -6.09 -17.21 4.89
CA ALA B 156 -4.73 -17.83 4.87
C ALA B 156 -3.71 -17.13 5.81
N ALA B 157 -3.68 -15.81 5.85
CA ALA B 157 -2.67 -15.12 6.65
C ALA B 157 -2.82 -15.38 8.16
N THR B 158 -4.00 -15.83 8.58
CA THR B 158 -4.11 -16.29 9.99
C THR B 158 -3.16 -17.44 10.26
N LEU B 159 -2.75 -18.18 9.21
CA LEU B 159 -1.75 -19.26 9.43
C LEU B 159 -0.30 -18.81 9.33
N PHE B 160 -0.05 -17.57 8.88
CA PHE B 160 1.35 -17.17 8.69
C PHE B 160 1.98 -16.75 10.02
N ASN B 161 3.28 -17.01 10.19
CA ASN B 161 4.05 -16.36 11.27
C ASN B 161 4.37 -14.89 10.96
N ASP B 162 5.09 -14.23 11.86
CA ASP B 162 5.26 -12.81 11.70
C ASP B 162 6.11 -12.50 10.49
N ALA B 163 7.18 -13.22 10.28
CA ALA B 163 8.02 -12.99 9.08
C ALA B 163 7.25 -13.18 7.76
N GLN B 164 6.39 -14.20 7.71
CA GLN B 164 5.60 -14.51 6.55
C GLN B 164 4.58 -13.38 6.33
N ARG B 165 3.94 -12.90 7.39
CA ARG B 165 3.09 -11.74 7.21
C ARG B 165 3.90 -10.55 6.73
N GLN B 166 5.09 -10.35 7.26
CA GLN B 166 5.81 -9.17 6.78
C GLN B 166 6.20 -9.26 5.27
N ALA B 167 6.58 -10.48 4.84
CA ALA B 167 6.98 -10.76 3.45
C ALA B 167 5.84 -10.51 2.49
N VAL B 168 4.60 -10.71 2.87
CA VAL B 168 3.50 -10.48 1.97
C VAL B 168 2.83 -9.10 2.04
N GLU B 169 3.35 -8.20 2.86
CA GLU B 169 2.76 -6.85 3.00
C GLU B 169 2.82 -6.15 1.66
N GLY B 170 1.65 -5.63 1.24
CA GLY B 170 1.46 -4.84 0.01
C GLY B 170 1.74 -5.62 -1.27
N MET B 171 1.63 -6.93 -1.19
CA MET B 171 1.91 -7.74 -2.35
C MET B 171 0.89 -7.49 -3.42
N LYS B 172 1.37 -7.03 -4.57
CA LYS B 172 0.51 -6.77 -5.70
C LYS B 172 0.18 -8.07 -6.44
N PRO B 173 -0.86 -8.06 -7.30
CA PRO B 173 -1.10 -9.26 -8.13
C PRO B 173 0.08 -9.74 -8.96
N PHE B 174 0.15 -11.07 -9.04
CA PHE B 174 1.18 -11.77 -9.78
C PHE B 174 2.56 -11.47 -9.28
N PHE B 175 2.77 -11.72 -7.98
CA PHE B 175 4.06 -11.75 -7.36
C PHE B 175 4.14 -13.03 -6.53
N GLY B 176 5.35 -13.49 -6.25
CA GLY B 176 5.56 -14.71 -5.48
C GLY B 176 6.74 -14.42 -4.55
N VAL B 177 6.69 -14.89 -3.30
CA VAL B 177 7.77 -14.69 -2.37
C VAL B 177 7.94 -15.94 -1.52
N GLN B 178 9.19 -16.35 -1.34
CA GLN B 178 9.57 -17.42 -0.44
C GLN B 178 9.68 -16.83 0.99
N ALA B 179 8.96 -17.40 1.95
CA ALA B 179 9.03 -16.96 3.32
C ALA B 179 9.09 -18.19 4.23
N GLY B 180 10.29 -18.54 4.69
CA GLY B 180 10.47 -19.85 5.32
C GLY B 180 10.10 -20.98 4.39
N ASP B 181 9.34 -21.96 4.87
CA ASP B 181 8.94 -23.02 3.96
C ASP B 181 7.68 -22.80 3.10
N LEU B 182 7.10 -21.58 3.12
CA LEU B 182 5.95 -21.26 2.31
C LEU B 182 6.42 -20.36 1.13
N PHE B 183 6.05 -20.75 -0.07
CA PHE B 183 6.14 -19.86 -1.24
C PHE B 183 4.75 -19.33 -1.38
N ILE B 184 4.55 -18.01 -1.26
CA ILE B 184 3.20 -17.49 -1.30
C ILE B 184 3.07 -16.60 -2.55
N ALA B 185 2.11 -16.85 -3.42
CA ALA B 185 1.97 -16.04 -4.67
C ALA B 185 0.55 -15.51 -4.83
N THR B 186 0.42 -14.25 -5.28
CA THR B 186 -0.88 -13.65 -5.46
C THR B 186 -1.28 -14.04 -6.91
N THR B 187 -1.47 -15.33 -7.11
CA THR B 187 -1.93 -15.75 -8.43
C THR B 187 -3.21 -16.50 -8.20
N GLY B 188 -3.78 -17.03 -9.28
CA GLY B 188 -4.98 -17.87 -9.11
C GLY B 188 -5.69 -18.03 -10.43
N TYR B 189 -6.71 -18.88 -10.43
CA TYR B 189 -7.36 -19.30 -11.65
C TYR B 189 -8.88 -19.11 -11.55
N THR B 190 -9.28 -18.09 -10.79
CA THR B 190 -10.73 -17.92 -10.48
C THR B 190 -11.35 -16.57 -10.82
N GLY B 191 -10.53 -15.57 -11.16
CA GLY B 191 -10.99 -14.20 -11.21
C GLY B 191 -11.12 -13.45 -9.87
N GLU B 192 -10.75 -14.10 -8.75
CA GLU B 192 -10.69 -13.44 -7.45
C GLU B 192 -9.28 -13.27 -6.97
N ALA B 193 -9.15 -12.53 -5.88
CA ALA B 193 -7.91 -12.42 -5.19
C ALA B 193 -7.66 -13.72 -4.42
N GLY B 194 -6.46 -13.84 -3.84
CA GLY B 194 -6.08 -15.04 -3.05
C GLY B 194 -4.59 -15.30 -3.20
N TYR B 195 -4.14 -16.46 -2.77
CA TYR B 195 -2.76 -16.82 -2.88
C TYR B 195 -2.71 -18.23 -3.42
N GLU B 196 -1.62 -18.57 -4.06
CA GLU B 196 -1.25 -19.99 -4.20
C GLU B 196 -0.01 -20.22 -3.33
N ILE B 197 -0.07 -21.26 -2.51
CA ILE B 197 0.94 -21.45 -1.46
C ILE B 197 1.51 -22.81 -1.72
N ALA B 198 2.80 -22.83 -2.02
CA ALA B 198 3.47 -24.11 -2.18
C ALA B 198 4.39 -24.34 -0.99
N LEU B 199 4.48 -25.61 -0.58
CA LEU B 199 5.13 -25.98 0.65
C LEU B 199 5.53 -27.48 0.55
N PRO B 200 6.44 -27.92 1.42
CA PRO B 200 6.91 -29.31 1.29
C PRO B 200 5.81 -30.31 1.45
N ASN B 201 5.90 -31.39 0.67
CA ASN B 201 4.86 -32.39 0.66
C ASN B 201 4.43 -32.82 2.09
N GLU B 202 5.40 -33.06 2.94
CA GLU B 202 5.16 -33.61 4.30
C GLU B 202 4.48 -32.56 5.19
N LYS B 203 4.44 -31.31 4.71
CA LYS B 203 3.69 -30.28 5.46
C LYS B 203 2.30 -29.96 4.97
N ALA B 204 1.95 -30.48 3.79
CA ALA B 204 0.73 -30.03 3.11
C ALA B 204 -0.61 -30.40 3.84
N ALA B 205 -0.72 -31.65 4.25
CA ALA B 205 -1.87 -32.12 5.05
C ALA B 205 -2.26 -31.23 6.20
N ASP B 206 -1.30 -30.94 7.08
CA ASP B 206 -1.56 -30.10 8.23
C ASP B 206 -1.95 -28.72 7.81
N PHE B 207 -1.38 -28.22 6.71
CA PHE B 207 -1.69 -26.86 6.31
C PHE B 207 -3.10 -26.78 5.75
N TRP B 208 -3.50 -27.80 5.00
CA TRP B 208 -4.86 -27.87 4.49
C TRP B 208 -5.89 -27.90 5.66
N ARG B 209 -5.60 -28.77 6.63
CA ARG B 209 -6.45 -28.93 7.82
C ARG B 209 -6.61 -27.57 8.50
N ALA B 210 -5.50 -26.87 8.71
CA ALA B 210 -5.55 -25.51 9.33
C ALA B 210 -6.36 -24.53 8.53
N LEU B 211 -6.25 -24.62 7.22
CA LEU B 211 -7.05 -23.74 6.34
C LEU B 211 -8.54 -24.01 6.47
N VAL B 212 -8.93 -25.29 6.51
CA VAL B 212 -10.35 -25.66 6.69
C VAL B 212 -10.84 -24.97 7.97
N GLU B 213 -10.01 -25.07 9.00
CA GLU B 213 -10.38 -24.64 10.36
C GLU B 213 -10.41 -23.13 10.42
N ALA B 214 -9.64 -22.49 9.51
CA ALA B 214 -9.68 -21.05 9.33
C ALA B 214 -10.88 -20.55 8.54
N GLY B 215 -11.74 -21.43 8.08
CA GLY B 215 -12.94 -21.00 7.39
C GLY B 215 -12.83 -21.04 5.86
N VAL B 216 -11.76 -21.63 5.33
CA VAL B 216 -11.64 -21.82 3.87
C VAL B 216 -12.35 -23.10 3.43
N LYS B 217 -13.31 -22.99 2.51
CA LYS B 217 -14.04 -24.15 2.01
C LYS B 217 -13.26 -25.01 1.01
N PRO B 218 -13.24 -26.38 1.20
CA PRO B 218 -12.66 -27.28 0.18
C PRO B 218 -13.46 -27.18 -1.07
N CYS B 219 -12.76 -26.99 -2.20
CA CYS B 219 -13.44 -26.89 -3.45
C CYS B 219 -12.75 -27.80 -4.49
N GLY B 220 -13.53 -28.39 -5.38
CA GLY B 220 -12.96 -29.40 -6.29
C GLY B 220 -12.87 -28.92 -7.74
N LEU B 221 -12.60 -29.87 -8.65
CA LEU B 221 -12.35 -29.60 -10.08
C LEU B 221 -13.58 -29.00 -10.74
N GLY B 222 -14.79 -29.39 -10.28
CA GLY B 222 -16.06 -28.84 -10.79
C GLY B 222 -16.09 -27.30 -10.64
N ALA B 223 -15.89 -26.79 -9.43
CA ALA B 223 -15.85 -25.38 -9.12
C ALA B 223 -14.63 -24.76 -9.82
N ARG B 224 -13.53 -25.48 -9.89
CA ARG B 224 -12.37 -24.96 -10.59
C ARG B 224 -12.70 -24.56 -12.01
N ASP B 225 -13.43 -25.41 -12.71
CA ASP B 225 -13.85 -25.11 -14.07
C ASP B 225 -14.82 -23.98 -14.21
N THR B 226 -15.89 -23.98 -13.40
CA THR B 226 -16.91 -22.93 -13.55
C THR B 226 -16.31 -21.54 -13.23
N LEU B 227 -15.51 -21.49 -12.18
CA LEU B 227 -14.79 -20.28 -11.85
C LEU B 227 -13.82 -19.78 -12.94
N ARG B 228 -12.90 -20.64 -13.43
CA ARG B 228 -11.92 -20.14 -14.42
C ARG B 228 -12.63 -19.73 -15.71
N LEU B 229 -13.62 -20.53 -16.12
CA LEU B 229 -14.39 -20.18 -17.34
C LEU B 229 -15.18 -18.89 -17.21
N GLU B 230 -15.93 -18.70 -16.11
CA GLU B 230 -16.53 -17.37 -15.82
C GLU B 230 -15.46 -16.25 -15.92
N ALA B 231 -14.25 -16.53 -15.45
CA ALA B 231 -13.19 -15.51 -15.35
C ALA B 231 -12.51 -15.32 -16.75
N GLY B 232 -12.93 -16.12 -17.70
CA GLY B 232 -12.46 -16.09 -19.10
C GLY B 232 -11.02 -16.59 -19.21
N MET B 233 -10.67 -17.52 -18.34
CA MET B 233 -9.30 -18.11 -18.36
C MET B 233 -9.24 -19.41 -19.15
N ASN B 234 -8.18 -19.55 -19.94
CA ASN B 234 -8.03 -20.65 -20.86
C ASN B 234 -7.67 -21.92 -20.17
N LEU B 235 -8.17 -23.03 -20.69
CA LEU B 235 -7.77 -24.35 -20.26
C LEU B 235 -7.07 -25.05 -21.43
N TYR B 236 -5.80 -25.36 -21.24
CA TYR B 236 -5.04 -26.02 -22.30
C TYR B 236 -5.73 -27.30 -22.75
N GLY B 237 -5.71 -27.54 -24.06
CA GLY B 237 -6.38 -28.68 -24.67
C GLY B 237 -7.80 -28.33 -25.14
N GLN B 238 -8.35 -27.22 -24.63
CA GLN B 238 -9.73 -26.77 -24.96
C GLN B 238 -9.64 -25.45 -25.68
N GLU B 239 -9.18 -24.38 -25.02
CA GLU B 239 -9.02 -23.12 -25.72
C GLU B 239 -7.88 -23.07 -26.75
N MET B 240 -6.92 -23.96 -26.61
CA MET B 240 -5.71 -23.96 -27.45
C MET B 240 -5.08 -25.32 -27.33
N ASP B 241 -4.29 -25.68 -28.34
CA ASP B 241 -3.34 -26.78 -28.19
C ASP B 241 -2.29 -26.52 -29.29
N GLU B 242 -1.45 -27.49 -29.57
CA GLU B 242 -0.33 -27.25 -30.48
C GLU B 242 -0.77 -26.93 -31.93
N THR B 243 -2.02 -27.17 -32.28
CA THR B 243 -2.53 -26.83 -33.61
C THR B 243 -3.17 -25.42 -33.66
N ILE B 244 -3.22 -24.73 -32.52
CA ILE B 244 -3.92 -23.45 -32.42
C ILE B 244 -2.98 -22.27 -32.14
N SER B 245 -3.06 -21.23 -32.92
CA SER B 245 -2.28 -20.04 -32.61
C SER B 245 -2.77 -19.36 -31.32
N PRO B 246 -1.83 -18.82 -30.52
CA PRO B 246 -2.29 -18.05 -29.37
C PRO B 246 -3.19 -16.90 -29.80
N LEU B 247 -2.98 -16.36 -31.01
CA LEU B 247 -3.79 -15.24 -31.49
C LEU B 247 -5.24 -15.66 -31.65
N ALA B 248 -5.47 -16.95 -31.87
CA ALA B 248 -6.83 -17.49 -31.95
C ALA B 248 -7.43 -18.04 -30.64
N ALA B 249 -6.75 -17.76 -29.52
CA ALA B 249 -7.11 -18.26 -28.22
C ALA B 249 -7.15 -17.17 -27.21
N ASN B 250 -7.27 -15.89 -27.64
CA ASN B 250 -7.29 -14.77 -26.68
C ASN B 250 -6.01 -14.67 -25.85
N MET B 251 -4.90 -15.00 -26.52
CA MET B 251 -3.61 -14.90 -25.87
C MET B 251 -2.73 -13.83 -26.58
N GLY B 252 -3.31 -13.07 -27.51
CA GLY B 252 -2.56 -11.96 -28.20
C GLY B 252 -2.03 -10.97 -27.16
N TRP B 253 -2.79 -10.77 -26.08
CA TRP B 253 -2.34 -9.81 -25.10
C TRP B 253 -1.08 -10.26 -24.36
N THR B 254 -0.76 -11.55 -24.40
CA THR B 254 0.44 -12.01 -23.71
C THR B 254 1.67 -12.12 -24.68
N ILE B 255 1.49 -11.86 -25.98
CA ILE B 255 2.64 -11.79 -26.90
C ILE B 255 3.35 -10.44 -26.78
N ALA B 256 4.60 -10.45 -26.30
CA ALA B 256 5.33 -9.20 -26.22
C ALA B 256 6.12 -9.02 -27.55
N TRP B 257 5.46 -8.41 -28.53
CA TRP B 257 6.10 -8.12 -29.84
C TRP B 257 7.27 -7.14 -29.76
N GLU B 258 7.17 -6.14 -28.90
CA GLU B 258 8.25 -5.20 -28.65
C GLU B 258 9.03 -5.60 -27.42
N PRO B 259 10.38 -5.56 -27.48
CA PRO B 259 11.18 -5.08 -28.60
C PRO B 259 11.29 -6.10 -29.73
N ALA B 260 11.34 -5.58 -30.97
CA ALA B 260 11.33 -6.45 -32.16
C ALA B 260 12.57 -7.28 -32.33
N ASP B 261 13.66 -6.94 -31.68
CA ASP B 261 14.89 -7.72 -31.87
C ASP B 261 14.98 -9.03 -31.03
N ARG B 262 13.93 -9.31 -30.24
CA ARG B 262 13.88 -10.56 -29.41
C ARG B 262 13.22 -11.64 -30.23
N ASP B 263 13.99 -12.61 -30.70
CA ASP B 263 13.42 -13.71 -31.41
C ASP B 263 12.96 -14.72 -30.28
N PHE B 264 11.86 -15.43 -30.48
CA PHE B 264 11.40 -16.45 -29.50
C PHE B 264 10.88 -17.58 -30.35
N ILE B 265 10.88 -18.78 -29.80
CA ILE B 265 10.37 -19.89 -30.56
C ILE B 265 8.89 -19.61 -30.94
N GLY B 266 8.62 -19.77 -32.25
CA GLY B 266 7.32 -19.48 -32.89
C GLY B 266 7.11 -18.04 -33.34
N ARG B 267 8.01 -17.11 -32.99
CA ARG B 267 7.81 -15.72 -33.36
C ARG B 267 7.68 -15.56 -34.85
N GLU B 268 8.55 -16.22 -35.62
CA GLU B 268 8.54 -16.04 -37.10
C GLU B 268 7.20 -16.53 -37.70
N ALA B 269 6.79 -17.74 -37.34
CA ALA B 269 5.51 -18.28 -37.78
C ALA B 269 4.32 -17.40 -37.33
N LEU B 270 4.39 -16.83 -36.13
CA LEU B 270 3.32 -16.00 -35.61
C LEU B 270 3.23 -14.68 -36.38
N GLU B 271 4.39 -14.11 -36.71
CA GLU B 271 4.39 -12.83 -37.45
C GLU B 271 3.68 -13.11 -38.80
N VAL B 272 4.04 -14.21 -39.43
CA VAL B 272 3.36 -14.69 -40.61
C VAL B 272 1.85 -14.77 -40.39
N GLN B 273 1.40 -15.61 -39.44
CA GLN B 273 -0.05 -15.71 -39.12
C GLN B 273 -0.71 -14.40 -38.82
N ARG B 274 -0.01 -13.49 -38.18
CA ARG B 274 -0.60 -12.23 -37.80
C ARG B 274 -0.89 -11.37 -39.04
N GLU B 275 -0.15 -11.61 -40.12
CA GLU B 275 -0.34 -10.83 -41.35
C GLU B 275 -1.43 -11.45 -42.24
N HIS B 276 -1.65 -12.76 -42.08
CA HIS B 276 -2.76 -13.46 -42.74
C HIS B 276 -4.08 -13.35 -41.95
N GLY B 277 -4.04 -12.73 -40.76
CA GLY B 277 -5.15 -12.84 -39.78
C GLY B 277 -5.45 -14.26 -39.28
N THR B 278 -6.17 -14.34 -38.17
CA THR B 278 -6.69 -15.65 -37.63
C THR B 278 -8.12 -15.49 -37.13
N GLU B 279 -8.78 -16.64 -36.93
CA GLU B 279 -9.96 -16.81 -36.07
C GLU B 279 -9.76 -16.19 -34.70
N LYS B 280 -10.85 -16.04 -33.92
CA LYS B 280 -10.72 -15.46 -32.60
C LYS B 280 -11.57 -16.23 -31.59
N LEU B 281 -11.23 -16.04 -30.32
CA LEU B 281 -11.92 -16.69 -29.24
C LEU B 281 -12.86 -15.63 -28.65
N VAL B 282 -14.13 -15.93 -28.60
CA VAL B 282 -15.13 -15.04 -28.08
C VAL B 282 -15.88 -15.73 -26.93
N GLY B 283 -16.68 -14.97 -26.17
CA GLY B 283 -17.55 -15.60 -25.19
C GLY B 283 -18.95 -15.77 -25.83
N LEU B 284 -19.74 -16.71 -25.28
CA LEU B 284 -21.11 -16.93 -25.74
C LEU B 284 -21.95 -16.91 -24.51
N VAL B 285 -23.12 -16.26 -24.60
CA VAL B 285 -24.07 -16.24 -23.49
C VAL B 285 -25.39 -16.84 -24.00
N MET B 286 -25.90 -17.85 -23.27
CA MET B 286 -27.20 -18.45 -23.53
C MET B 286 -28.11 -18.26 -22.26
N THR B 287 -28.97 -17.23 -22.32
CA THR B 287 -29.84 -16.90 -21.20
C THR B 287 -31.03 -17.86 -21.14
N GLU B 288 -31.42 -18.42 -22.29
CA GLU B 288 -32.49 -19.42 -22.38
CA GLU B 288 -32.48 -19.44 -22.35
C GLU B 288 -32.00 -20.63 -21.57
N LYS B 289 -32.94 -21.36 -20.97
CA LYS B 289 -32.59 -22.57 -20.26
C LYS B 289 -31.89 -23.67 -21.09
N GLY B 290 -30.91 -24.30 -20.45
CA GLY B 290 -30.07 -25.32 -21.11
C GLY B 290 -28.60 -25.09 -20.72
N VAL B 291 -27.70 -25.95 -21.21
CA VAL B 291 -26.27 -25.88 -20.90
C VAL B 291 -25.50 -26.07 -22.22
N LEU B 292 -24.68 -25.09 -22.56
CA LEU B 292 -23.77 -25.19 -23.71
C LEU B 292 -22.67 -26.18 -23.38
N ARG B 293 -22.26 -26.99 -24.33
CA ARG B 293 -21.26 -28.01 -24.06
C ARG B 293 -20.07 -27.86 -25.00
N ASN B 294 -18.93 -28.43 -24.58
CA ASN B 294 -17.74 -28.54 -25.41
C ASN B 294 -17.99 -29.08 -26.77
N GLU B 295 -17.29 -28.50 -27.76
CA GLU B 295 -17.20 -29.04 -29.08
C GLU B 295 -18.48 -28.77 -29.94
N LEU B 296 -19.50 -28.11 -29.39
CA LEU B 296 -20.72 -27.78 -30.19
C LEU B 296 -20.45 -26.76 -31.28
N PRO B 297 -21.08 -26.93 -32.46
CA PRO B 297 -20.81 -26.02 -33.54
C PRO B 297 -21.51 -24.72 -33.23
N VAL B 298 -20.93 -23.62 -33.66
CA VAL B 298 -21.47 -22.28 -33.44
C VAL B 298 -21.71 -21.68 -34.83
N ARG B 299 -22.97 -21.42 -35.17
CA ARG B 299 -23.33 -21.12 -36.56
C ARG B 299 -23.88 -19.73 -36.68
N PHE B 300 -23.54 -19.08 -37.79
CA PHE B 300 -24.04 -17.73 -38.09
C PHE B 300 -24.03 -17.52 -39.62
N THR B 301 -24.78 -16.52 -40.05
CA THR B 301 -24.98 -16.21 -41.49
C THR B 301 -24.59 -14.74 -41.69
N ASP B 302 -23.67 -14.49 -42.61
CA ASP B 302 -23.15 -13.15 -42.88
C ASP B 302 -24.18 -12.35 -43.64
N ALA B 303 -23.83 -11.08 -43.89
CA ALA B 303 -24.65 -10.12 -44.69
C ALA B 303 -25.12 -10.67 -46.03
N GLN B 304 -24.31 -11.54 -46.64
CA GLN B 304 -24.56 -12.13 -47.96
C GLN B 304 -25.51 -13.30 -47.91
N GLY B 305 -25.81 -13.81 -46.71
CA GLY B 305 -26.65 -14.99 -46.61
C GLY B 305 -25.87 -16.28 -46.62
N ASN B 306 -24.54 -16.18 -46.63
CA ASN B 306 -23.64 -17.36 -46.54
C ASN B 306 -23.38 -17.85 -45.09
N GLN B 307 -23.48 -19.16 -44.89
CA GLN B 307 -23.29 -19.69 -43.55
C GLN B 307 -21.80 -19.80 -43.15
N HIS B 308 -21.52 -19.69 -41.85
CA HIS B 308 -20.17 -19.90 -41.34
C HIS B 308 -20.28 -20.57 -40.02
N GLU B 309 -19.19 -21.11 -39.56
CA GLU B 309 -19.24 -22.01 -38.39
C GLU B 309 -17.97 -21.87 -37.52
N GLY B 310 -18.13 -21.77 -36.21
CA GLY B 310 -17.00 -21.83 -35.27
C GLY B 310 -17.27 -22.98 -34.32
N ILE B 311 -16.58 -23.02 -33.18
CA ILE B 311 -16.79 -24.19 -32.31
C ILE B 311 -16.67 -23.80 -30.85
N ILE B 312 -17.48 -24.40 -30.00
CA ILE B 312 -17.36 -24.12 -28.54
C ILE B 312 -16.07 -24.82 -28.07
N THR B 313 -15.20 -24.06 -27.41
CA THR B 313 -13.98 -24.69 -26.79
C THR B 313 -14.27 -25.17 -25.38
N SER B 314 -15.00 -24.37 -24.60
CA SER B 314 -15.46 -24.75 -23.25
C SER B 314 -16.90 -24.18 -23.01
N GLY B 315 -17.79 -25.02 -22.46
CA GLY B 315 -19.15 -24.63 -22.20
C GLY B 315 -19.52 -25.08 -20.83
N THR B 316 -20.32 -24.29 -20.12
CA THR B 316 -20.71 -24.68 -18.78
C THR B 316 -21.97 -23.95 -18.38
N PHE B 317 -22.36 -24.16 -17.14
CA PHE B 317 -23.44 -23.41 -16.55
C PHE B 317 -22.77 -22.48 -15.58
N SER B 318 -22.98 -21.17 -15.70
CA SER B 318 -22.43 -20.16 -14.75
C SER B 318 -23.25 -20.13 -13.47
N PRO B 319 -22.67 -20.57 -12.35
CA PRO B 319 -23.45 -20.48 -11.09
C PRO B 319 -23.63 -19.02 -10.67
N THR B 320 -22.72 -18.11 -11.03
CA THR B 320 -22.80 -16.72 -10.54
C THR B 320 -23.84 -16.03 -11.40
N LEU B 321 -23.89 -16.34 -12.69
CA LEU B 321 -24.86 -15.69 -13.52
C LEU B 321 -26.24 -16.37 -13.50
N GLY B 322 -26.26 -17.68 -13.32
CA GLY B 322 -27.53 -18.43 -13.36
C GLY B 322 -28.00 -18.87 -14.72
N TYR B 323 -27.08 -18.91 -15.70
CA TYR B 323 -27.40 -19.34 -17.05
C TYR B 323 -26.08 -19.79 -17.75
N SER B 324 -26.17 -20.37 -18.94
CA SER B 324 -25.03 -21.00 -19.57
C SER B 324 -24.13 -19.97 -20.32
N ILE B 325 -22.82 -20.27 -20.27
CA ILE B 325 -21.78 -19.52 -20.93
C ILE B 325 -20.77 -20.44 -21.60
N ALA B 326 -19.94 -19.89 -22.46
CA ALA B 326 -18.95 -20.68 -23.20
C ALA B 326 -17.90 -19.77 -23.81
N LEU B 327 -16.79 -20.38 -24.12
CA LEU B 327 -15.78 -19.75 -24.93
C LEU B 327 -15.86 -20.53 -26.22
N ALA B 328 -15.58 -19.87 -27.34
CA ALA B 328 -15.74 -20.45 -28.65
C ALA B 328 -14.75 -19.79 -29.58
N ARG B 329 -14.15 -20.56 -30.47
CA ARG B 329 -13.21 -20.10 -31.47
C ARG B 329 -14.03 -19.96 -32.77
N VAL B 330 -14.06 -18.76 -33.33
CA VAL B 330 -14.98 -18.46 -34.45
C VAL B 330 -14.29 -17.63 -35.52
N PRO B 331 -14.86 -17.62 -36.74
CA PRO B 331 -14.40 -16.70 -37.78
C PRO B 331 -14.37 -15.24 -37.34
N GLU B 332 -13.32 -14.53 -37.75
CA GLU B 332 -13.19 -13.09 -37.42
C GLU B 332 -14.47 -12.26 -37.65
N GLY B 333 -15.21 -12.58 -38.72
CA GLY B 333 -16.33 -11.68 -39.16
C GLY B 333 -17.68 -11.96 -38.48
N ILE B 334 -17.66 -12.74 -37.40
CA ILE B 334 -18.88 -13.06 -36.64
C ILE B 334 -19.54 -11.79 -36.13
N GLY B 335 -20.87 -11.73 -36.13
CA GLY B 335 -21.59 -10.56 -35.60
C GLY B 335 -21.99 -10.78 -34.16
N GLU B 336 -23.06 -10.11 -33.76
CA GLU B 336 -23.54 -10.08 -32.36
C GLU B 336 -24.26 -11.32 -31.76
N THR B 337 -24.61 -12.29 -32.62
CA THR B 337 -25.48 -13.39 -32.20
C THR B 337 -25.10 -14.57 -33.06
N ALA B 338 -25.47 -15.76 -32.60
CA ALA B 338 -25.22 -16.99 -33.34
C ALA B 338 -26.17 -18.04 -32.90
N ILE B 339 -26.07 -19.22 -33.53
CA ILE B 339 -26.87 -20.36 -33.14
C ILE B 339 -26.05 -21.57 -32.78
N VAL B 340 -26.47 -22.22 -31.71
CA VAL B 340 -25.81 -23.41 -31.22
C VAL B 340 -26.84 -24.52 -31.09
N GLN B 341 -26.54 -25.67 -31.65
CA GLN B 341 -27.49 -26.75 -31.59
C GLN B 341 -27.30 -27.62 -30.39
N ILE B 342 -28.32 -27.70 -29.55
CA ILE B 342 -28.30 -28.56 -28.39
C ILE B 342 -29.40 -29.61 -28.55
N ARG B 343 -28.98 -30.87 -28.55
CA ARG B 343 -29.82 -32.05 -28.84
C ARG B 343 -30.31 -31.94 -30.25
N ASN B 344 -31.49 -31.35 -30.42
CA ASN B 344 -31.92 -30.97 -31.78
C ASN B 344 -32.59 -29.58 -31.87
N ARG B 345 -32.68 -28.94 -30.71
CA ARG B 345 -33.20 -27.58 -30.60
C ARG B 345 -32.09 -26.55 -31.00
N GLU B 346 -32.48 -25.56 -31.80
CA GLU B 346 -31.57 -24.50 -32.27
C GLU B 346 -31.55 -23.35 -31.27
N MET B 347 -30.42 -23.10 -30.60
CA MET B 347 -30.48 -22.11 -29.51
C MET B 347 -29.75 -20.82 -29.84
N PRO B 348 -30.42 -19.66 -29.66
CA PRO B 348 -29.73 -18.44 -30.03
C PRO B 348 -28.76 -18.18 -28.90
N VAL B 349 -27.59 -17.61 -29.21
CA VAL B 349 -26.63 -17.18 -28.17
C VAL B 349 -26.20 -15.79 -28.50
N LYS B 350 -25.79 -15.01 -27.51
CA LYS B 350 -25.23 -13.71 -27.75
C LYS B 350 -23.71 -13.89 -27.80
N VAL B 351 -23.04 -13.23 -28.75
CA VAL B 351 -21.54 -13.27 -28.90
C VAL B 351 -21.03 -12.10 -28.10
N THR B 352 -20.06 -12.36 -27.19
CA THR B 352 -19.59 -11.33 -26.25
C THR B 352 -18.05 -11.41 -26.12
N LYS B 353 -17.48 -10.45 -25.40
CA LYS B 353 -16.08 -10.47 -25.04
C LYS B 353 -15.85 -11.79 -24.23
N PRO B 354 -14.64 -12.33 -24.26
CA PRO B 354 -14.42 -13.63 -23.61
C PRO B 354 -14.15 -13.45 -22.11
N VAL B 355 -15.04 -12.82 -21.36
CA VAL B 355 -14.98 -12.89 -19.88
C VAL B 355 -16.40 -12.62 -19.39
N PHE B 356 -16.74 -13.07 -18.17
CA PHE B 356 -18.13 -13.05 -17.70
C PHE B 356 -18.20 -12.50 -16.31
N VAL B 357 -17.30 -12.95 -15.45
CA VAL B 357 -17.34 -12.60 -14.03
C VAL B 357 -15.90 -12.41 -13.48
N ARG B 358 -15.66 -11.33 -12.73
CA ARG B 358 -14.39 -11.14 -12.05
C ARG B 358 -14.68 -10.49 -10.71
N ASN B 359 -13.88 -10.82 -9.69
CA ASN B 359 -14.03 -10.16 -8.35
C ASN B 359 -15.48 -10.16 -7.83
N GLY B 360 -16.17 -11.29 -7.98
CA GLY B 360 -17.51 -11.45 -7.40
C GLY B 360 -18.65 -10.83 -8.20
N LYS B 361 -18.38 -10.18 -9.32
CA LYS B 361 -19.42 -9.43 -10.04
C LYS B 361 -19.36 -9.68 -11.55
N ALA B 362 -20.53 -9.78 -12.17
CA ALA B 362 -20.67 -9.95 -13.60
C ALA B 362 -19.93 -8.82 -14.22
N VAL B 363 -19.19 -9.12 -15.26
CA VAL B 363 -18.59 -8.03 -16.02
C VAL B 363 -19.66 -7.64 -17.07
N ALA B 364 -20.54 -6.72 -16.70
CA ALA B 364 -21.70 -6.43 -17.55
C ALA B 364 -21.22 -5.56 -18.66
N ALA C 2 -11.25 38.44 42.15
CA ALA C 2 -10.22 37.43 42.49
C ALA C 2 -8.81 38.01 42.35
N GLN C 3 -8.60 38.90 41.39
CA GLN C 3 -7.26 39.51 41.22
C GLN C 3 -7.01 40.70 42.16
N GLN C 4 -5.76 40.88 42.62
CA GLN C 4 -5.33 42.04 43.46
C GLN C 4 -4.47 42.96 42.57
N THR C 5 -4.44 44.28 42.81
CA THR C 5 -3.40 45.11 42.18
C THR C 5 -2.13 45.05 43.08
N PRO C 6 -0.97 45.60 42.61
CA PRO C 6 0.20 45.72 43.52
C PRO C 6 -0.04 46.67 44.70
N LEU C 7 -1.18 47.41 44.70
CA LEU C 7 -1.44 48.37 45.78
C LEU C 7 -2.31 47.79 46.92
N TYR C 8 -2.62 46.50 46.86
CA TYR C 8 -3.65 45.89 47.77
C TYR C 8 -3.39 46.06 49.27
N GLU C 9 -2.20 45.67 49.71
CA GLU C 9 -1.78 45.89 51.09
C GLU C 9 -1.83 47.41 51.49
N GLN C 10 -1.27 48.30 50.64
CA GLN C 10 -1.42 49.75 50.90
C GLN C 10 -2.90 50.11 51.16
N HIS C 11 -3.81 49.60 50.33
CA HIS C 11 -5.20 49.96 50.47
C HIS C 11 -5.72 49.56 51.85
N THR C 12 -5.39 48.34 52.28
CA THR C 12 -5.85 47.81 53.61
C THR C 12 -5.19 48.59 54.78
N LEU C 13 -3.92 49.00 54.67
CA LEU C 13 -3.33 49.98 55.63
C LEU C 13 -4.02 51.37 55.67
N CYS C 14 -4.63 51.78 54.56
CA CYS C 14 -5.28 53.08 54.47
C CYS C 14 -6.79 53.02 54.83
N GLY C 15 -7.23 51.87 55.33
CA GLY C 15 -8.58 51.72 55.86
C GLY C 15 -9.57 51.25 54.82
N ALA C 16 -9.10 50.65 53.70
CA ALA C 16 -10.03 50.32 52.60
C ALA C 16 -11.07 49.25 52.95
N ARG C 17 -12.30 49.47 52.47
CA ARG C 17 -13.35 48.44 52.37
C ARG C 17 -13.27 47.87 50.96
N MET C 18 -12.78 46.63 50.85
CA MET C 18 -12.46 46.02 49.57
C MET C 18 -13.70 45.37 48.94
N VAL C 19 -14.01 45.68 47.67
CA VAL C 19 -15.04 44.93 46.95
C VAL C 19 -14.47 44.21 45.70
N ASP C 20 -15.10 43.09 45.30
CA ASP C 20 -14.79 42.46 44.01
C ASP C 20 -15.25 43.36 42.87
N PHE C 21 -14.33 43.90 42.10
CA PHE C 21 -14.77 44.81 41.03
C PHE C 21 -14.33 44.21 39.70
N HIS C 22 -15.28 43.61 38.95
CA HIS C 22 -14.93 42.91 37.68
C HIS C 22 -13.76 41.97 37.86
N GLY C 23 -13.77 41.19 38.95
CA GLY C 23 -12.69 40.21 39.16
C GLY C 23 -11.44 40.78 39.81
N TRP C 24 -11.53 42.01 40.34
CA TRP C 24 -10.41 42.64 41.04
C TRP C 24 -10.86 43.13 42.41
N MET C 25 -10.11 42.78 43.45
CA MET C 25 -10.31 43.36 44.78
C MET C 25 -9.89 44.84 44.75
N MET C 26 -10.87 45.70 44.88
CA MET C 26 -10.67 47.17 44.81
C MET C 26 -11.36 47.88 45.99
N PRO C 27 -10.73 48.94 46.56
CA PRO C 27 -11.37 49.74 47.60
C PRO C 27 -12.66 50.42 47.09
N LEU C 28 -13.79 50.09 47.71
CA LEU C 28 -15.05 50.81 47.46
C LEU C 28 -14.95 52.26 48.02
N HIS C 29 -14.31 52.37 49.19
CA HIS C 29 -14.03 53.66 49.88
C HIS C 29 -13.09 53.34 51.04
N TYR C 30 -12.60 54.36 51.75
CA TYR C 30 -11.69 54.09 52.85
C TYR C 30 -12.20 54.62 54.22
N GLY C 31 -13.51 54.59 54.42
CA GLY C 31 -14.03 55.12 55.67
C GLY C 31 -15.10 56.13 55.45
N SER C 32 -14.89 56.99 54.45
CA SER C 32 -15.84 58.02 54.08
C SER C 32 -15.85 58.42 52.59
N GLN C 33 -16.83 57.88 51.89
CA GLN C 33 -17.03 58.23 50.50
C GLN C 33 -17.23 59.71 50.29
N ILE C 34 -17.94 60.36 51.22
CA ILE C 34 -18.16 61.82 51.15
C ILE C 34 -16.87 62.62 51.23
N ASP C 35 -16.00 62.28 52.18
CA ASP C 35 -14.72 62.99 52.28
C ASP C 35 -13.83 62.75 51.02
N GLU C 36 -13.96 61.59 50.38
CA GLU C 36 -13.15 61.26 49.20
C GLU C 36 -13.59 62.14 48.05
N HIS C 37 -14.93 62.24 47.94
CA HIS C 37 -15.48 63.06 46.92
C HIS C 37 -15.07 64.50 47.17
N HIS C 38 -15.15 64.92 48.42
CA HIS C 38 -14.78 66.33 48.80
C HIS C 38 -13.29 66.57 48.50
N ALA C 39 -12.45 65.58 48.78
CA ALA C 39 -11.00 65.75 48.54
C ALA C 39 -10.68 66.05 47.10
N VAL C 40 -11.33 65.38 46.12
CA VAL C 40 -11.02 65.59 44.71
C VAL C 40 -11.59 66.90 44.24
N ARG C 41 -12.75 67.29 44.78
CA ARG C 41 -13.30 68.57 44.31
C ARG C 41 -12.51 69.79 44.82
N THR C 42 -11.89 69.64 45.98
CA THR C 42 -11.33 70.81 46.70
C THR C 42 -9.84 70.81 46.94
N ASP C 43 -9.16 69.68 46.73
CA ASP C 43 -7.72 69.56 47.14
C ASP C 43 -7.03 68.47 46.29
N ALA C 44 -6.85 67.26 46.80
CA ALA C 44 -6.21 66.21 45.96
C ALA C 44 -6.70 64.88 46.43
N GLY C 45 -7.15 64.01 45.50
CA GLY C 45 -7.51 62.66 45.90
C GLY C 45 -6.79 61.72 44.88
N MET C 46 -6.64 60.47 45.24
CA MET C 46 -6.14 59.48 44.25
C MET C 46 -6.82 58.08 44.24
N PHE C 47 -6.75 57.49 43.04
CA PHE C 47 -7.35 56.22 42.74
C PHE C 47 -6.32 55.23 42.22
N ASP C 48 -6.36 54.03 42.78
CA ASP C 48 -5.64 52.91 42.16
C ASP C 48 -6.32 52.55 40.83
N VAL C 49 -5.68 52.79 39.72
CA VAL C 49 -6.31 52.39 38.42
C VAL C 49 -5.37 51.35 37.74
N SER C 50 -4.65 50.62 38.56
CA SER C 50 -3.79 49.59 38.02
C SER C 50 -4.53 48.40 37.37
N HIS C 51 -5.87 48.35 37.45
CA HIS C 51 -6.71 47.35 36.79
C HIS C 51 -7.01 47.66 35.31
N MET C 52 -6.66 48.87 34.83
CA MET C 52 -6.80 49.17 33.40
C MET C 52 -5.60 48.56 32.66
N THR C 53 -5.69 48.50 31.34
CA THR C 53 -4.62 47.81 30.63
C THR C 53 -4.02 48.82 29.64
N ILE C 54 -2.69 48.86 29.58
CA ILE C 54 -1.95 49.72 28.68
C ILE C 54 -1.37 48.85 27.59
N VAL C 55 -1.51 49.28 26.35
CA VAL C 55 -1.11 48.48 25.17
C VAL C 55 -0.25 49.41 24.31
N ASP C 56 1.03 49.06 24.10
CA ASP C 56 1.90 49.76 23.19
C ASP C 56 1.86 49.09 21.83
N LEU C 57 1.83 49.91 20.78
CA LEU C 57 1.78 49.40 19.46
C LEU C 57 2.91 50.03 18.65
N ARG C 58 3.72 49.20 18.01
CA ARG C 58 4.86 49.71 17.25
C ARG C 58 4.93 49.10 15.90
N GLY C 59 5.30 49.93 14.91
CA GLY C 59 5.40 49.41 13.59
C GLY C 59 4.99 50.45 12.53
N SER C 60 5.49 50.25 11.32
CA SER C 60 5.27 51.19 10.21
C SER C 60 3.84 51.29 9.74
N ARG C 61 3.03 50.27 9.98
CA ARG C 61 1.61 50.41 9.67
C ARG C 61 0.70 50.61 10.93
N THR C 62 1.26 50.97 12.08
CA THR C 62 0.39 51.25 13.28
C THR C 62 -0.62 52.38 13.06
N ARG C 63 -0.13 53.48 12.49
CA ARG C 63 -1.00 54.61 12.30
C ARG C 63 -2.12 54.22 11.33
N GLU C 64 -1.75 53.54 10.26
CA GLU C 64 -2.74 53.07 9.27
C GLU C 64 -3.80 52.11 9.88
N PHE C 65 -3.31 51.25 10.76
CA PHE C 65 -4.23 50.35 11.49
C PHE C 65 -5.20 51.12 12.36
N LEU C 66 -4.71 52.10 13.12
CA LEU C 66 -5.56 52.76 14.09
C LEU C 66 -6.59 53.66 13.34
N ARG C 67 -6.21 54.17 12.17
CA ARG C 67 -7.13 54.99 11.34
C ARG C 67 -8.32 54.15 10.82
N TYR C 68 -8.13 52.82 10.75
CA TYR C 68 -9.19 51.87 10.36
C TYR C 68 -9.93 51.34 11.59
N LEU C 69 -9.19 51.09 12.68
CA LEU C 69 -9.80 50.55 13.91
C LEU C 69 -10.81 51.46 14.63
N LEU C 70 -10.46 52.73 14.71
CA LEU C 70 -11.09 53.65 15.63
C LEU C 70 -11.93 54.67 14.92
N ALA C 71 -12.90 55.21 15.62
CA ALA C 71 -13.88 56.10 14.98
C ALA C 71 -13.43 57.56 15.04
N ASN C 72 -12.65 57.92 16.05
CA ASN C 72 -11.94 59.19 15.99
C ASN C 72 -10.81 58.87 15.05
N ASP C 73 -10.09 59.90 14.61
CA ASP C 73 -9.01 59.74 13.67
C ASP C 73 -7.69 60.11 14.31
N VAL C 74 -6.80 59.12 14.43
CA VAL C 74 -5.51 59.42 15.02
C VAL C 74 -4.64 60.32 14.16
N ALA C 75 -4.94 60.52 12.86
CA ALA C 75 -4.15 61.52 12.07
C ALA C 75 -4.19 62.92 12.68
N LYS C 76 -5.16 63.16 13.58
CA LYS C 76 -5.30 64.44 14.30
C LYS C 76 -4.20 64.66 15.34
N LEU C 77 -3.47 63.59 15.64
CA LEU C 77 -2.41 63.71 16.66
C LEU C 77 -1.07 63.94 15.93
N THR C 78 -0.53 65.15 16.07
CA THR C 78 0.67 65.56 15.34
C THR C 78 1.76 66.02 16.31
N LYS C 79 1.41 66.10 17.58
CA LYS C 79 2.34 66.58 18.58
C LYS C 79 2.70 65.40 19.49
N SER C 80 3.98 65.08 19.56
CA SER C 80 4.39 63.93 20.39
C SER C 80 3.77 64.00 21.78
N GLY C 81 3.19 62.87 22.25
CA GLY C 81 2.54 62.80 23.54
C GLY C 81 1.07 63.09 23.53
N LYS C 82 0.57 63.69 22.43
CA LYS C 82 -0.85 64.07 22.34
C LYS C 82 -1.81 62.85 22.36
N ALA C 83 -2.91 62.98 23.07
CA ALA C 83 -3.83 61.85 23.26
C ALA C 83 -5.22 62.31 22.81
N LEU C 84 -6.04 61.36 22.38
CA LEU C 84 -7.46 61.61 22.12
C LEU C 84 -8.32 60.47 22.70
N TYR C 85 -9.62 60.74 22.87
CA TYR C 85 -10.62 59.78 23.28
C TYR C 85 -11.27 59.27 21.97
N SER C 86 -11.49 57.96 21.93
CA SER C 86 -12.12 57.32 20.78
C SER C 86 -12.96 56.10 21.13
N GLY C 87 -14.09 55.95 20.41
CA GLY C 87 -14.79 54.70 20.44
C GLY C 87 -14.06 53.70 19.57
N MET C 88 -14.17 52.43 19.95
CA MET C 88 -13.70 51.38 19.07
C MET C 88 -15.00 50.61 18.82
N LEU C 89 -15.40 50.48 17.57
CA LEU C 89 -16.78 50.03 17.27
C LEU C 89 -16.70 48.75 16.48
N ASN C 90 -17.79 47.98 16.50
CA ASN C 90 -17.91 46.90 15.49
C ASN C 90 -18.67 47.49 14.28
N ALA C 91 -18.84 46.72 13.22
CA ALA C 91 -19.46 47.34 12.00
C ALA C 91 -20.96 47.65 12.10
N SER C 92 -21.64 47.19 13.16
CA SER C 92 -22.99 47.69 13.51
C SER C 92 -22.97 49.17 14.02
N GLY C 93 -21.78 49.72 14.28
CA GLY C 93 -21.64 50.97 15.00
C GLY C 93 -21.69 50.85 16.51
N GLY C 94 -22.07 49.70 17.06
CA GLY C 94 -22.12 49.53 18.49
C GLY C 94 -20.70 49.62 19.13
N VAL C 95 -20.68 50.01 20.39
CA VAL C 95 -19.39 50.42 21.02
C VAL C 95 -18.76 49.23 21.68
N ILE C 96 -17.57 48.90 21.23
CA ILE C 96 -16.82 47.83 21.92
C ILE C 96 -16.13 48.43 23.18
N ASP C 97 -15.51 49.57 23.02
CA ASP C 97 -15.00 50.27 24.21
C ASP C 97 -14.84 51.70 23.85
N ASN C 98 -14.70 52.55 24.89
CA ASN C 98 -14.24 53.96 24.74
C ASN C 98 -12.82 54.00 25.32
N LEU C 99 -11.84 54.37 24.51
CA LEU C 99 -10.46 54.27 25.00
C LEU C 99 -9.72 55.56 24.76
N ILE C 100 -8.51 55.64 25.32
CA ILE C 100 -7.66 56.79 25.07
C ILE C 100 -6.48 56.24 24.27
N VAL C 101 -6.00 57.03 23.31
CA VAL C 101 -4.84 56.69 22.50
C VAL C 101 -3.87 57.89 22.53
N TYR C 102 -2.60 57.58 22.75
CA TYR C 102 -1.52 58.54 22.71
C TYR C 102 -0.75 58.28 21.44
N TYR C 103 -0.33 59.37 20.81
CA TYR C 103 0.64 59.36 19.74
C TYR C 103 2.03 59.72 20.30
N PHE C 104 3.04 58.90 20.00
CA PHE C 104 4.44 59.23 20.34
C PHE C 104 5.22 59.53 19.04
N THR C 105 5.18 58.60 18.08
CA THR C 105 5.76 58.80 16.74
C THR C 105 4.83 58.16 15.76
N GLU C 106 5.08 58.34 14.44
CA GLU C 106 4.18 57.78 13.42
C GLU C 106 4.07 56.27 13.59
N ASP C 107 5.14 55.69 14.13
CA ASP C 107 5.27 54.25 14.26
C ASP C 107 5.12 53.76 15.67
N PHE C 108 4.57 54.60 16.55
CA PHE C 108 4.47 54.17 17.99
C PHE C 108 3.31 54.90 18.71
N PHE C 109 2.34 54.11 19.20
CA PHE C 109 1.15 54.61 19.81
C PHE C 109 0.93 53.80 21.08
N ARG C 110 0.09 54.34 21.95
CA ARG C 110 -0.27 53.61 23.17
C ARG C 110 -1.79 53.71 23.38
N LEU C 111 -2.46 52.60 23.74
CA LEU C 111 -3.88 52.60 24.05
C LEU C 111 -4.00 52.34 25.53
N VAL C 112 -5.03 52.89 26.16
CA VAL C 112 -5.31 52.57 27.54
C VAL C 112 -6.74 52.15 27.61
N VAL C 113 -7.00 50.94 28.09
CA VAL C 113 -8.39 50.47 28.10
C VAL C 113 -8.81 50.01 29.51
N ASN C 114 -10.13 50.00 29.73
CA ASN C 114 -10.76 49.65 30.99
C ASN C 114 -10.60 48.18 31.38
N SER C 115 -10.62 47.95 32.68
CA SER C 115 -10.47 46.65 33.28
C SER C 115 -11.55 45.70 32.80
N ALA C 116 -12.80 46.15 32.77
CA ALA C 116 -13.93 45.26 32.45
C ALA C 116 -13.92 44.77 31.01
N THR C 117 -13.29 45.55 30.13
CA THR C 117 -13.33 45.27 28.72
C THR C 117 -11.98 44.74 28.22
N ARG C 118 -11.06 44.49 29.13
CA ARG C 118 -9.72 44.10 28.73
C ARG C 118 -9.73 42.91 27.77
N GLU C 119 -10.29 41.78 28.19
CA GLU C 119 -10.08 40.52 27.42
C GLU C 119 -10.75 40.66 26.07
N LYS C 120 -11.95 41.19 26.07
CA LYS C 120 -12.65 41.40 24.84
C LYS C 120 -11.91 42.41 23.91
N ASP C 121 -11.36 43.50 24.48
CA ASP C 121 -10.64 44.49 23.65
C ASP C 121 -9.37 43.89 23.10
N LEU C 122 -8.60 43.19 23.95
CA LEU C 122 -7.33 42.58 23.50
C LEU C 122 -7.55 41.60 22.34
N SER C 123 -8.61 40.79 22.44
CA SER C 123 -8.93 39.84 21.31
C SER C 123 -9.30 40.63 20.09
N TRP C 124 -10.10 41.70 20.23
CA TRP C 124 -10.54 42.46 19.05
C TRP C 124 -9.30 43.11 18.40
N ILE C 125 -8.46 43.66 19.26
CA ILE C 125 -7.27 44.35 18.76
C ILE C 125 -6.33 43.39 18.14
N THR C 126 -6.05 42.25 18.77
CA THR C 126 -5.02 41.34 18.17
C THR C 126 -5.54 40.70 16.86
N GLN C 127 -6.83 40.45 16.80
CA GLN C 127 -7.40 39.88 15.56
C GLN C 127 -7.30 40.91 14.44
N HIS C 128 -7.73 42.14 14.70
CA HIS C 128 -7.70 43.18 13.66
C HIS C 128 -6.31 43.65 13.24
N ALA C 129 -5.39 43.64 14.21
CA ALA C 129 -4.00 44.15 13.95
C ALA C 129 -3.19 43.21 13.10
N GLU C 130 -3.53 41.94 13.18
CA GLU C 130 -2.63 40.92 12.63
C GLU C 130 -2.17 41.28 11.22
N PRO C 131 -3.09 41.65 10.29
CA PRO C 131 -2.50 41.82 8.92
C PRO C 131 -1.61 43.01 8.74
N PHE C 132 -1.59 43.92 9.71
CA PHE C 132 -0.70 45.09 9.66
C PHE C 132 0.70 44.85 10.24
N GLY C 133 0.91 43.65 10.76
CA GLY C 133 2.28 43.27 11.22
C GLY C 133 2.88 44.17 12.32
N ILE C 134 2.06 44.43 13.32
CA ILE C 134 2.38 45.40 14.40
C ILE C 134 2.92 44.62 15.58
N GLU C 135 3.86 45.22 16.27
CA GLU C 135 4.34 44.60 17.49
C GLU C 135 3.41 45.13 18.60
N ILE C 136 2.69 44.21 19.28
CA ILE C 136 1.66 44.58 20.23
C ILE C 136 2.15 44.21 21.63
N THR C 137 2.31 45.17 22.55
CA THR C 137 2.85 44.84 23.86
C THR C 137 1.84 45.18 24.96
N VAL C 138 1.42 44.19 25.71
CA VAL C 138 0.49 44.42 26.79
C VAL C 138 1.36 44.70 28.04
N ARG C 139 1.23 45.90 28.60
CA ARG C 139 2.15 46.36 29.67
C ARG C 139 1.61 46.07 31.06
N ASP C 140 1.45 44.77 31.36
CA ASP C 140 0.99 44.35 32.68
C ASP C 140 2.08 44.50 33.70
N ASP C 141 3.30 44.85 33.26
CA ASP C 141 4.39 45.23 34.13
C ASP C 141 4.21 46.62 34.80
N LEU C 142 3.20 47.39 34.37
CA LEU C 142 2.99 48.76 34.87
C LEU C 142 1.72 48.84 35.75
N SER C 143 1.77 49.67 36.80
CA SER C 143 0.60 50.02 37.58
C SER C 143 0.25 51.43 37.24
N MET C 144 -0.89 51.96 37.76
CA MET C 144 -1.26 53.34 37.41
C MET C 144 -2.06 53.95 38.51
N ILE C 145 -1.73 55.20 38.85
CA ILE C 145 -2.41 55.91 39.93
C ILE C 145 -2.95 57.20 39.37
N ALA C 146 -4.24 57.45 39.64
CA ALA C 146 -4.86 58.67 39.07
C ALA C 146 -4.83 59.65 40.27
N VAL C 147 -4.22 60.80 40.08
CA VAL C 147 -4.09 61.86 41.13
C VAL C 147 -4.91 63.05 40.61
N GLN C 148 -5.99 63.36 41.34
CA GLN C 148 -7.02 64.28 40.77
C GLN C 148 -7.41 65.36 41.80
N GLY C 149 -7.63 66.56 41.32
CA GLY C 149 -8.01 67.68 42.21
C GLY C 149 -7.24 68.95 41.85
N PRO C 150 -7.71 70.10 42.38
CA PRO C 150 -7.07 71.34 41.99
C PRO C 150 -5.57 71.46 42.47
N ASN C 151 -5.22 70.70 43.52
CA ASN C 151 -3.85 70.65 44.08
C ASN C 151 -3.14 69.32 43.77
N ALA C 152 -3.79 68.48 42.96
CA ALA C 152 -3.15 67.16 42.62
C ALA C 152 -1.86 67.30 41.89
N GLN C 153 -1.85 68.06 40.80
CA GLN C 153 -0.64 68.11 40.01
C GLN C 153 0.51 68.64 40.86
N ALA C 154 0.26 69.71 41.65
CA ALA C 154 1.34 70.29 42.49
C ALA C 154 1.85 69.30 43.52
N LYS C 155 0.95 68.59 44.23
CA LYS C 155 1.41 67.62 45.23
C LYS C 155 2.21 66.46 44.60
N ALA C 156 1.71 65.94 43.49
CA ALA C 156 2.46 64.86 42.83
C ALA C 156 3.82 65.37 42.34
N ALA C 157 3.89 66.61 41.79
CA ALA C 157 5.16 67.13 41.32
C ALA C 157 6.23 67.16 42.42
N THR C 158 5.84 67.32 43.72
CA THR C 158 6.84 67.36 44.78
C THR C 158 7.62 66.07 44.86
N LEU C 159 7.08 65.00 44.23
CA LEU C 159 7.61 63.65 44.39
C LEU C 159 8.39 63.27 43.15
N PHE C 160 8.33 64.11 42.10
CA PHE C 160 9.14 63.96 40.92
C PHE C 160 10.64 64.32 41.16
N ASN C 161 11.52 63.97 40.21
CA ASN C 161 12.84 64.58 40.16
C ASN C 161 12.78 65.75 39.23
N ASP C 162 13.89 66.45 39.08
CA ASP C 162 13.91 67.58 38.16
C ASP C 162 13.59 67.28 36.68
N ALA C 163 14.08 66.15 36.13
CA ALA C 163 13.81 65.84 34.71
C ALA C 163 12.30 65.58 34.51
N GLN C 164 11.69 64.96 35.52
CA GLN C 164 10.26 64.76 35.50
C GLN C 164 9.47 66.04 35.58
N ARG C 165 9.82 66.92 36.53
CA ARG C 165 9.13 68.22 36.58
C ARG C 165 9.35 68.93 35.27
N GLN C 166 10.55 68.89 34.71
CA GLN C 166 10.79 69.60 33.43
C GLN C 166 9.87 69.07 32.31
N ALA C 167 9.70 67.74 32.31
CA ALA C 167 9.01 67.11 31.20
C ALA C 167 7.54 67.53 31.23
N VAL C 168 6.99 67.76 32.42
CA VAL C 168 5.59 68.18 32.47
C VAL C 168 5.29 69.68 32.71
N GLU C 169 6.33 70.51 32.71
CA GLU C 169 6.13 71.94 33.03
C GLU C 169 5.19 72.60 32.02
N GLY C 170 4.09 73.15 32.49
CA GLY C 170 3.09 73.77 31.60
C GLY C 170 2.40 72.80 30.66
N MET C 171 2.40 71.51 30.99
CA MET C 171 1.81 70.54 30.05
C MET C 171 0.28 70.75 29.95
N LYS C 172 -0.20 70.86 28.71
CA LYS C 172 -1.62 71.01 28.40
C LYS C 172 -2.42 69.68 28.65
N PRO C 173 -3.75 69.78 28.76
CA PRO C 173 -4.52 68.61 29.03
C PRO C 173 -4.36 67.61 27.89
N PHE C 174 -4.49 66.32 28.20
CA PHE C 174 -4.42 65.29 27.13
C PHE C 174 -3.11 65.11 26.41
N PHE C 175 -2.07 65.09 27.24
CA PHE C 175 -0.75 64.75 26.80
C PHE C 175 -0.22 63.74 27.75
N GLY C 176 0.69 62.88 27.26
CA GLY C 176 1.33 61.95 28.14
C GLY C 176 2.82 61.86 27.81
N VAL C 177 3.67 61.84 28.81
CA VAL C 177 5.09 61.82 28.49
C VAL C 177 5.78 60.86 29.40
N GLN C 178 6.75 60.10 28.85
CA GLN C 178 7.65 59.27 29.69
C GLN C 178 8.85 60.03 30.18
N ALA C 179 9.09 59.96 31.49
CA ALA C 179 10.21 60.60 32.09
C ALA C 179 10.77 59.63 33.11
N GLY C 180 11.87 58.94 32.77
CA GLY C 180 12.44 57.95 33.70
C GLY C 180 11.34 56.86 33.79
N ASP C 181 11.04 56.33 34.96
CA ASP C 181 10.05 55.26 34.79
C ASP C 181 8.63 55.65 35.16
N LEU C 182 8.40 56.96 35.10
CA LEU C 182 7.06 57.51 35.18
C LEU C 182 6.52 57.86 33.82
N PHE C 183 5.33 57.34 33.50
CA PHE C 183 4.60 57.85 32.36
C PHE C 183 3.52 58.78 32.92
N ILE C 184 3.63 60.07 32.62
CA ILE C 184 2.78 61.09 33.28
C ILE C 184 1.84 61.70 32.25
N ALA C 185 0.55 61.63 32.52
CA ALA C 185 -0.46 62.09 31.60
C ALA C 185 -1.44 63.05 32.27
N THR C 186 -1.76 64.14 31.55
CA THR C 186 -2.79 65.09 31.97
C THR C 186 -4.24 64.62 31.57
N THR C 187 -4.68 63.54 32.21
CA THR C 187 -5.94 62.93 31.84
C THR C 187 -6.58 62.64 33.18
N GLY C 188 -7.89 62.33 33.14
CA GLY C 188 -8.56 62.00 34.36
C GLY C 188 -10.04 61.72 34.08
N TYR C 189 -10.74 61.30 35.11
CA TYR C 189 -12.13 60.81 35.00
C TYR C 189 -12.93 61.50 36.11
N THR C 190 -12.54 62.73 36.47
CA THR C 190 -13.19 63.39 37.58
C THR C 190 -13.77 64.78 37.24
N GLY C 191 -13.31 65.36 36.14
CA GLY C 191 -13.68 66.72 35.75
C GLY C 191 -12.77 67.76 36.43
N GLU C 192 -11.68 67.29 37.06
CA GLU C 192 -10.70 68.20 37.69
C GLU C 192 -9.40 68.04 36.91
N ALA C 193 -8.43 68.92 37.21
CA ALA C 193 -7.04 68.71 36.82
C ALA C 193 -6.44 67.54 37.56
N GLY C 194 -5.29 67.09 37.08
CA GLY C 194 -4.70 65.91 37.64
C GLY C 194 -3.73 65.24 36.67
N TYR C 195 -3.13 64.14 37.15
CA TYR C 195 -2.31 63.28 36.35
C TYR C 195 -2.84 61.87 36.52
N GLU C 196 -2.59 61.09 35.48
CA GLU C 196 -2.64 59.64 35.61
C GLU C 196 -1.21 59.15 35.37
N ILE C 197 -0.65 58.40 36.32
CA ILE C 197 0.81 58.14 36.35
C ILE C 197 1.05 56.62 36.31
N ALA C 198 1.63 56.11 35.20
CA ALA C 198 1.87 54.64 35.08
C ALA C 198 3.32 54.44 35.48
N LEU C 199 3.64 53.39 36.22
CA LEU C 199 5.10 53.14 36.61
C LEU C 199 5.20 51.64 36.95
N PRO C 200 6.41 51.08 37.10
CA PRO C 200 6.55 49.65 37.37
C PRO C 200 5.78 49.21 38.60
N ASN C 201 5.15 48.03 38.50
CA ASN C 201 4.47 47.42 39.61
C ASN C 201 5.28 47.50 40.86
N GLU C 202 6.56 47.17 40.76
CA GLU C 202 7.39 47.12 41.97
C GLU C 202 7.59 48.47 42.70
N LYS C 203 7.29 49.57 42.03
CA LYS C 203 7.51 50.92 42.58
C LYS C 203 6.20 51.50 43.04
N ALA C 204 5.08 50.85 42.70
CA ALA C 204 3.81 51.50 42.93
C ALA C 204 3.53 51.73 44.42
N ALA C 205 3.85 50.74 45.27
CA ALA C 205 3.50 50.89 46.71
C ALA C 205 4.29 52.11 47.32
N ASP C 206 5.56 52.26 46.91
CA ASP C 206 6.35 53.39 47.40
C ASP C 206 5.80 54.72 46.94
N PHE C 207 5.42 54.82 45.68
CA PHE C 207 4.84 56.05 45.12
C PHE C 207 3.52 56.35 45.85
N TRP C 208 2.70 55.33 46.11
CA TRP C 208 1.44 55.55 46.83
C TRP C 208 1.76 56.06 48.25
N ARG C 209 2.69 55.43 48.94
CA ARG C 209 3.11 55.99 50.26
C ARG C 209 3.47 57.47 50.21
N ALA C 210 4.26 57.84 49.20
CA ALA C 210 4.73 59.21 49.02
C ALA C 210 3.54 60.16 48.79
N LEU C 211 2.56 59.74 48.00
CA LEU C 211 1.41 60.62 47.74
C LEU C 211 0.52 60.77 48.97
N VAL C 212 0.32 59.72 49.74
CA VAL C 212 -0.47 59.84 50.99
C VAL C 212 0.15 60.90 51.94
N GLU C 213 1.46 60.78 52.17
CA GLU C 213 2.19 61.70 53.03
C GLU C 213 2.15 63.12 52.47
N ALA C 214 2.22 63.27 51.15
CA ALA C 214 2.13 64.59 50.52
C ALA C 214 0.68 65.14 50.58
N GLY C 215 -0.24 64.44 51.23
CA GLY C 215 -1.58 65.03 51.41
C GLY C 215 -2.52 64.70 50.27
N VAL C 216 -2.29 63.56 49.56
CA VAL C 216 -3.25 63.11 48.52
C VAL C 216 -4.11 62.01 49.17
N LYS C 217 -5.42 62.25 49.28
CA LYS C 217 -6.27 61.32 50.03
C LYS C 217 -6.65 60.08 49.17
N PRO C 218 -6.50 58.86 49.74
CA PRO C 218 -6.97 57.71 48.98
C PRO C 218 -8.50 57.75 48.76
N CYS C 219 -8.94 57.61 47.52
CA CYS C 219 -10.37 57.63 47.13
C CYS C 219 -10.80 56.34 46.40
N GLY C 220 -11.97 55.78 46.75
CA GLY C 220 -12.39 54.50 46.24
C GLY C 220 -13.34 54.54 45.03
N LEU C 221 -13.81 53.37 44.62
CA LEU C 221 -14.75 53.29 43.47
C LEU C 221 -16.03 54.15 43.63
N GLY C 222 -16.52 54.26 44.87
CA GLY C 222 -17.81 54.95 45.10
C GLY C 222 -17.68 56.39 44.66
N ALA C 223 -16.69 57.08 45.23
CA ALA C 223 -16.48 58.45 44.89
C ALA C 223 -16.09 58.58 43.44
N ARG C 224 -15.34 57.62 42.91
CA ARG C 224 -14.96 57.70 41.48
C ARG C 224 -16.18 57.76 40.61
N ASP C 225 -17.18 56.97 40.98
CA ASP C 225 -18.41 56.98 40.17
C ASP C 225 -19.16 58.30 40.25
N THR C 226 -19.30 58.80 41.48
CA THR C 226 -19.97 60.11 41.69
C THR C 226 -19.23 61.18 40.91
N LEU C 227 -17.90 61.23 41.07
CA LEU C 227 -17.17 62.29 40.36
C LEU C 227 -17.33 62.21 38.87
N ARG C 228 -17.16 61.02 38.27
CA ARG C 228 -17.15 61.01 36.79
C ARG C 228 -18.57 61.37 36.21
N LEU C 229 -19.59 60.98 36.94
CA LEU C 229 -21.00 61.23 36.48
C LEU C 229 -21.29 62.72 36.56
N GLU C 230 -21.04 63.35 37.72
CA GLU C 230 -20.99 64.84 37.77
C GLU C 230 -20.25 65.47 36.61
N ALA C 231 -19.11 64.86 36.21
CA ALA C 231 -18.32 65.42 35.11
C ALA C 231 -18.91 65.10 33.76
N GLY C 232 -19.96 64.29 33.73
CA GLY C 232 -20.60 63.95 32.46
C GLY C 232 -19.76 62.95 31.68
N MET C 233 -18.99 62.11 32.38
CA MET C 233 -18.20 61.11 31.68
C MET C 233 -18.88 59.75 31.56
N ASN C 234 -18.77 59.11 30.41
CA ASN C 234 -19.40 57.80 30.19
C ASN C 234 -18.78 56.68 30.97
N LEU C 235 -19.61 55.78 31.50
CA LEU C 235 -19.12 54.54 32.02
C LEU C 235 -19.53 53.43 31.03
N TYR C 236 -18.53 52.74 30.48
CA TYR C 236 -18.85 51.59 29.61
C TYR C 236 -19.74 50.54 30.30
N GLY C 237 -20.76 50.10 29.57
CA GLY C 237 -21.72 49.13 30.10
C GLY C 237 -22.98 49.83 30.65
N GLN C 238 -22.91 51.15 30.88
CA GLN C 238 -24.10 51.89 31.37
C GLN C 238 -24.48 52.90 30.30
N GLU C 239 -23.64 53.86 29.97
CA GLU C 239 -23.95 54.80 28.88
C GLU C 239 -23.89 54.14 27.48
N MET C 240 -23.12 53.07 27.30
CA MET C 240 -23.02 52.46 25.95
C MET C 240 -22.45 51.07 26.11
N ASP C 241 -22.61 50.27 25.04
CA ASP C 241 -22.04 48.93 24.94
C ASP C 241 -22.26 48.52 23.53
N GLU C 242 -22.14 47.22 23.21
CA GLU C 242 -22.14 46.80 21.80
C GLU C 242 -23.51 47.05 21.20
N THR C 243 -24.49 47.32 22.05
CA THR C 243 -25.88 47.47 21.58
C THR C 243 -26.20 48.90 21.30
N ILE C 244 -25.29 49.80 21.69
CA ILE C 244 -25.61 51.23 21.68
C ILE C 244 -24.70 51.95 20.69
N SER C 245 -25.23 52.80 19.82
CA SER C 245 -24.43 53.65 18.95
C SER C 245 -23.70 54.77 19.73
N PRO C 246 -22.45 55.13 19.35
CA PRO C 246 -21.79 56.25 20.07
C PRO C 246 -22.68 57.55 19.91
N LEU C 247 -23.47 57.61 18.84
CA LEU C 247 -24.28 58.84 18.61
C LEU C 247 -25.34 59.02 19.70
N ALA C 248 -25.74 57.90 20.26
CA ALA C 248 -26.73 57.87 21.37
C ALA C 248 -26.12 57.86 22.76
N ALA C 249 -24.82 58.09 22.87
CA ALA C 249 -24.18 58.10 24.20
C ALA C 249 -23.24 59.31 24.34
N ASN C 250 -23.54 60.37 23.58
CA ASN C 250 -22.80 61.65 23.60
C ASN C 250 -21.31 61.44 23.25
N MET C 251 -21.06 60.61 22.25
CA MET C 251 -19.70 60.33 21.73
C MET C 251 -19.62 60.82 20.32
N GLY C 252 -20.71 61.45 19.85
CA GLY C 252 -20.69 62.05 18.49
C GLY C 252 -19.52 63.00 18.27
N TRP C 253 -19.16 63.75 19.31
CA TRP C 253 -18.04 64.69 19.22
C TRP C 253 -16.69 63.99 18.94
N THR C 254 -16.62 62.67 19.15
CA THR C 254 -15.35 61.94 18.95
C THR C 254 -15.37 61.18 17.62
N ILE C 255 -16.48 61.32 16.84
CA ILE C 255 -16.51 60.68 15.53
C ILE C 255 -15.83 61.64 14.55
N ALA C 256 -14.76 61.18 13.91
CA ALA C 256 -14.11 62.01 12.90
C ALA C 256 -14.58 61.68 11.48
N TRP C 257 -15.70 62.29 11.12
CA TRP C 257 -16.34 62.09 9.83
C TRP C 257 -15.42 62.46 8.66
N GLU C 258 -14.70 63.55 8.83
CA GLU C 258 -13.77 64.06 7.85
C GLU C 258 -12.31 63.72 8.20
N PRO C 259 -11.55 63.24 7.22
CA PRO C 259 -11.95 63.11 5.82
C PRO C 259 -12.85 61.92 5.55
N ALA C 260 -13.74 62.13 4.57
CA ALA C 260 -14.79 61.16 4.16
C ALA C 260 -14.27 59.80 3.65
N ASP C 261 -13.10 59.83 3.00
CA ASP C 261 -12.45 58.64 2.47
C ASP C 261 -11.67 57.76 3.48
N ARG C 262 -11.69 58.11 4.79
CA ARG C 262 -11.02 57.27 5.78
C ARG C 262 -12.02 56.21 6.22
N ASP C 263 -11.92 55.02 5.68
CA ASP C 263 -12.85 54.00 6.19
C ASP C 263 -12.48 53.58 7.61
N PHE C 264 -13.48 53.27 8.40
CA PHE C 264 -13.17 52.79 9.75
C PHE C 264 -14.29 51.89 10.16
N ILE C 265 -14.00 50.96 11.09
CA ILE C 265 -15.02 50.00 11.42
C ILE C 265 -16.26 50.67 12.05
N GLY C 266 -17.43 50.51 11.41
CA GLY C 266 -18.71 51.05 11.89
C GLY C 266 -19.15 52.34 11.17
N ARG C 267 -18.26 52.93 10.38
CA ARG C 267 -18.55 54.12 9.56
C ARG C 267 -19.85 54.03 8.73
N GLU C 268 -19.98 53.04 7.85
CA GLU C 268 -21.21 52.98 7.02
C GLU C 268 -22.45 53.00 7.93
N ALA C 269 -22.45 52.19 8.98
CA ALA C 269 -23.58 52.18 9.94
C ALA C 269 -23.82 53.55 10.59
N LEU C 270 -22.76 54.20 11.04
CA LEU C 270 -22.87 55.51 11.65
C LEU C 270 -23.37 56.57 10.67
N GLU C 271 -22.91 56.51 9.41
CA GLU C 271 -23.39 57.49 8.38
C GLU C 271 -24.91 57.38 8.19
N VAL C 272 -25.45 56.17 8.18
CA VAL C 272 -26.90 55.99 8.05
C VAL C 272 -27.62 56.61 9.28
N GLN C 273 -27.14 56.26 10.49
CA GLN C 273 -27.63 56.89 11.74
C GLN C 273 -27.56 58.41 11.81
N ARG C 274 -26.44 58.97 11.34
CA ARG C 274 -26.26 60.41 11.29
C ARG C 274 -27.39 61.04 10.42
N GLU C 275 -27.58 60.50 9.23
CA GLU C 275 -28.64 61.01 8.35
C GLU C 275 -30.09 60.88 8.89
N HIS C 276 -30.42 59.72 9.47
CA HIS C 276 -31.72 59.39 10.01
C HIS C 276 -31.97 60.04 11.39
N GLY C 277 -30.92 60.18 12.20
CA GLY C 277 -31.05 60.69 13.56
C GLY C 277 -31.09 59.56 14.55
N THR C 278 -30.70 59.82 15.79
CA THR C 278 -30.72 58.75 16.85
C THR C 278 -31.29 59.26 18.19
N GLU C 279 -31.42 58.37 19.17
CA GLU C 279 -31.63 58.82 20.53
C GLU C 279 -30.40 59.63 21.00
N LYS C 280 -30.55 60.35 22.12
CA LYS C 280 -29.48 61.20 22.60
C LYS C 280 -29.27 61.05 24.09
N LEU C 281 -28.02 61.16 24.54
CA LEU C 281 -27.71 61.15 25.98
C LEU C 281 -27.91 62.53 26.60
N VAL C 282 -28.75 62.66 27.64
CA VAL C 282 -28.95 63.97 28.26
C VAL C 282 -28.70 63.87 29.76
N GLY C 283 -28.58 65.01 30.43
CA GLY C 283 -28.63 65.01 31.89
C GLY C 283 -30.00 65.26 32.55
N LEU C 284 -30.20 64.71 33.74
CA LEU C 284 -31.44 64.98 34.46
C LEU C 284 -31.01 65.46 35.85
N VAL C 285 -31.73 66.43 36.42
CA VAL C 285 -31.53 66.86 37.82
C VAL C 285 -32.84 66.68 38.62
N MET C 286 -32.78 66.02 39.76
CA MET C 286 -33.94 65.86 40.63
C MET C 286 -33.75 66.56 42.01
N THR C 287 -34.54 67.60 42.28
CA THR C 287 -34.45 68.30 43.58
C THR C 287 -35.21 67.65 44.73
N GLU C 288 -36.30 66.95 44.41
CA GLU C 288 -37.06 66.26 45.45
C GLU C 288 -36.28 65.00 45.90
N LYS C 289 -36.55 64.50 47.11
CA LYS C 289 -35.89 63.28 47.65
C LYS C 289 -36.13 62.03 46.78
N GLY C 290 -35.26 61.04 46.86
CA GLY C 290 -35.42 59.81 46.06
C GLY C 290 -34.14 59.44 45.31
N VAL C 291 -33.97 58.13 45.08
CA VAL C 291 -32.75 57.59 44.47
C VAL C 291 -32.92 57.45 42.96
N LEU C 292 -32.18 58.25 42.20
CA LEU C 292 -32.02 58.07 40.75
C LEU C 292 -31.08 56.92 40.51
N ARG C 293 -31.64 55.83 40.03
CA ARG C 293 -30.89 54.59 39.88
C ARG C 293 -30.93 54.28 38.38
N ASN C 294 -29.95 53.52 37.89
CA ASN C 294 -29.96 53.12 36.48
C ASN C 294 -31.16 52.28 36.14
N GLU C 295 -31.55 52.35 34.86
CA GLU C 295 -32.64 51.55 34.28
C GLU C 295 -34.06 52.08 34.57
N LEU C 296 -34.16 53.11 35.43
CA LEU C 296 -35.45 53.78 35.66
C LEU C 296 -35.99 54.37 34.37
N PRO C 297 -37.34 54.21 34.11
CA PRO C 297 -37.89 54.84 32.90
C PRO C 297 -37.88 56.35 33.00
N VAL C 298 -37.66 57.04 31.88
CA VAL C 298 -37.77 58.48 31.78
C VAL C 298 -38.83 58.78 30.73
N ARG C 299 -39.81 59.63 31.07
CA ARG C 299 -40.88 60.03 30.13
C ARG C 299 -40.98 61.51 29.94
N PHE C 300 -41.29 61.89 28.71
CA PHE C 300 -41.56 63.25 28.28
C PHE C 300 -42.56 63.26 27.12
N THR C 301 -43.24 64.40 27.00
CA THR C 301 -44.23 64.65 25.97
C THR C 301 -43.70 65.71 25.05
N ASP C 302 -43.75 65.51 23.75
CA ASP C 302 -43.09 66.48 22.87
C ASP C 302 -44.00 67.65 22.55
N ALA C 303 -43.49 68.54 21.69
CA ALA C 303 -44.23 69.74 21.32
C ALA C 303 -45.60 69.39 20.74
N GLN C 304 -45.72 68.25 20.05
CA GLN C 304 -46.97 67.91 19.40
C GLN C 304 -47.90 67.03 20.22
N GLY C 305 -47.58 66.75 21.47
CA GLY C 305 -48.48 65.99 22.36
C GLY C 305 -48.12 64.51 22.40
N ASN C 306 -47.12 64.11 21.61
CA ASN C 306 -46.62 62.73 21.56
C ASN C 306 -45.75 62.34 22.76
N GLN C 307 -46.12 61.26 23.47
CA GLN C 307 -45.30 60.75 24.60
C GLN C 307 -44.07 59.96 24.06
N HIS C 308 -42.95 60.05 24.78
CA HIS C 308 -41.76 59.26 24.49
C HIS C 308 -41.12 58.72 25.79
N GLU C 309 -40.35 57.65 25.66
CA GLU C 309 -39.83 56.94 26.80
C GLU C 309 -38.35 56.64 26.60
N GLY C 310 -37.56 56.93 27.65
CA GLY C 310 -36.11 56.79 27.60
C GLY C 310 -35.77 56.07 28.85
N ILE C 311 -34.52 56.13 29.21
CA ILE C 311 -34.11 55.32 30.35
C ILE C 311 -32.90 55.98 31.00
N ILE C 312 -32.80 55.94 32.34
CA ILE C 312 -31.56 56.35 33.03
C ILE C 312 -30.45 55.30 32.76
N THR C 313 -29.31 55.81 32.34
CA THR C 313 -28.12 54.97 32.19
C THR C 313 -27.26 54.95 33.44
N SER C 314 -27.07 56.12 34.07
CA SER C 314 -26.43 56.15 35.42
C SER C 314 -27.07 57.22 36.27
N GLY C 315 -27.14 56.98 37.55
CA GLY C 315 -27.72 57.98 38.48
C GLY C 315 -26.89 58.04 39.75
N THR C 316 -26.93 59.16 40.45
CA THR C 316 -26.18 59.32 41.70
C THR C 316 -26.64 60.51 42.52
N PHE C 317 -26.34 60.51 43.81
CA PHE C 317 -26.48 61.78 44.54
C PHE C 317 -25.23 62.65 44.30
N SER C 318 -25.40 63.89 43.81
CA SER C 318 -24.28 64.81 43.61
C SER C 318 -24.03 65.67 44.87
N PRO C 319 -22.91 65.39 45.60
CA PRO C 319 -22.54 66.30 46.69
C PRO C 319 -22.21 67.71 46.24
N THR C 320 -21.63 67.88 45.06
CA THR C 320 -21.35 69.24 44.58
C THR C 320 -22.61 70.08 44.32
N LEU C 321 -23.64 69.46 43.70
CA LEU C 321 -24.84 70.22 43.38
C LEU C 321 -25.81 70.24 44.54
N GLY C 322 -25.76 69.22 45.37
CA GLY C 322 -26.73 69.04 46.42
C GLY C 322 -28.03 68.34 45.99
N TYR C 323 -28.07 67.85 44.74
CA TYR C 323 -29.25 67.18 44.18
C TYR C 323 -28.91 65.80 43.58
N SER C 324 -29.94 65.00 43.33
CA SER C 324 -29.76 63.77 42.55
C SER C 324 -29.57 64.15 41.08
N ILE C 325 -28.72 63.38 40.36
CA ILE C 325 -28.45 63.63 38.94
C ILE C 325 -28.40 62.33 38.15
N ALA C 326 -28.56 62.43 36.85
CA ALA C 326 -28.52 61.16 36.08
C ALA C 326 -28.16 61.42 34.70
N LEU C 327 -27.55 60.43 34.05
CA LEU C 327 -27.46 60.53 32.60
C LEU C 327 -28.59 59.61 32.10
N ALA C 328 -29.15 59.99 30.98
CA ALA C 328 -30.31 59.25 30.44
C ALA C 328 -30.27 59.27 28.93
N ARG C 329 -30.59 58.12 28.32
CA ARG C 329 -30.71 58.05 26.87
C ARG C 329 -32.22 58.15 26.56
N VAL C 330 -32.56 59.06 25.65
CA VAL C 330 -33.96 59.41 25.40
C VAL C 330 -34.13 59.72 23.91
N PRO C 331 -35.35 59.49 23.39
CA PRO C 331 -35.74 59.90 22.05
C PRO C 331 -35.51 61.37 21.83
N GLU C 332 -35.25 61.76 20.58
CA GLU C 332 -35.07 63.18 20.28
C GLU C 332 -36.37 63.89 20.63
N GLY C 333 -36.28 65.20 20.83
CA GLY C 333 -37.46 66.01 21.05
C GLY C 333 -37.75 66.33 22.49
N ILE C 334 -36.87 65.93 23.40
CA ILE C 334 -37.03 66.27 24.80
C ILE C 334 -36.91 67.78 24.94
N GLY C 335 -37.73 68.34 25.84
CA GLY C 335 -37.64 69.76 26.24
C GLY C 335 -36.88 69.86 27.55
N GLU C 336 -37.27 70.81 28.40
CA GLU C 336 -36.52 71.18 29.61
C GLU C 336 -36.94 70.41 30.85
N THR C 337 -38.05 69.66 30.74
CA THR C 337 -38.54 68.90 31.89
C THR C 337 -38.95 67.47 31.44
N ALA C 338 -39.06 66.55 32.39
CA ALA C 338 -39.38 65.16 32.11
C ALA C 338 -39.81 64.55 33.43
N ILE C 339 -40.13 63.25 33.44
CA ILE C 339 -40.40 62.57 34.70
C ILE C 339 -39.62 61.29 34.74
N VAL C 340 -39.25 60.86 35.93
CA VAL C 340 -38.75 59.51 36.10
C VAL C 340 -39.68 58.72 36.96
N GLN C 341 -39.93 57.50 36.52
CA GLN C 341 -40.82 56.64 37.23
C GLN C 341 -40.08 55.86 38.34
N ILE C 342 -40.46 56.15 39.59
CA ILE C 342 -39.97 55.45 40.77
C ILE C 342 -41.16 54.77 41.43
N ARG C 343 -41.18 53.44 41.38
CA ARG C 343 -42.39 52.67 41.70
C ARG C 343 -43.68 53.32 41.15
N ASN C 344 -44.57 53.75 42.06
CA ASN C 344 -45.88 54.34 41.67
C ASN C 344 -45.71 55.63 40.94
N ARG C 345 -44.64 56.35 41.31
CA ARG C 345 -44.62 57.80 41.17
C ARG C 345 -43.95 58.31 39.90
N GLU C 346 -44.53 59.34 39.29
CA GLU C 346 -43.88 60.14 38.28
C GLU C 346 -43.15 61.30 38.98
N MET C 347 -41.82 61.23 39.00
CA MET C 347 -40.98 62.24 39.63
C MET C 347 -40.54 63.30 38.62
N PRO C 348 -40.94 64.56 38.83
CA PRO C 348 -40.51 65.56 37.88
C PRO C 348 -39.01 65.81 38.07
N VAL C 349 -38.34 66.11 36.96
CA VAL C 349 -36.90 66.31 36.91
C VAL C 349 -36.74 67.28 35.80
N LYS C 350 -35.67 68.03 35.87
CA LYS C 350 -35.17 68.93 34.86
C LYS C 350 -34.20 68.18 33.95
N VAL C 351 -34.25 68.54 32.67
CA VAL C 351 -33.38 68.01 31.61
C VAL C 351 -32.31 69.07 31.28
N THR C 352 -31.06 68.61 31.17
CA THR C 352 -29.91 69.48 31.00
C THR C 352 -28.92 68.83 30.04
N LYS C 353 -27.86 69.53 29.63
CA LYS C 353 -26.76 68.85 28.91
C LYS C 353 -26.17 67.75 29.78
N PRO C 354 -25.63 66.70 29.15
CA PRO C 354 -25.03 65.56 29.87
C PRO C 354 -23.73 65.93 30.63
N VAL C 355 -23.75 67.01 31.43
CA VAL C 355 -22.57 67.42 32.27
C VAL C 355 -22.99 68.38 33.36
N PHE C 356 -22.54 68.13 34.59
CA PHE C 356 -23.05 68.83 35.74
C PHE C 356 -21.96 69.68 36.48
N VAL C 357 -20.71 69.22 36.46
CA VAL C 357 -19.59 69.88 37.22
C VAL C 357 -18.33 70.00 36.35
N ARG C 358 -17.43 70.90 36.75
CA ARG C 358 -16.18 71.21 36.02
C ARG C 358 -15.31 72.05 36.99
N ASN C 359 -14.20 71.47 37.42
CA ASN C 359 -13.26 72.15 38.32
C ASN C 359 -14.00 72.71 39.53
N GLY C 360 -14.39 71.81 40.44
CA GLY C 360 -14.98 72.17 41.73
C GLY C 360 -16.38 72.79 41.70
N LYS C 361 -16.84 73.17 40.51
CA LYS C 361 -17.95 74.15 40.29
C LYS C 361 -19.10 73.63 39.41
N ALA C 362 -20.37 73.80 39.82
CA ALA C 362 -21.51 73.55 38.92
C ALA C 362 -21.35 74.20 37.55
N VAL C 363 -21.81 73.53 36.49
CA VAL C 363 -21.78 74.09 35.14
C VAL C 363 -23.14 74.76 34.82
N ALA D 2 23.45 -28.23 -34.34
CA ALA D 2 24.17 -29.05 -33.33
C ALA D 2 24.71 -28.14 -32.23
N GLN D 3 24.59 -28.57 -30.98
CA GLN D 3 25.16 -27.85 -29.81
C GLN D 3 26.70 -27.98 -29.72
N GLN D 4 27.32 -27.03 -29.02
CA GLN D 4 28.70 -27.19 -28.59
C GLN D 4 28.84 -27.15 -27.06
N THR D 5 29.88 -27.81 -26.55
CA THR D 5 30.19 -27.69 -25.14
C THR D 5 30.87 -26.32 -24.87
N PRO D 6 31.07 -25.98 -23.58
CA PRO D 6 31.84 -24.77 -23.36
C PRO D 6 33.33 -24.91 -23.79
N LEU D 7 33.80 -26.11 -24.11
CA LEU D 7 35.24 -26.34 -24.49
C LEU D 7 35.53 -26.18 -26.00
N TYR D 8 34.49 -25.83 -26.75
CA TYR D 8 34.55 -25.77 -28.20
C TYR D 8 35.75 -25.00 -28.74
N GLU D 9 35.93 -23.78 -28.24
CA GLU D 9 37.00 -22.95 -28.66
C GLU D 9 38.40 -23.46 -28.29
N GLN D 10 38.52 -23.99 -27.08
CA GLN D 10 39.74 -24.76 -26.71
C GLN D 10 39.99 -25.92 -27.69
N HIS D 11 38.96 -26.66 -28.09
CA HIS D 11 39.17 -27.79 -28.99
C HIS D 11 39.80 -27.32 -30.30
N THR D 12 39.24 -26.25 -30.85
CA THR D 12 39.78 -25.70 -32.10
C THR D 12 41.22 -25.16 -31.96
N LEU D 13 41.54 -24.51 -30.84
CA LEU D 13 42.90 -24.10 -30.51
C LEU D 13 43.88 -25.29 -30.39
N CYS D 14 43.36 -26.45 -29.98
CA CYS D 14 44.12 -27.68 -29.84
C CYS D 14 44.15 -28.52 -31.15
N GLY D 15 43.55 -28.00 -32.19
CA GLY D 15 43.73 -28.51 -33.56
C GLY D 15 42.68 -29.58 -33.82
N ALA D 16 41.50 -29.47 -33.19
CA ALA D 16 40.49 -30.52 -33.33
C ALA D 16 39.88 -30.54 -34.74
N ARG D 17 39.45 -31.73 -35.15
CA ARG D 17 38.65 -31.90 -36.34
C ARG D 17 37.28 -32.26 -35.76
N MET D 18 36.36 -31.32 -35.91
CA MET D 18 35.04 -31.34 -35.30
C MET D 18 34.03 -32.10 -36.14
N VAL D 19 33.26 -32.95 -35.48
CA VAL D 19 32.17 -33.69 -36.10
C VAL D 19 30.84 -33.48 -35.30
N ASP D 20 29.72 -33.60 -36.00
CA ASP D 20 28.45 -33.73 -35.30
C ASP D 20 28.31 -35.10 -34.61
N PHE D 21 28.34 -35.14 -33.28
CA PHE D 21 28.13 -36.37 -32.49
C PHE D 21 26.81 -36.23 -31.72
N HIS D 22 25.73 -36.80 -32.29
CA HIS D 22 24.35 -36.69 -31.70
C HIS D 22 23.96 -35.25 -31.43
N GLY D 23 24.09 -34.36 -32.41
CA GLY D 23 23.71 -32.97 -32.19
C GLY D 23 24.68 -32.19 -31.31
N TRP D 24 25.93 -32.67 -31.24
CA TRP D 24 26.98 -32.03 -30.49
C TRP D 24 28.23 -31.91 -31.37
N MET D 25 28.73 -30.70 -31.60
CA MET D 25 30.02 -30.54 -32.25
C MET D 25 31.16 -30.99 -31.30
N MET D 26 31.74 -32.16 -31.58
CA MET D 26 32.77 -32.75 -30.72
C MET D 26 34.03 -33.05 -31.57
N PRO D 27 35.22 -32.99 -30.94
CA PRO D 27 36.49 -33.43 -31.61
C PRO D 27 36.51 -34.91 -31.96
N LEU D 28 36.70 -35.23 -33.24
CA LEU D 28 36.88 -36.63 -33.60
C LEU D 28 38.31 -37.10 -33.21
N HIS D 29 39.26 -36.19 -33.44
CA HIS D 29 40.67 -36.33 -33.03
C HIS D 29 41.26 -34.91 -33.14
N TYR D 30 42.55 -34.79 -32.82
CA TYR D 30 43.22 -33.49 -32.89
C TYR D 30 44.48 -33.63 -33.80
N GLY D 31 44.41 -34.42 -34.87
CA GLY D 31 45.59 -34.57 -35.73
C GLY D 31 46.14 -35.98 -35.78
N SER D 32 46.04 -36.73 -34.70
CA SER D 32 46.47 -38.12 -34.70
C SER D 32 45.74 -38.98 -33.68
N GLN D 33 44.81 -39.79 -34.17
CA GLN D 33 44.08 -40.76 -33.35
C GLN D 33 45.01 -41.77 -32.73
N ILE D 34 46.08 -42.16 -33.46
CA ILE D 34 47.03 -43.13 -32.91
C ILE D 34 47.76 -42.64 -31.64
N ASP D 35 48.34 -41.46 -31.72
CA ASP D 35 49.05 -40.79 -30.62
C ASP D 35 48.09 -40.54 -29.43
N GLU D 36 46.80 -40.30 -29.73
CA GLU D 36 45.81 -40.06 -28.63
C GLU D 36 45.61 -41.34 -27.88
N HIS D 37 45.37 -42.41 -28.65
CA HIS D 37 45.27 -43.74 -28.11
C HIS D 37 46.52 -44.04 -27.26
N HIS D 38 47.68 -43.85 -27.85
CA HIS D 38 48.95 -44.13 -27.15
C HIS D 38 49.08 -43.32 -25.81
N ALA D 39 48.63 -42.07 -25.84
CA ALA D 39 48.77 -41.18 -24.68
C ALA D 39 48.00 -41.73 -23.52
N VAL D 40 46.81 -42.28 -23.79
CA VAL D 40 45.98 -42.84 -22.74
C VAL D 40 46.53 -44.13 -22.20
N ARG D 41 47.03 -44.97 -23.09
CA ARG D 41 47.62 -46.22 -22.67
C ARG D 41 48.96 -46.04 -21.94
N THR D 42 49.70 -44.99 -22.26
CA THR D 42 51.10 -44.87 -21.72
C THR D 42 51.37 -43.67 -20.79
N ASP D 43 50.45 -42.72 -20.69
CA ASP D 43 50.79 -41.53 -19.95
C ASP D 43 49.50 -40.85 -19.43
N ALA D 44 48.98 -39.90 -20.20
CA ALA D 44 47.72 -39.16 -19.89
C ALA D 44 47.09 -38.48 -21.08
N GLY D 45 45.77 -38.70 -21.21
CA GLY D 45 45.02 -38.05 -22.30
C GLY D 45 43.70 -37.59 -21.68
N MET D 46 43.03 -36.66 -22.33
CA MET D 46 41.72 -36.26 -21.77
C MET D 46 40.64 -36.04 -22.82
N PHE D 47 39.40 -36.21 -22.35
CA PHE D 47 38.27 -36.12 -23.20
C PHE D 47 37.24 -35.12 -22.63
N ASP D 48 36.74 -34.23 -23.48
CA ASP D 48 35.52 -33.46 -23.19
C ASP D 48 34.33 -34.41 -23.10
N VAL D 49 33.81 -34.60 -21.92
CA VAL D 49 32.56 -35.36 -21.81
C VAL D 49 31.41 -34.50 -21.27
N SER D 50 31.49 -33.21 -21.53
CA SER D 50 30.46 -32.26 -21.06
C SER D 50 29.11 -32.46 -21.74
N HIS D 51 29.07 -33.32 -22.76
CA HIS D 51 27.83 -33.63 -23.49
C HIS D 51 27.03 -34.70 -22.74
N MET D 52 27.59 -35.25 -21.66
CA MET D 52 26.85 -36.17 -20.82
C MET D 52 25.93 -35.36 -19.86
N THR D 53 24.98 -36.04 -19.26
CA THR D 53 24.03 -35.29 -18.46
C THR D 53 24.13 -35.79 -17.04
N ILE D 54 24.29 -34.87 -16.10
CA ILE D 54 24.33 -35.16 -14.68
C ILE D 54 22.99 -34.80 -14.00
N VAL D 55 22.48 -35.75 -13.23
CA VAL D 55 21.19 -35.60 -12.60
C VAL D 55 21.31 -35.78 -11.09
N ASP D 56 21.02 -34.74 -10.33
CA ASP D 56 20.96 -34.89 -8.86
C ASP D 56 19.56 -35.20 -8.32
N LEU D 57 19.45 -36.15 -7.38
CA LEU D 57 18.15 -36.54 -6.91
C LEU D 57 18.14 -36.41 -5.39
N ARG D 58 17.19 -35.65 -4.84
CA ARG D 58 17.16 -35.44 -3.41
CA ARG D 58 17.12 -35.41 -3.42
C ARG D 58 15.76 -35.71 -2.82
N GLY D 59 15.73 -36.32 -1.63
CA GLY D 59 14.45 -36.46 -0.93
C GLY D 59 14.43 -37.84 -0.25
N SER D 60 13.50 -38.00 0.66
CA SER D 60 13.50 -39.13 1.55
C SER D 60 13.12 -40.44 0.87
N ARG D 61 12.56 -40.37 -0.33
CA ARG D 61 12.23 -41.60 -1.05
C ARG D 61 13.15 -41.81 -2.27
N THR D 62 14.23 -41.05 -2.38
CA THR D 62 15.16 -41.27 -3.48
C THR D 62 15.72 -42.71 -3.57
N ARG D 63 16.20 -43.22 -2.43
CA ARG D 63 16.79 -44.57 -2.37
C ARG D 63 15.72 -45.56 -2.80
N GLU D 64 14.54 -45.43 -2.22
CA GLU D 64 13.42 -46.31 -2.57
C GLU D 64 13.07 -46.28 -4.09
N PHE D 65 13.01 -45.07 -4.65
CA PHE D 65 12.78 -44.90 -6.10
C PHE D 65 13.83 -45.62 -6.94
N LEU D 66 15.08 -45.49 -6.57
CA LEU D 66 16.15 -46.01 -7.42
C LEU D 66 16.22 -47.56 -7.31
N ARG D 67 15.75 -48.09 -6.20
CA ARG D 67 15.73 -49.53 -6.00
C ARG D 67 14.66 -50.21 -6.89
N TYR D 68 13.62 -49.45 -7.23
CA TYR D 68 12.62 -49.84 -8.23
C TYR D 68 13.08 -49.50 -9.68
N LEU D 69 13.72 -48.36 -9.85
CA LEU D 69 14.10 -47.92 -11.18
C LEU D 69 15.18 -48.80 -11.86
N LEU D 70 16.21 -49.18 -11.09
CA LEU D 70 17.43 -49.69 -11.69
C LEU D 70 17.54 -51.16 -11.43
N ALA D 71 18.22 -51.86 -12.33
CA ALA D 71 18.35 -53.33 -12.24
C ALA D 71 19.45 -53.74 -11.24
N ASN D 72 20.51 -52.92 -11.11
CA ASN D 72 21.46 -53.07 -9.99
C ASN D 72 20.77 -52.52 -8.78
N ASP D 73 21.38 -52.69 -7.61
CA ASP D 73 20.72 -52.37 -6.38
C ASP D 73 21.51 -51.30 -5.66
N VAL D 74 20.95 -50.08 -5.61
CA VAL D 74 21.72 -48.99 -4.91
C VAL D 74 21.80 -49.24 -3.40
N ALA D 75 21.04 -50.20 -2.86
CA ALA D 75 21.28 -50.57 -1.45
C ALA D 75 22.69 -51.07 -1.13
N LYS D 76 23.46 -51.43 -2.17
CA LYS D 76 24.84 -51.87 -2.02
C LYS D 76 25.80 -50.69 -1.78
N LEU D 77 25.32 -49.47 -2.01
CA LEU D 77 26.14 -48.28 -1.77
C LEU D 77 25.93 -47.79 -0.34
N THR D 78 26.94 -47.94 0.53
CA THR D 78 26.79 -47.57 1.94
C THR D 78 27.92 -46.68 2.40
N LYS D 79 28.93 -46.51 1.54
CA LYS D 79 30.04 -45.59 1.83
C LYS D 79 29.84 -44.29 1.02
N SER D 80 29.99 -43.12 1.64
CA SER D 80 29.67 -41.84 1.02
C SER D 80 30.50 -41.67 -0.24
N GLY D 81 29.86 -41.35 -1.35
CA GLY D 81 30.65 -41.15 -2.60
C GLY D 81 30.71 -42.34 -3.55
N LYS D 82 30.33 -43.50 -3.04
CA LYS D 82 30.50 -44.75 -3.78
C LYS D 82 29.54 -44.83 -4.95
N ALA D 83 29.98 -45.40 -6.04
CA ALA D 83 29.21 -45.43 -7.29
C ALA D 83 29.05 -46.86 -7.76
N LEU D 84 28.02 -47.11 -8.55
CA LEU D 84 27.92 -48.39 -9.28
C LEU D 84 27.45 -48.14 -10.72
N TYR D 85 27.54 -49.19 -11.53
CA TYR D 85 27.17 -49.12 -12.92
C TYR D 85 25.84 -49.88 -12.97
N SER D 86 24.85 -49.35 -13.71
CA SER D 86 23.55 -50.02 -13.75
C SER D 86 22.83 -49.82 -15.04
N GLY D 87 22.15 -50.87 -15.47
CA GLY D 87 21.18 -50.71 -16.52
C GLY D 87 19.95 -50.04 -15.92
N MET D 88 19.28 -49.32 -16.80
CA MET D 88 17.96 -48.82 -16.46
C MET D 88 17.08 -49.40 -17.58
N LEU D 89 16.08 -50.17 -17.20
CA LEU D 89 15.40 -51.06 -18.23
C LEU D 89 13.93 -50.70 -18.33
N ASN D 90 13.28 -51.01 -19.46
CA ASN D 90 11.82 -51.09 -19.46
C ASN D 90 11.31 -52.50 -19.07
N ALA D 91 9.98 -52.67 -18.92
CA ALA D 91 9.51 -53.97 -18.33
C ALA D 91 9.65 -55.16 -19.32
N SER D 92 10.18 -54.91 -20.51
CA SER D 92 10.63 -56.03 -21.43
C SER D 92 12.03 -56.61 -21.05
N GLY D 93 12.74 -55.91 -20.19
CA GLY D 93 14.15 -56.19 -19.93
C GLY D 93 15.04 -55.35 -20.81
N GLY D 94 14.50 -54.72 -21.85
CA GLY D 94 15.31 -53.99 -22.84
C GLY D 94 15.96 -52.79 -22.15
N VAL D 95 17.14 -52.44 -22.66
CA VAL D 95 17.96 -51.40 -21.99
C VAL D 95 17.65 -50.04 -22.50
N ILE D 96 17.22 -49.18 -21.57
CA ILE D 96 16.98 -47.77 -21.88
C ILE D 96 18.30 -46.99 -21.84
N ASP D 97 19.10 -47.24 -20.82
CA ASP D 97 20.47 -46.70 -20.80
C ASP D 97 21.29 -47.54 -19.85
N ASN D 98 22.61 -47.46 -19.94
CA ASN D 98 23.49 -47.92 -18.87
C ASN D 98 23.99 -46.69 -18.18
N LEU D 99 23.95 -46.64 -16.87
CA LEU D 99 24.39 -45.36 -16.28
C LEU D 99 25.22 -45.61 -15.06
N ILE D 100 25.81 -44.55 -14.53
CA ILE D 100 26.52 -44.60 -13.27
C ILE D 100 25.72 -43.84 -12.21
N VAL D 101 25.61 -44.40 -11.02
CA VAL D 101 24.91 -43.75 -9.94
C VAL D 101 25.86 -43.65 -8.73
N TYR D 102 25.91 -42.46 -8.14
CA TYR D 102 26.65 -42.16 -6.90
C TYR D 102 25.74 -42.01 -5.74
N TYR D 103 26.14 -42.58 -4.61
CA TYR D 103 25.43 -42.44 -3.32
C TYR D 103 26.19 -41.37 -2.48
N PHE D 104 25.48 -40.32 -2.01
CA PHE D 104 26.07 -39.33 -1.14
C PHE D 104 25.48 -39.50 0.25
N THR D 105 24.17 -39.58 0.33
CA THR D 105 23.50 -39.83 1.62
C THR D 105 22.32 -40.63 1.23
N GLU D 106 21.55 -41.10 2.22
CA GLU D 106 20.38 -41.95 1.96
C GLU D 106 19.34 -41.24 1.08
N ASP D 107 19.34 -39.91 1.17
CA ASP D 107 18.40 -39.00 0.54
C ASP D 107 19.04 -38.14 -0.58
N PHE D 108 20.22 -38.54 -1.06
CA PHE D 108 20.91 -37.72 -2.08
C PHE D 108 21.81 -38.61 -2.96
N PHE D 109 21.42 -38.74 -4.22
CA PHE D 109 22.16 -39.59 -5.21
C PHE D 109 22.39 -38.74 -6.45
N ARG D 110 23.35 -39.12 -7.27
CA ARG D 110 23.60 -38.52 -8.54
C ARG D 110 23.64 -39.57 -9.66
N LEU D 111 23.02 -39.30 -10.82
CA LEU D 111 23.12 -40.21 -11.98
C LEU D 111 23.90 -39.50 -13.02
N VAL D 112 24.68 -40.25 -13.79
CA VAL D 112 25.34 -39.62 -14.91
C VAL D 112 24.92 -40.45 -16.13
N VAL D 113 24.34 -39.78 -17.12
CA VAL D 113 23.81 -40.49 -18.27
C VAL D 113 24.40 -40.02 -19.59
N ASN D 114 24.25 -40.84 -20.63
CA ASN D 114 24.87 -40.55 -21.91
C ASN D 114 24.25 -39.43 -22.71
N SER D 115 25.02 -38.84 -23.62
CA SER D 115 24.51 -37.77 -24.48
C SER D 115 23.34 -38.17 -25.37
N ALA D 116 23.43 -39.31 -26.04
CA ALA D 116 22.51 -39.69 -27.11
C ALA D 116 21.17 -39.99 -26.51
N THR D 117 21.20 -40.42 -25.25
CA THR D 117 20.02 -40.87 -24.55
C THR D 117 19.45 -39.83 -23.53
N ARG D 118 20.03 -38.63 -23.46
CA ARG D 118 19.60 -37.63 -22.49
C ARG D 118 18.03 -37.44 -22.39
N GLU D 119 17.41 -37.06 -23.52
CA GLU D 119 15.96 -36.62 -23.46
C GLU D 119 15.10 -37.78 -23.12
N LYS D 120 15.38 -38.92 -23.75
CA LYS D 120 14.70 -40.17 -23.41
C LYS D 120 14.81 -40.53 -21.93
N ASP D 121 16.03 -40.47 -21.40
CA ASP D 121 16.25 -40.91 -20.02
C ASP D 121 15.54 -39.93 -19.09
N LEU D 122 15.68 -38.64 -19.37
CA LEU D 122 15.05 -37.61 -18.51
C LEU D 122 13.53 -37.79 -18.50
N SER D 123 12.89 -38.09 -19.67
CA SER D 123 11.39 -38.28 -19.66
C SER D 123 11.09 -39.52 -18.84
N TRP D 124 11.89 -40.57 -19.03
CA TRP D 124 11.67 -41.81 -18.26
C TRP D 124 11.78 -41.57 -16.73
N ILE D 125 12.80 -40.80 -16.36
CA ILE D 125 13.11 -40.59 -14.95
C ILE D 125 12.03 -39.69 -14.36
N THR D 126 11.71 -38.59 -15.00
CA THR D 126 10.73 -37.62 -14.40
C THR D 126 9.36 -38.29 -14.27
N GLN D 127 9.00 -39.10 -15.27
CA GLN D 127 7.69 -39.73 -15.23
C GLN D 127 7.66 -40.73 -14.07
N HIS D 128 8.67 -41.58 -13.98
CA HIS D 128 8.67 -42.59 -12.89
C HIS D 128 8.97 -42.06 -11.50
N ALA D 129 9.73 -40.96 -11.44
CA ALA D 129 10.05 -40.38 -10.09
C ALA D 129 8.84 -39.61 -9.49
N GLU D 130 7.96 -39.09 -10.35
CA GLU D 130 6.90 -38.21 -9.83
C GLU D 130 6.16 -38.68 -8.56
N PRO D 131 5.60 -39.91 -8.55
CA PRO D 131 4.95 -40.28 -7.26
C PRO D 131 5.86 -40.33 -6.03
N PHE D 132 7.19 -40.42 -6.20
CA PHE D 132 8.07 -40.41 -5.05
C PHE D 132 8.42 -39.03 -4.49
N GLY D 133 7.93 -37.96 -5.13
CA GLY D 133 8.17 -36.63 -4.56
C GLY D 133 9.62 -36.22 -4.40
N ILE D 134 10.42 -36.49 -5.42
CA ILE D 134 11.86 -36.28 -5.39
C ILE D 134 12.20 -34.93 -6.06
N GLU D 135 13.18 -34.20 -5.51
CA GLU D 135 13.68 -33.01 -6.17
C GLU D 135 14.70 -33.49 -7.19
N ILE D 136 14.44 -33.20 -8.46
CA ILE D 136 15.24 -33.72 -9.55
C ILE D 136 15.95 -32.57 -10.24
N THR D 137 17.30 -32.55 -10.25
CA THR D 137 18.00 -31.39 -10.80
C THR D 137 18.85 -31.85 -11.99
N VAL D 138 18.63 -31.22 -13.12
CA VAL D 138 19.50 -31.47 -14.28
C VAL D 138 20.63 -30.51 -14.21
N ARG D 139 21.85 -31.03 -14.06
CA ARG D 139 23.04 -30.18 -13.84
C ARG D 139 23.72 -29.70 -15.13
N ASP D 140 22.99 -28.99 -16.00
CA ASP D 140 23.52 -28.55 -17.27
C ASP D 140 24.45 -27.42 -17.05
N ASP D 141 24.51 -26.94 -15.82
CA ASP D 141 25.48 -25.91 -15.37
C ASP D 141 26.90 -26.44 -15.19
N LEU D 142 27.08 -27.75 -15.34
CA LEU D 142 28.36 -28.41 -15.10
C LEU D 142 28.91 -28.93 -16.44
N SER D 143 30.24 -28.77 -16.65
CA SER D 143 30.98 -29.47 -17.73
C SER D 143 31.73 -30.61 -17.04
N MET D 144 32.46 -31.43 -17.82
CA MET D 144 33.08 -32.64 -17.26
C MET D 144 34.17 -33.06 -18.23
N ILE D 145 35.34 -33.32 -17.64
CA ILE D 145 36.53 -33.69 -18.42
C ILE D 145 36.95 -35.02 -17.85
N ALA D 146 37.19 -35.99 -18.75
CA ALA D 146 37.65 -37.28 -18.29
C ALA D 146 39.20 -37.33 -18.53
N VAL D 147 39.99 -37.54 -17.45
CA VAL D 147 41.46 -37.53 -17.50
C VAL D 147 41.90 -38.97 -17.22
N GLN D 148 42.66 -39.58 -18.14
CA GLN D 148 42.77 -41.06 -18.15
C GLN D 148 44.17 -41.45 -18.56
N GLY D 149 44.65 -42.48 -17.93
CA GLY D 149 46.01 -43.00 -18.27
C GLY D 149 46.78 -43.13 -16.97
N PRO D 150 47.92 -43.83 -17.00
CA PRO D 150 48.61 -44.14 -15.74
C PRO D 150 49.16 -42.92 -14.96
N ASN D 151 49.44 -41.83 -15.66
CA ASN D 151 49.85 -40.59 -14.99
C ASN D 151 48.72 -39.52 -14.90
N ALA D 152 47.52 -39.89 -15.31
CA ALA D 152 46.40 -38.91 -15.32
C ALA D 152 46.09 -38.38 -13.93
N GLN D 153 45.94 -39.25 -12.95
CA GLN D 153 45.53 -38.80 -11.65
C GLN D 153 46.55 -37.84 -11.01
N ALA D 154 47.84 -38.18 -11.10
CA ALA D 154 48.97 -37.31 -10.65
C ALA D 154 48.97 -35.98 -11.37
N LYS D 155 48.88 -35.96 -12.71
CA LYS D 155 48.90 -34.69 -13.41
C LYS D 155 47.69 -33.83 -13.04
N ALA D 156 46.50 -34.41 -12.96
CA ALA D 156 45.32 -33.59 -12.63
C ALA D 156 45.52 -33.10 -11.20
N ALA D 157 46.05 -33.94 -10.27
CA ALA D 157 46.16 -33.51 -8.87
C ALA D 157 47.12 -32.34 -8.65
N THR D 158 48.05 -32.09 -9.58
CA THR D 158 48.89 -30.89 -9.49
C THR D 158 48.11 -29.60 -9.62
N LEU D 159 46.87 -29.68 -10.11
CA LEU D 159 46.04 -28.49 -10.37
C LEU D 159 44.95 -28.32 -9.34
N PHE D 160 44.87 -29.26 -8.41
CA PHE D 160 44.00 -29.14 -7.27
C PHE D 160 44.57 -28.17 -6.25
N ASN D 161 43.73 -27.73 -5.30
CA ASN D 161 44.25 -27.15 -4.05
C ASN D 161 44.44 -28.24 -3.00
N ASP D 162 44.98 -27.89 -1.83
CA ASP D 162 45.20 -28.89 -0.77
C ASP D 162 43.94 -29.67 -0.34
N ALA D 163 42.82 -28.97 -0.19
CA ALA D 163 41.57 -29.64 0.25
C ALA D 163 41.08 -30.61 -0.87
N GLN D 164 41.28 -30.24 -2.11
CA GLN D 164 40.96 -31.19 -3.20
C GLN D 164 41.86 -32.44 -3.16
N ARG D 165 43.17 -32.25 -3.05
CA ARG D 165 44.11 -33.39 -3.00
C ARG D 165 43.82 -34.31 -1.79
N GLN D 166 43.49 -33.71 -0.66
CA GLN D 166 43.14 -34.45 0.55
C GLN D 166 41.85 -35.27 0.38
N ALA D 167 40.83 -34.63 -0.21
CA ALA D 167 39.56 -35.28 -0.49
C ALA D 167 39.77 -36.58 -1.28
N VAL D 168 40.70 -36.58 -2.22
CA VAL D 168 40.86 -37.75 -3.07
C VAL D 168 42.06 -38.64 -2.70
N GLU D 169 42.72 -38.31 -1.60
CA GLU D 169 43.91 -39.05 -1.22
C GLU D 169 43.55 -40.52 -0.92
N GLY D 170 44.20 -41.42 -1.65
CA GLY D 170 43.98 -42.87 -1.54
C GLY D 170 42.62 -43.31 -2.08
N MET D 171 41.95 -42.47 -2.88
CA MET D 171 40.55 -42.74 -3.18
C MET D 171 40.46 -44.02 -4.03
N LYS D 172 39.62 -44.96 -3.57
CA LYS D 172 39.33 -46.25 -4.29
C LYS D 172 38.55 -46.11 -5.60
N PRO D 173 38.68 -47.09 -6.54
CA PRO D 173 37.95 -46.97 -7.82
C PRO D 173 36.46 -46.75 -7.59
N PHE D 174 35.78 -46.06 -8.50
CA PHE D 174 34.32 -45.89 -8.37
C PHE D 174 33.82 -45.20 -7.11
N PHE D 175 34.43 -44.03 -6.83
CA PHE D 175 33.99 -43.11 -5.79
C PHE D 175 33.96 -41.76 -6.44
N GLY D 176 33.09 -40.89 -5.94
CA GLY D 176 33.02 -39.54 -6.44
C GLY D 176 32.95 -38.62 -5.24
N VAL D 177 33.66 -37.49 -5.28
CA VAL D 177 33.58 -36.55 -4.12
C VAL D 177 33.61 -35.10 -4.56
N GLN D 178 32.79 -34.27 -3.88
CA GLN D 178 32.74 -32.85 -4.17
C GLN D 178 33.75 -32.18 -3.29
N ALA D 179 34.59 -31.35 -3.90
CA ALA D 179 35.59 -30.60 -3.15
C ALA D 179 35.73 -29.24 -3.75
N GLY D 180 35.13 -28.24 -3.12
CA GLY D 180 35.01 -26.91 -3.76
C GLY D 180 34.17 -27.07 -5.02
N ASP D 181 34.62 -26.46 -6.11
CA ASP D 181 33.77 -26.53 -7.29
CA ASP D 181 33.87 -26.45 -7.35
C ASP D 181 34.14 -27.69 -8.20
N LEU D 182 34.97 -28.62 -7.72
CA LEU D 182 35.24 -29.85 -8.47
C LEU D 182 34.51 -31.04 -7.89
N PHE D 183 33.86 -31.81 -8.76
CA PHE D 183 33.39 -33.13 -8.41
C PHE D 183 34.35 -34.12 -9.06
N ILE D 184 35.06 -34.89 -8.25
CA ILE D 184 36.19 -35.69 -8.75
C ILE D 184 35.86 -37.16 -8.51
N ALA D 185 35.83 -37.93 -9.60
CA ALA D 185 35.41 -39.31 -9.49
C ALA D 185 36.46 -40.26 -10.10
N THR D 186 36.75 -41.35 -9.44
CA THR D 186 37.66 -42.35 -10.03
C THR D 186 36.83 -43.29 -10.93
N THR D 187 36.49 -42.76 -12.09
CA THR D 187 35.73 -43.51 -13.04
C THR D 187 36.39 -43.30 -14.43
N GLY D 188 36.03 -44.14 -15.39
CA GLY D 188 36.50 -43.83 -16.73
C GLY D 188 35.96 -44.84 -17.75
N TYR D 189 36.24 -44.56 -18.99
CA TYR D 189 35.75 -45.37 -20.13
C TYR D 189 36.93 -45.96 -20.99
N THR D 190 38.08 -46.21 -20.36
CA THR D 190 39.31 -46.45 -21.17
C THR D 190 40.01 -47.75 -20.78
N GLY D 191 39.68 -48.29 -19.61
CA GLY D 191 40.45 -49.37 -19.00
C GLY D 191 41.73 -48.91 -18.28
N GLU D 192 41.95 -47.59 -18.16
CA GLU D 192 43.09 -47.04 -17.38
C GLU D 192 42.57 -46.39 -16.12
N ALA D 193 43.50 -46.08 -15.21
CA ALA D 193 43.16 -45.25 -14.04
C ALA D 193 42.89 -43.85 -14.55
N GLY D 194 42.45 -42.99 -13.65
CA GLY D 194 42.04 -41.69 -14.10
C GLY D 194 40.94 -41.07 -13.29
N TYR D 195 40.57 -39.84 -13.69
CA TYR D 195 39.44 -39.15 -13.03
C TYR D 195 38.44 -38.67 -14.05
N GLU D 196 37.19 -38.57 -13.62
CA GLU D 196 36.26 -37.75 -14.38
C GLU D 196 35.90 -36.59 -13.44
N ILE D 197 36.01 -35.39 -13.96
CA ILE D 197 35.91 -34.20 -13.12
C ILE D 197 34.84 -33.30 -13.65
N ALA D 198 33.78 -33.05 -12.84
CA ALA D 198 32.73 -32.13 -13.24
C ALA D 198 32.97 -30.81 -12.54
N LEU D 199 32.70 -29.71 -13.22
CA LEU D 199 32.95 -28.36 -12.65
C LEU D 199 32.14 -27.36 -13.43
N PRO D 200 31.99 -26.13 -12.88
CA PRO D 200 31.08 -25.19 -13.53
C PRO D 200 31.48 -24.93 -15.00
N ASN D 201 30.51 -24.75 -15.90
CA ASN D 201 30.83 -24.40 -17.30
C ASN D 201 31.81 -23.23 -17.45
N GLU D 202 31.65 -22.21 -16.62
CA GLU D 202 32.47 -21.04 -16.73
C GLU D 202 33.95 -21.27 -16.34
N LYS D 203 34.27 -22.42 -15.71
CA LYS D 203 35.64 -22.76 -15.26
C LYS D 203 36.29 -23.79 -16.20
N ALA D 204 35.50 -24.38 -17.08
CA ALA D 204 35.96 -25.54 -17.82
C ALA D 204 37.13 -25.21 -18.77
N ALA D 205 37.07 -24.09 -19.50
CA ALA D 205 38.20 -23.76 -20.40
C ALA D 205 39.54 -23.57 -19.62
N ASP D 206 39.47 -22.93 -18.45
CA ASP D 206 40.71 -22.68 -17.65
C ASP D 206 41.29 -24.01 -17.19
N PHE D 207 40.43 -24.92 -16.73
CA PHE D 207 40.91 -26.20 -16.24
C PHE D 207 41.51 -27.00 -17.39
N TRP D 208 40.84 -26.92 -18.54
CA TRP D 208 41.36 -27.53 -19.79
C TRP D 208 42.72 -26.97 -20.17
N ARG D 209 42.86 -25.64 -20.24
CA ARG D 209 44.18 -25.07 -20.43
C ARG D 209 45.21 -25.63 -19.42
N ALA D 210 44.87 -25.67 -18.12
CA ALA D 210 45.79 -26.18 -17.06
C ALA D 210 46.22 -27.61 -17.36
N LEU D 211 45.24 -28.44 -17.71
CA LEU D 211 45.49 -29.83 -18.05
C LEU D 211 46.42 -30.00 -19.25
N VAL D 212 46.25 -29.23 -20.31
CA VAL D 212 47.13 -29.30 -21.49
C VAL D 212 48.61 -28.98 -21.05
N GLU D 213 48.75 -27.86 -20.37
CA GLU D 213 50.07 -27.44 -19.92
C GLU D 213 50.71 -28.53 -19.08
N ALA D 214 49.92 -29.16 -18.19
CA ALA D 214 50.44 -30.21 -17.31
C ALA D 214 50.80 -31.55 -17.98
N GLY D 215 50.66 -31.62 -19.29
CA GLY D 215 51.13 -32.84 -20.07
C GLY D 215 49.98 -33.81 -20.31
N VAL D 216 48.72 -33.32 -20.24
CA VAL D 216 47.60 -34.24 -20.46
C VAL D 216 47.16 -33.95 -21.92
N LYS D 217 47.29 -34.95 -22.79
CA LYS D 217 47.01 -34.79 -24.19
C LYS D 217 45.50 -34.77 -24.52
N PRO D 218 45.04 -33.80 -25.30
CA PRO D 218 43.66 -33.84 -25.81
C PRO D 218 43.41 -35.04 -26.71
N CYS D 219 42.35 -35.77 -26.42
CA CYS D 219 41.96 -36.98 -27.19
C CYS D 219 40.50 -36.90 -27.67
N GLY D 220 40.23 -37.42 -28.89
CA GLY D 220 38.96 -37.23 -29.54
C GLY D 220 38.07 -38.47 -29.42
N LEU D 221 36.84 -38.42 -30.01
CA LEU D 221 35.92 -39.59 -30.08
C LEU D 221 36.50 -40.86 -30.73
N GLY D 222 37.41 -40.66 -31.68
CA GLY D 222 38.01 -41.81 -32.39
C GLY D 222 38.72 -42.70 -31.41
N ALA D 223 39.69 -42.10 -30.72
CA ALA D 223 40.44 -42.81 -29.71
C ALA D 223 39.56 -43.27 -28.58
N ARG D 224 38.56 -42.46 -28.22
CA ARG D 224 37.69 -42.85 -27.13
C ARG D 224 37.02 -44.17 -27.46
N ASP D 225 36.54 -44.25 -28.70
CA ASP D 225 35.86 -45.51 -29.09
C ASP D 225 36.84 -46.70 -29.08
N THR D 226 38.05 -46.54 -29.66
CA THR D 226 39.03 -47.65 -29.63
C THR D 226 39.41 -48.11 -28.23
N LEU D 227 39.67 -47.15 -27.32
CA LEU D 227 40.05 -47.46 -25.98
C LEU D 227 38.97 -48.16 -25.21
N ARG D 228 37.71 -47.71 -25.32
CA ARG D 228 36.65 -48.36 -24.52
C ARG D 228 36.41 -49.76 -25.08
N LEU D 229 36.55 -49.88 -26.40
CA LEU D 229 36.27 -51.23 -27.02
C LEU D 229 37.33 -52.24 -26.59
N GLU D 230 38.61 -51.82 -26.63
CA GLU D 230 39.71 -52.59 -26.04
C GLU D 230 39.42 -52.95 -24.60
N ALA D 231 38.78 -52.02 -23.88
CA ALA D 231 38.50 -52.28 -22.49
C ALA D 231 37.25 -53.14 -22.27
N GLY D 232 36.55 -53.52 -23.35
CA GLY D 232 35.40 -54.42 -23.13
C GLY D 232 34.17 -53.71 -22.54
N MET D 233 34.08 -52.39 -22.73
CA MET D 233 32.95 -51.58 -22.21
C MET D 233 31.93 -51.29 -23.30
N ASN D 234 30.65 -51.35 -22.91
CA ASN D 234 29.55 -51.19 -23.90
C ASN D 234 29.41 -49.79 -24.40
N LEU D 235 28.99 -49.66 -25.65
CA LEU D 235 28.49 -48.40 -26.12
C LEU D 235 27.00 -48.58 -26.33
N TYR D 236 26.20 -47.79 -25.63
CA TYR D 236 24.74 -47.82 -25.86
C TYR D 236 24.41 -47.60 -27.31
N GLY D 237 23.48 -48.39 -27.83
CA GLY D 237 23.08 -48.21 -29.24
C GLY D 237 23.80 -49.25 -30.10
N GLN D 238 24.89 -49.77 -29.61
CA GLN D 238 25.69 -50.82 -30.33
C GLN D 238 25.66 -52.13 -29.54
N GLU D 239 26.21 -52.20 -28.34
CA GLU D 239 26.08 -53.41 -27.57
C GLU D 239 24.67 -53.69 -27.04
N MET D 240 23.86 -52.65 -26.86
CA MET D 240 22.49 -52.86 -26.35
C MET D 240 21.65 -51.63 -26.66
N ASP D 241 20.35 -51.85 -26.59
CA ASP D 241 19.36 -50.76 -26.67
C ASP D 241 18.05 -51.34 -26.18
N GLU D 242 16.91 -50.67 -26.53
CA GLU D 242 15.64 -51.12 -26.01
C GLU D 242 15.28 -52.51 -26.50
N THR D 243 15.97 -53.01 -27.53
CA THR D 243 15.57 -54.31 -28.09
C THR D 243 16.46 -55.40 -27.52
N ILE D 244 17.46 -55.02 -26.72
CA ILE D 244 18.45 -55.99 -26.29
C ILE D 244 18.40 -56.17 -24.74
N SER D 245 18.28 -57.42 -24.26
CA SER D 245 18.35 -57.64 -22.84
C SER D 245 19.79 -57.42 -22.29
N PRO D 246 19.92 -56.89 -21.07
CA PRO D 246 21.28 -56.73 -20.53
C PRO D 246 22.01 -58.08 -20.46
N LEU D 247 21.25 -59.17 -20.31
CA LEU D 247 21.86 -60.54 -20.27
C LEU D 247 22.63 -60.87 -21.53
N ALA D 248 22.17 -60.34 -22.67
CA ALA D 248 22.88 -60.49 -23.97
C ALA D 248 23.91 -59.42 -24.28
N ALA D 249 24.26 -58.54 -23.32
CA ALA D 249 25.16 -57.46 -23.62
C ALA D 249 26.26 -57.37 -22.54
N ASN D 250 26.51 -58.49 -21.88
CA ASN D 250 27.50 -58.66 -20.86
C ASN D 250 27.21 -57.71 -19.68
N MET D 251 25.92 -57.53 -19.37
CA MET D 251 25.55 -56.67 -18.24
C MET D 251 25.01 -57.51 -17.13
N GLY D 252 25.08 -58.83 -17.27
CA GLY D 252 24.55 -59.69 -16.21
C GLY D 252 25.15 -59.49 -14.83
N TRP D 253 26.44 -59.14 -14.82
CA TRP D 253 27.17 -58.94 -13.59
C TRP D 253 26.67 -57.68 -12.85
N THR D 254 25.90 -56.82 -13.53
CA THR D 254 25.29 -55.61 -12.90
C THR D 254 23.87 -55.83 -12.41
N ILE D 255 23.34 -57.05 -12.59
CA ILE D 255 21.95 -57.28 -12.18
C ILE D 255 22.00 -57.76 -10.77
N ALA D 256 21.34 -57.04 -9.86
CA ALA D 256 21.34 -57.43 -8.45
C ALA D 256 20.15 -58.30 -8.12
N TRP D 257 20.28 -59.62 -8.36
CA TRP D 257 19.11 -60.53 -8.23
C TRP D 257 18.57 -60.60 -6.82
N GLU D 258 19.47 -60.74 -5.84
CA GLU D 258 19.11 -60.79 -4.40
C GLU D 258 19.26 -59.39 -3.79
N PRO D 259 18.35 -58.97 -2.89
CA PRO D 259 17.28 -59.79 -2.37
C PRO D 259 16.18 -59.92 -3.41
N ALA D 260 15.56 -61.09 -3.43
CA ALA D 260 14.63 -61.47 -4.47
C ALA D 260 13.38 -60.62 -4.40
N ASP D 261 13.04 -60.16 -3.19
CA ASP D 261 11.83 -59.36 -2.97
C ASP D 261 11.95 -57.85 -3.36
N ARG D 262 13.06 -57.46 -3.96
CA ARG D 262 13.18 -56.09 -4.43
C ARG D 262 12.66 -56.05 -5.87
N ASP D 263 11.46 -55.57 -6.06
CA ASP D 263 10.98 -55.43 -7.43
C ASP D 263 11.66 -54.25 -8.17
N PHE D 264 12.00 -54.45 -9.45
CA PHE D 264 12.61 -53.39 -10.23
C PHE D 264 12.06 -53.57 -11.63
N ILE D 265 12.06 -52.47 -12.37
CA ILE D 265 11.47 -52.51 -13.67
C ILE D 265 12.31 -53.38 -14.58
N GLY D 266 11.63 -54.37 -15.15
CA GLY D 266 12.29 -55.38 -15.99
C GLY D 266 12.60 -56.74 -15.30
N ARG D 267 12.45 -56.84 -13.96
CA ARG D 267 12.90 -58.07 -13.20
C ARG D 267 12.17 -59.34 -13.71
N GLU D 268 10.85 -59.27 -13.85
CA GLU D 268 10.09 -60.49 -14.25
C GLU D 268 10.55 -60.97 -15.66
N ALA D 269 10.71 -60.03 -16.58
CA ALA D 269 11.24 -60.39 -17.90
C ALA D 269 12.66 -61.01 -17.80
N LEU D 270 13.54 -60.34 -17.07
CA LEU D 270 14.90 -60.91 -16.82
C LEU D 270 14.89 -62.28 -16.10
N GLU D 271 14.04 -62.48 -15.08
CA GLU D 271 14.01 -63.76 -14.38
C GLU D 271 13.76 -64.91 -15.42
N VAL D 272 12.76 -64.72 -16.29
CA VAL D 272 12.49 -65.70 -17.37
C VAL D 272 13.66 -65.92 -18.30
N GLN D 273 14.34 -64.86 -18.69
CA GLN D 273 15.48 -64.99 -19.57
C GLN D 273 16.63 -65.71 -18.91
N ARG D 274 16.77 -65.54 -17.60
CA ARG D 274 17.88 -66.12 -16.87
C ARG D 274 17.68 -67.63 -16.80
N GLU D 275 16.44 -68.02 -16.52
CA GLU D 275 16.13 -69.44 -16.44
C GLU D 275 16.31 -70.13 -17.77
N HIS D 276 15.92 -69.49 -18.85
CA HIS D 276 15.98 -70.18 -20.10
C HIS D 276 17.25 -69.97 -20.90
N GLY D 277 17.94 -68.86 -20.69
CA GLY D 277 19.19 -68.59 -21.42
C GLY D 277 19.07 -67.54 -22.51
N THR D 278 20.15 -66.81 -22.80
CA THR D 278 20.13 -65.81 -23.88
C THR D 278 21.35 -65.92 -24.72
N GLU D 279 21.38 -65.15 -25.80
CA GLU D 279 22.61 -64.84 -26.51
C GLU D 279 23.63 -64.23 -25.51
N LYS D 280 24.91 -64.19 -25.91
CA LYS D 280 26.01 -63.73 -25.07
C LYS D 280 26.85 -62.75 -25.87
N LEU D 281 27.41 -61.72 -25.21
CA LEU D 281 28.31 -60.81 -25.88
C LEU D 281 29.70 -61.42 -25.74
N VAL D 282 30.48 -61.53 -26.83
CA VAL D 282 31.84 -62.12 -26.73
C VAL D 282 32.78 -61.19 -27.46
N GLY D 283 34.10 -61.42 -27.36
CA GLY D 283 35.01 -60.70 -28.19
C GLY D 283 35.55 -61.54 -29.33
N LEU D 284 36.01 -60.86 -30.38
CA LEU D 284 36.54 -61.53 -31.55
C LEU D 284 37.90 -60.84 -31.90
N VAL D 285 38.86 -61.66 -32.32
CA VAL D 285 40.13 -61.11 -32.74
C VAL D 285 40.45 -61.61 -34.15
N MET D 286 40.74 -60.69 -35.06
CA MET D 286 41.04 -61.09 -36.45
C MET D 286 42.47 -60.65 -36.82
N THR D 287 43.33 -61.64 -37.10
CA THR D 287 44.77 -61.31 -37.40
C THR D 287 45.02 -60.93 -38.88
N GLU D 288 44.27 -61.56 -39.77
CA GLU D 288 44.40 -61.26 -41.19
C GLU D 288 43.79 -59.87 -41.41
N LYS D 289 44.07 -59.26 -42.57
CA LYS D 289 43.59 -57.91 -42.90
C LYS D 289 42.09 -57.85 -43.23
N GLY D 290 41.47 -56.68 -43.13
CA GLY D 290 40.01 -56.54 -43.26
C GLY D 290 39.48 -55.64 -42.14
N VAL D 291 38.29 -55.10 -42.31
CA VAL D 291 37.75 -54.11 -41.38
C VAL D 291 36.60 -54.76 -40.68
N LEU D 292 36.75 -55.07 -39.40
CA LEU D 292 35.63 -55.55 -38.58
C LEU D 292 34.63 -54.40 -38.31
N ARG D 293 33.49 -54.49 -38.97
CA ARG D 293 32.52 -53.39 -39.02
C ARG D 293 31.32 -53.78 -38.19
N ASN D 294 30.69 -52.76 -37.62
CA ASN D 294 29.42 -52.90 -36.93
C ASN D 294 28.48 -53.59 -37.91
N GLU D 295 27.75 -54.59 -37.42
CA GLU D 295 26.64 -55.26 -38.09
C GLU D 295 27.03 -56.43 -39.02
N LEU D 296 28.33 -56.78 -39.08
CA LEU D 296 28.75 -57.95 -39.85
C LEU D 296 28.28 -59.27 -39.23
N PRO D 297 27.84 -60.27 -40.09
CA PRO D 297 27.43 -61.58 -39.53
C PRO D 297 28.61 -62.29 -38.94
N VAL D 298 28.36 -63.06 -37.90
CA VAL D 298 29.33 -63.87 -37.25
C VAL D 298 28.68 -65.25 -37.28
N ARG D 299 29.43 -66.27 -37.71
CA ARG D 299 28.89 -67.64 -37.85
C ARG D 299 29.81 -68.61 -37.18
N PHE D 300 29.24 -69.63 -36.54
CA PHE D 300 30.01 -70.72 -36.00
C PHE D 300 29.19 -72.00 -36.04
N THR D 301 29.86 -73.12 -35.81
CA THR D 301 29.25 -74.44 -35.72
C THR D 301 29.46 -75.06 -34.33
N ASP D 302 28.43 -75.57 -33.68
CA ASP D 302 28.62 -75.96 -32.27
C ASP D 302 29.20 -77.38 -32.12
N ALA D 303 29.40 -77.78 -30.86
CA ALA D 303 29.92 -79.12 -30.55
C ALA D 303 29.23 -80.22 -31.37
N GLN D 304 27.90 -80.17 -31.51
CA GLN D 304 27.17 -81.22 -32.28
C GLN D 304 26.80 -80.91 -33.75
N GLY D 305 27.64 -80.16 -34.45
CA GLY D 305 27.43 -79.91 -35.88
C GLY D 305 26.39 -78.84 -36.23
N ASN D 306 25.74 -78.20 -35.25
CA ASN D 306 24.69 -77.19 -35.53
C ASN D 306 25.32 -75.84 -35.76
N GLN D 307 24.99 -75.22 -36.88
CA GLN D 307 25.58 -73.93 -37.14
C GLN D 307 24.67 -72.79 -36.62
N HIS D 308 25.28 -71.70 -36.14
CA HIS D 308 24.56 -70.56 -35.55
C HIS D 308 25.05 -69.24 -36.16
N GLU D 309 24.26 -68.18 -36.02
CA GLU D 309 24.64 -66.86 -36.50
C GLU D 309 24.40 -65.77 -35.44
N GLY D 310 25.39 -64.86 -35.29
CA GLY D 310 25.32 -63.72 -34.37
C GLY D 310 25.72 -62.54 -35.19
N ILE D 311 26.09 -61.44 -34.52
CA ILE D 311 26.34 -60.24 -35.27
C ILE D 311 27.40 -59.44 -34.55
N ILE D 312 28.22 -58.69 -35.30
CA ILE D 312 29.15 -57.72 -34.63
C ILE D 312 28.37 -56.48 -34.18
N THR D 313 28.51 -56.17 -32.90
CA THR D 313 27.94 -54.95 -32.29
C THR D 313 28.91 -53.78 -32.43
N SER D 314 30.21 -54.01 -32.17
CA SER D 314 31.23 -52.97 -32.41
C SER D 314 32.56 -53.59 -32.85
N GLY D 315 33.21 -52.95 -33.80
CA GLY D 315 34.60 -53.39 -34.19
C GLY D 315 35.53 -52.21 -34.29
N THR D 316 36.82 -52.46 -34.08
CA THR D 316 37.85 -51.43 -34.23
C THR D 316 39.20 -52.09 -34.48
N PHE D 317 40.12 -51.32 -35.06
CA PHE D 317 41.51 -51.78 -35.09
C PHE D 317 42.15 -51.43 -33.74
N SER D 318 42.66 -52.43 -33.03
CA SER D 318 43.29 -52.30 -31.74
C SER D 318 44.84 -52.14 -31.75
N PRO D 319 45.34 -50.91 -31.50
CA PRO D 319 46.81 -50.70 -31.41
C PRO D 319 47.47 -51.46 -30.26
N THR D 320 46.86 -51.49 -29.08
CA THR D 320 47.46 -52.24 -28.01
C THR D 320 47.74 -53.69 -28.47
N LEU D 321 46.72 -54.39 -28.99
CA LEU D 321 46.91 -55.75 -29.55
C LEU D 321 47.67 -55.83 -30.91
N GLY D 322 47.58 -54.81 -31.74
CA GLY D 322 48.02 -54.86 -33.13
C GLY D 322 47.12 -55.64 -34.11
N TYR D 323 45.87 -55.94 -33.69
CA TYR D 323 44.90 -56.70 -34.51
C TYR D 323 43.53 -56.02 -34.56
N SER D 324 42.69 -56.35 -35.55
CA SER D 324 41.25 -55.98 -35.53
C SER D 324 40.55 -56.72 -34.38
N ILE D 325 39.64 -56.01 -33.64
CA ILE D 325 38.92 -56.62 -32.55
C ILE D 325 37.42 -56.25 -32.63
N ALA D 326 36.57 -56.99 -31.96
CA ALA D 326 35.13 -56.76 -32.04
C ALA D 326 34.43 -57.29 -30.85
N LEU D 327 33.30 -56.64 -30.52
CA LEU D 327 32.38 -57.20 -29.58
C LEU D 327 31.23 -57.81 -30.47
N ALA D 328 30.71 -58.93 -30.07
CA ALA D 328 29.73 -59.62 -30.96
C ALA D 328 28.71 -60.28 -30.12
N ARG D 329 27.45 -60.13 -30.54
CA ARG D 329 26.38 -60.85 -29.86
C ARG D 329 26.09 -62.16 -30.65
N VAL D 330 26.14 -63.31 -29.96
CA VAL D 330 26.09 -64.64 -30.60
C VAL D 330 25.21 -65.57 -29.78
N PRO D 331 24.61 -66.60 -30.42
CA PRO D 331 23.90 -67.70 -29.76
C PRO D 331 24.85 -68.39 -28.79
N GLU D 332 24.32 -69.02 -27.74
CA GLU D 332 25.21 -69.71 -26.79
C GLU D 332 25.90 -70.89 -27.46
N GLY D 333 26.99 -71.33 -26.83
CA GLY D 333 27.74 -72.51 -27.28
C GLY D 333 28.79 -72.27 -28.35
N ILE D 334 29.09 -71.01 -28.63
CA ILE D 334 30.28 -70.75 -29.44
C ILE D 334 31.50 -71.42 -28.76
N GLY D 335 32.45 -71.90 -29.57
CA GLY D 335 33.71 -72.38 -29.01
C GLY D 335 34.75 -71.29 -29.16
N GLU D 336 35.96 -71.68 -29.52
CA GLU D 336 37.10 -70.77 -29.55
C GLU D 336 37.31 -70.11 -30.92
N THR D 337 36.55 -70.53 -31.93
CA THR D 337 36.64 -69.88 -33.24
C THR D 337 35.32 -69.60 -33.94
N ALA D 338 35.35 -68.80 -35.00
CA ALA D 338 34.12 -68.44 -35.70
C ALA D 338 34.59 -67.84 -36.96
N ILE D 339 33.65 -67.28 -37.70
CA ILE D 339 33.91 -66.73 -38.97
C ILE D 339 33.20 -65.39 -39.02
N VAL D 340 33.73 -64.41 -39.71
CA VAL D 340 32.86 -63.28 -40.06
C VAL D 340 32.81 -63.04 -41.55
N GLN D 341 31.61 -62.68 -41.99
CA GLN D 341 31.36 -62.56 -43.41
C GLN D 341 31.62 -61.13 -43.88
N ILE D 342 32.72 -60.96 -44.60
CA ILE D 342 33.02 -59.69 -45.25
C ILE D 342 32.86 -59.95 -46.76
N ARG D 343 31.81 -59.36 -47.34
CA ARG D 343 31.37 -59.60 -48.74
C ARG D 343 31.25 -61.10 -48.99
N ASN D 344 32.04 -61.57 -49.95
CA ASN D 344 32.01 -62.95 -50.39
C ASN D 344 32.54 -63.91 -49.33
N ARG D 345 33.47 -63.42 -48.50
CA ARG D 345 34.40 -64.30 -47.80
C ARG D 345 33.97 -64.58 -46.36
N GLU D 346 34.24 -65.78 -45.89
CA GLU D 346 34.16 -66.08 -44.47
C GLU D 346 35.57 -65.81 -43.88
N MET D 347 35.70 -64.84 -42.98
CA MET D 347 37.04 -64.55 -42.39
C MET D 347 37.16 -65.24 -41.04
N PRO D 348 38.15 -66.13 -40.88
CA PRO D 348 38.22 -66.81 -39.58
C PRO D 348 38.70 -65.81 -38.50
N VAL D 349 38.28 -66.03 -37.28
CA VAL D 349 38.61 -65.17 -36.16
C VAL D 349 38.62 -66.05 -34.95
N LYS D 350 39.36 -65.57 -33.94
CA LYS D 350 39.39 -66.14 -32.60
C LYS D 350 38.28 -65.51 -31.78
N VAL D 351 37.67 -66.36 -30.97
CA VAL D 351 36.57 -65.97 -30.10
C VAL D 351 37.19 -65.91 -28.72
N THR D 352 36.95 -64.77 -28.07
CA THR D 352 37.58 -64.45 -26.77
C THR D 352 36.50 -63.95 -25.80
N LYS D 353 36.88 -63.75 -24.53
CA LYS D 353 36.05 -63.02 -23.53
C LYS D 353 35.89 -61.58 -24.00
N PRO D 354 34.75 -60.91 -23.63
CA PRO D 354 34.49 -59.58 -24.19
C PRO D 354 35.35 -58.45 -23.61
N VAL D 355 36.68 -58.63 -23.54
CA VAL D 355 37.59 -57.63 -22.96
C VAL D 355 38.96 -58.01 -23.51
N PHE D 356 39.73 -57.00 -23.94
CA PHE D 356 40.98 -57.26 -24.67
C PHE D 356 42.25 -56.69 -23.96
N VAL D 357 42.05 -55.66 -23.16
CA VAL D 357 43.14 -54.95 -22.52
C VAL D 357 42.69 -54.76 -21.07
N ARG D 358 43.37 -55.37 -20.11
CA ARG D 358 43.05 -55.06 -18.68
C ARG D 358 43.87 -53.91 -18.06
N ASN D 359 45.20 -53.93 -18.23
CA ASN D 359 46.09 -52.89 -17.68
C ASN D 359 47.18 -52.41 -18.66
N GLY D 360 46.93 -51.32 -19.38
CA GLY D 360 47.84 -50.85 -20.47
C GLY D 360 48.40 -51.93 -21.42
N LYS D 361 47.96 -53.18 -21.19
CA LYS D 361 48.53 -54.41 -21.75
C LYS D 361 47.42 -55.42 -22.10
N ALA D 362 47.69 -56.34 -23.02
CA ALA D 362 46.72 -57.34 -23.48
C ALA D 362 46.28 -58.39 -22.44
N VAL D 363 45.20 -59.11 -22.74
CA VAL D 363 44.81 -60.35 -22.03
C VAL D 363 44.77 -61.50 -23.04
N ASN E 3 -0.08 21.18 -23.68
CA ASN E 3 -1.19 21.27 -22.68
C ASN E 3 -2.49 20.86 -23.29
N VAL E 4 -2.66 21.20 -24.57
CA VAL E 4 -3.79 20.73 -25.35
C VAL E 4 -3.31 20.24 -26.74
N PRO E 5 -2.88 18.96 -26.83
CA PRO E 5 -2.46 18.44 -28.12
C PRO E 5 -3.51 18.73 -29.20
N ALA E 6 -3.03 19.26 -30.33
CA ALA E 6 -3.90 19.69 -31.44
C ALA E 6 -4.87 18.59 -31.90
N GLU E 7 -4.35 17.38 -32.00
CA GLU E 7 -5.06 16.31 -32.73
C GLU E 7 -6.07 15.45 -31.92
N LEU E 8 -6.12 15.62 -30.59
CA LEU E 8 -7.04 14.81 -29.70
C LEU E 8 -8.42 15.39 -29.71
N LYS E 9 -9.39 14.61 -29.25
CA LYS E 9 -10.75 15.05 -28.99
C LYS E 9 -10.88 15.14 -27.50
N TYR E 10 -11.83 15.93 -27.02
CA TYR E 10 -11.88 16.25 -25.59
C TYR E 10 -13.26 16.10 -25.06
N SER E 11 -13.38 15.86 -23.75
CA SER E 11 -14.67 15.81 -23.04
C SER E 11 -14.79 16.88 -21.96
N LYS E 12 -16.02 17.25 -21.61
CA LYS E 12 -16.30 18.24 -20.57
C LYS E 12 -15.86 17.81 -19.15
N GLU E 13 -15.73 16.49 -18.92
CA GLU E 13 -15.30 15.93 -17.63
C GLU E 13 -13.74 15.98 -17.49
N HIS E 14 -13.12 16.68 -18.44
CA HIS E 14 -11.69 16.94 -18.58
C HIS E 14 -10.90 15.71 -18.92
N GLU E 15 -11.34 15.04 -19.99
CA GLU E 15 -10.69 13.86 -20.48
C GLU E 15 -10.41 14.06 -21.94
N TRP E 16 -9.39 13.39 -22.44
CA TRP E 16 -9.13 13.34 -23.84
C TRP E 16 -9.41 11.93 -24.42
N LEU E 17 -9.56 11.88 -25.75
CA LEU E 17 -9.75 10.65 -26.52
C LEU E 17 -8.91 10.67 -27.78
N ARG E 18 -8.13 9.61 -27.95
CA ARG E 18 -7.34 9.51 -29.12
C ARG E 18 -7.88 8.33 -29.93
N LYS E 19 -8.34 8.60 -31.16
CA LYS E 19 -8.81 7.49 -32.00
C LYS E 19 -7.63 6.64 -32.45
N GLU E 20 -7.69 5.33 -32.28
CA GLU E 20 -6.57 4.49 -32.69
C GLU E 20 -6.76 3.96 -34.12
N ALA E 21 -5.74 3.29 -34.65
CA ALA E 21 -5.79 2.78 -36.03
C ALA E 21 -6.91 1.76 -36.15
N ASP E 22 -7.10 0.97 -35.10
CA ASP E 22 -8.19 -0.01 -35.09
C ASP E 22 -9.61 0.53 -34.76
N GLY E 23 -9.81 1.86 -34.70
CA GLY E 23 -11.13 2.44 -34.41
C GLY E 23 -11.50 2.64 -32.92
N THR E 24 -10.73 2.02 -32.02
CA THR E 24 -10.96 2.22 -30.58
C THR E 24 -10.39 3.59 -30.17
N TYR E 25 -10.70 4.01 -28.94
CA TYR E 25 -10.28 5.29 -28.40
C TYR E 25 -9.47 5.08 -27.12
N THR E 26 -8.26 5.66 -27.06
CA THR E 26 -7.45 5.71 -25.81
C THR E 26 -7.95 6.92 -25.01
N VAL E 27 -8.16 6.73 -23.71
CA VAL E 27 -8.73 7.77 -22.89
C VAL E 27 -7.76 8.05 -21.73
N GLY E 28 -7.65 9.34 -21.42
CA GLY E 28 -6.91 9.79 -20.20
C GLY E 28 -7.51 11.04 -19.65
N ILE E 29 -6.82 11.64 -18.68
CA ILE E 29 -7.30 12.93 -18.16
C ILE E 29 -6.37 13.98 -18.73
N THR E 30 -6.83 15.24 -18.80
CA THR E 30 -5.96 16.25 -19.41
C THR E 30 -4.96 16.83 -18.41
N GLU E 31 -4.06 17.61 -18.96
CA GLU E 31 -3.09 18.34 -18.18
C GLU E 31 -3.86 19.14 -17.12
N HIS E 32 -4.99 19.73 -17.51
CA HIS E 32 -5.73 20.55 -16.58
C HIS E 32 -6.22 19.70 -15.46
N ALA E 33 -6.73 18.52 -15.81
CA ALA E 33 -7.34 17.66 -14.83
C ALA E 33 -6.30 17.17 -13.87
N GLN E 34 -5.12 16.81 -14.34
CA GLN E 34 -4.12 16.23 -13.43
C GLN E 34 -3.58 17.30 -12.47
N GLU E 35 -3.50 18.55 -12.96
CA GLU E 35 -3.09 19.71 -12.17
C GLU E 35 -4.00 19.85 -10.99
N LEU E 36 -5.28 19.77 -11.24
CA LEU E 36 -6.26 19.88 -10.20
C LEU E 36 -6.26 18.69 -9.24
N LEU E 37 -5.94 17.49 -9.74
CA LEU E 37 -5.91 16.33 -8.85
C LEU E 37 -4.68 16.41 -7.93
N GLY E 38 -3.57 16.89 -8.46
CA GLY E 38 -2.31 16.72 -7.70
C GLY E 38 -1.72 15.33 -7.88
N ASP E 39 -0.67 15.02 -7.12
CA ASP E 39 0.08 13.81 -7.38
C ASP E 39 -0.82 12.60 -7.13
N MET E 40 -0.84 11.71 -8.12
CA MET E 40 -1.66 10.51 -7.98
C MET E 40 -0.88 9.44 -7.23
N VAL E 41 -1.51 8.76 -6.28
CA VAL E 41 -0.84 7.68 -5.59
C VAL E 41 -1.42 6.30 -5.87
N PHE E 42 -2.70 6.21 -6.23
CA PHE E 42 -3.31 4.97 -6.70
C PHE E 42 -4.33 5.30 -7.79
N VAL E 43 -4.59 4.35 -8.69
CA VAL E 43 -5.77 4.46 -9.61
C VAL E 43 -6.52 3.13 -9.54
N ASP E 44 -7.85 3.16 -9.55
CA ASP E 44 -8.65 1.92 -9.53
C ASP E 44 -9.23 1.90 -10.90
N LEU E 45 -8.88 0.88 -11.69
CA LEU E 45 -9.22 0.81 -13.08
C LEU E 45 -10.47 -0.09 -13.26
N PRO E 46 -11.26 0.14 -14.30
CA PRO E 46 -12.40 -0.80 -14.61
C PRO E 46 -11.93 -2.17 -15.08
N GLU E 47 -12.87 -3.12 -15.13
CA GLU E 47 -12.54 -4.44 -15.63
C GLU E 47 -12.50 -4.39 -17.13
N VAL E 48 -11.53 -5.05 -17.72
CA VAL E 48 -11.55 -5.20 -19.20
C VAL E 48 -12.81 -6.01 -19.62
N GLY E 49 -13.54 -5.53 -20.62
CA GLY E 49 -14.85 -6.11 -20.98
C GLY E 49 -16.05 -5.36 -20.42
N ALA E 50 -15.88 -4.57 -19.38
CA ALA E 50 -17.01 -3.76 -18.86
C ALA E 50 -17.68 -2.86 -19.91
N THR E 51 -19.02 -2.89 -19.92
CA THR E 51 -19.85 -2.00 -20.73
C THR E 51 -20.16 -0.74 -19.92
N VAL E 52 -19.83 0.42 -20.45
CA VAL E 52 -20.15 1.64 -19.71
C VAL E 52 -21.10 2.54 -20.52
N SER E 53 -21.91 3.34 -19.80
CA SER E 53 -22.53 4.51 -20.48
C SER E 53 -21.77 5.81 -20.23
N ALA E 54 -21.76 6.73 -21.22
CA ALA E 54 -21.22 8.06 -20.94
C ALA E 54 -21.73 8.53 -19.58
N GLY E 55 -20.81 9.03 -18.75
CA GLY E 55 -21.17 9.53 -17.40
C GLY E 55 -21.10 8.52 -16.24
N ASP E 56 -21.00 7.22 -16.53
CA ASP E 56 -20.79 6.24 -15.48
C ASP E 56 -19.47 6.60 -14.74
N ASP E 57 -19.42 6.52 -13.42
CA ASP E 57 -18.10 6.64 -12.77
C ASP E 57 -17.44 5.29 -12.92
N CYS E 58 -16.40 5.20 -13.76
CA CYS E 58 -15.81 3.88 -14.02
C CYS E 58 -14.33 3.69 -13.62
N ALA E 59 -13.72 4.72 -13.01
CA ALA E 59 -12.35 4.60 -12.48
C ALA E 59 -12.20 5.60 -11.34
N VAL E 60 -11.17 5.42 -10.54
CA VAL E 60 -10.95 6.31 -9.41
C VAL E 60 -9.48 6.72 -9.43
N ALA E 61 -9.21 8.01 -9.33
CA ALA E 61 -7.86 8.50 -9.16
C ALA E 61 -7.75 8.88 -7.69
N GLU E 62 -6.72 8.38 -7.04
CA GLU E 62 -6.57 8.75 -5.68
C GLU E 62 -5.31 9.57 -5.46
N SER E 63 -5.46 10.79 -4.91
CA SER E 63 -4.31 11.58 -4.55
C SER E 63 -3.99 11.46 -3.08
N VAL E 64 -2.94 12.15 -2.63
CA VAL E 64 -2.68 12.16 -1.22
C VAL E 64 -3.91 12.79 -0.50
N ALA E 66 -7.31 13.22 -1.71
CA ALA E 66 -8.70 12.84 -2.06
C ALA E 66 -8.80 11.70 -3.04
N ALA E 67 -9.92 10.99 -2.97
CA ALA E 67 -10.31 10.07 -4.01
C ALA E 67 -11.11 10.88 -4.99
N SER E 68 -10.87 10.70 -6.28
CA SER E 68 -11.56 11.46 -7.29
C SER E 68 -12.07 10.57 -8.44
N ASP E 69 -13.39 10.54 -8.65
CA ASP E 69 -13.99 9.73 -9.73
C ASP E 69 -13.63 10.12 -11.15
N ILE E 70 -13.42 9.12 -12.02
CA ILE E 70 -13.18 9.36 -13.43
C ILE E 70 -14.38 8.80 -14.20
N TYR E 71 -14.96 9.58 -15.12
CA TYR E 71 -16.21 9.19 -15.76
C TYR E 71 -16.00 8.73 -17.15
N ALA E 72 -16.78 7.75 -17.60
CA ALA E 72 -16.73 7.38 -19.03
C ALA E 72 -17.12 8.56 -19.91
N PRO E 73 -16.25 8.99 -20.83
CA PRO E 73 -16.60 10.15 -21.65
C PRO E 73 -17.62 9.81 -22.75
N VAL E 74 -17.62 8.55 -23.18
CA VAL E 74 -18.56 8.00 -24.18
C VAL E 74 -19.07 6.63 -23.75
N SER E 75 -20.15 6.16 -24.35
CA SER E 75 -20.66 4.81 -24.08
C SER E 75 -19.89 3.79 -24.88
N GLY E 76 -19.70 2.60 -24.33
CA GLY E 76 -19.02 1.55 -25.08
C GLY E 76 -18.47 0.44 -24.21
N GLU E 77 -17.52 -0.28 -24.74
CA GLU E 77 -16.87 -1.34 -23.96
C GLU E 77 -15.38 -1.08 -23.73
N ILE E 78 -14.98 -1.27 -22.48
CA ILE E 78 -13.58 -1.18 -22.07
C ILE E 78 -12.86 -2.35 -22.70
N VAL E 79 -11.84 -2.05 -23.51
CA VAL E 79 -11.10 -3.10 -24.21
C VAL E 79 -9.69 -3.26 -23.67
N ALA E 80 -9.23 -2.25 -22.89
CA ALA E 80 -7.94 -2.31 -22.26
C ALA E 80 -7.89 -1.27 -21.14
N VAL E 81 -7.08 -1.55 -20.13
CA VAL E 81 -6.78 -0.57 -19.09
C VAL E 81 -5.26 -0.51 -18.94
N ASN E 82 -4.78 0.60 -18.34
CA ASN E 82 -3.34 0.86 -18.30
C ASN E 82 -2.70 0.29 -17.03
N ASP E 83 -2.23 -0.94 -17.13
CA ASP E 83 -1.68 -1.62 -15.96
C ASP E 83 -0.37 -1.06 -15.46
N ALA E 84 0.33 -0.24 -16.24
CA ALA E 84 1.50 0.52 -15.76
C ALA E 84 1.10 1.46 -14.65
N LEU E 85 -0.16 1.85 -14.64
CA LEU E 85 -0.57 2.81 -13.58
C LEU E 85 -0.54 2.18 -12.17
N SER E 86 -0.52 0.83 -12.07
CA SER E 86 -0.52 0.15 -10.76
C SER E 86 0.77 0.35 -10.09
N ASP E 87 1.80 0.52 -10.91
CA ASP E 87 3.17 0.62 -10.48
C ASP E 87 3.63 2.04 -10.58
N SER E 88 3.13 2.79 -11.56
CA SER E 88 3.61 4.16 -11.78
C SER E 88 2.44 5.13 -11.94
N PRO E 89 1.62 5.26 -10.88
CA PRO E 89 0.42 6.11 -11.05
C PRO E 89 0.78 7.57 -11.36
N GLU E 90 1.97 7.96 -11.01
CA GLU E 90 2.41 9.33 -11.27
C GLU E 90 2.53 9.64 -12.79
N LEU E 91 2.47 8.62 -13.64
CA LEU E 91 2.40 8.89 -15.10
C LEU E 91 1.17 9.72 -15.48
N VAL E 92 0.11 9.61 -14.71
CA VAL E 92 -1.06 10.47 -14.98
C VAL E 92 -0.68 11.97 -14.87
N ASN E 93 0.22 12.30 -13.95
CA ASN E 93 0.68 13.68 -13.75
C ASN E 93 1.75 14.09 -14.75
N SER E 94 2.74 13.23 -14.94
CA SER E 94 3.92 13.63 -15.78
C SER E 94 3.67 13.40 -17.26
N GLU E 95 2.81 12.43 -17.59
CA GLU E 95 2.50 12.14 -19.00
C GLU E 95 1.00 12.00 -19.27
N PRO E 96 0.17 13.01 -18.97
CA PRO E 96 -1.27 12.76 -19.04
C PRO E 96 -1.79 12.35 -20.45
N TYR E 97 -1.05 12.68 -21.52
CA TYR E 97 -1.44 12.30 -22.91
C TYR E 97 -0.66 11.16 -23.46
N ALA E 98 0.33 10.70 -22.69
CA ALA E 98 1.22 9.61 -23.12
C ALA E 98 1.12 8.36 -22.18
N GLY E 99 2.14 8.12 -21.35
CA GLY E 99 2.18 6.93 -20.49
C GLY E 99 1.07 6.98 -19.43
N GLY E 100 0.45 8.14 -19.26
CA GLY E 100 -0.59 8.27 -18.24
C GLY E 100 -2.03 8.00 -18.68
N TRP E 101 -2.20 7.54 -19.94
CA TRP E 101 -3.49 6.99 -20.40
C TRP E 101 -4.10 5.97 -19.37
N ILE E 102 -5.41 6.01 -19.29
CA ILE E 102 -6.18 5.30 -18.23
C ILE E 102 -6.85 4.04 -18.79
N PHE E 103 -7.66 4.20 -19.84
CA PHE E 103 -8.23 2.99 -20.45
C PHE E 103 -8.48 3.20 -21.91
N LYS E 104 -8.81 2.11 -22.60
CA LYS E 104 -9.21 2.18 -24.01
C LYS E 104 -10.65 1.64 -24.15
N ILE E 105 -11.42 2.30 -25.02
CA ILE E 105 -12.83 2.01 -25.17
C ILE E 105 -13.29 1.77 -26.63
N LYS E 106 -14.13 0.74 -26.84
CA LYS E 106 -14.82 0.57 -28.17
C LYS E 106 -16.14 1.31 -28.08
N ALA E 107 -16.18 2.49 -28.68
CA ALA E 107 -17.36 3.37 -28.61
C ALA E 107 -18.56 2.67 -29.27
N SER E 108 -19.73 2.74 -28.65
CA SER E 108 -20.93 2.10 -29.20
C SER E 108 -21.92 3.12 -29.81
N ASP E 109 -21.59 4.43 -29.76
CA ASP E 109 -22.58 5.45 -30.18
C ASP E 109 -21.90 6.59 -30.95
N GLU E 110 -22.07 6.63 -32.27
CA GLU E 110 -21.47 7.72 -33.07
C GLU E 110 -21.96 9.15 -32.76
N SER E 111 -23.17 9.30 -32.21
CA SER E 111 -23.68 10.64 -31.97
C SER E 111 -22.91 11.30 -30.78
N GLU E 112 -22.37 10.47 -29.89
CA GLU E 112 -21.61 10.96 -28.73
C GLU E 112 -20.28 11.46 -29.25
N LEU E 113 -19.71 10.71 -30.18
CA LEU E 113 -18.40 11.01 -30.74
C LEU E 113 -18.42 12.33 -31.48
N GLU E 114 -19.51 12.57 -32.22
CA GLU E 114 -19.66 13.76 -33.04
C GLU E 114 -19.86 15.00 -32.14
N SER E 115 -20.27 14.78 -30.88
CA SER E 115 -20.45 15.86 -29.89
C SER E 115 -19.24 16.14 -28.96
N LEU E 116 -18.09 15.53 -29.21
CA LEU E 116 -16.91 15.78 -28.39
C LEU E 116 -16.16 17.02 -28.90
N LEU E 117 -15.46 17.72 -28.00
CA LEU E 117 -14.76 18.97 -28.31
C LEU E 117 -13.47 18.76 -29.09
N ASP E 118 -13.19 19.63 -30.04
CA ASP E 118 -11.90 19.58 -30.70
C ASP E 118 -10.90 20.41 -29.89
N ALA E 119 -9.61 20.37 -30.26
CA ALA E 119 -8.62 21.05 -29.43
C ALA E 119 -9.05 22.49 -29.13
N THR E 120 -9.42 23.23 -30.19
CA THR E 120 -9.88 24.63 -30.04
C THR E 120 -11.05 24.80 -29.06
N ALA E 121 -12.03 23.89 -29.10
CA ALA E 121 -13.23 24.02 -28.28
C ALA E 121 -12.93 23.62 -26.85
N TYR E 122 -11.89 22.81 -26.67
CA TYR E 122 -11.44 22.55 -25.32
C TYR E 122 -10.66 23.75 -24.78
N GLU E 123 -9.71 24.27 -25.56
CA GLU E 123 -8.97 25.46 -25.09
C GLU E 123 -9.96 26.52 -24.58
N ALA E 124 -11.01 26.77 -25.36
CA ALA E 124 -12.13 27.64 -24.92
C ALA E 124 -12.92 27.19 -23.67
N LEU E 125 -12.90 25.92 -23.31
CA LEU E 125 -13.62 25.52 -22.08
C LEU E 125 -12.79 25.91 -20.84
N LEU E 126 -11.46 25.91 -21.03
CA LEU E 126 -10.51 26.39 -20.02
C LEU E 126 -10.60 27.93 -19.99
N GLU E 127 -10.21 28.59 -21.09
CA GLU E 127 -10.38 30.05 -21.30
C GLU E 127 -11.45 30.68 -20.39
N ASP E 128 -12.55 29.95 -20.22
CA ASP E 128 -13.73 30.33 -19.45
C ASP E 128 -13.41 30.47 -17.95
N ASN F 3 -32.62 -41.62 3.33
CA ASN F 3 -31.70 -42.15 2.28
C ASN F 3 -32.39 -43.14 1.36
N VAL F 4 -33.08 -44.13 1.95
CA VAL F 4 -34.04 -44.99 1.22
C VAL F 4 -35.33 -45.10 2.07
N PRO F 5 -36.28 -44.15 1.91
CA PRO F 5 -37.51 -44.20 2.72
C PRO F 5 -38.13 -45.61 2.73
N ALA F 6 -38.49 -46.08 3.93
CA ALA F 6 -39.10 -47.40 4.16
C ALA F 6 -40.28 -47.70 3.24
N GLU F 7 -41.15 -46.71 3.04
CA GLU F 7 -42.51 -46.87 2.47
C GLU F 7 -42.66 -46.68 0.96
N LEU F 8 -41.60 -46.21 0.31
CA LEU F 8 -41.58 -46.05 -1.16
C LEU F 8 -41.32 -47.34 -1.94
N LYS F 9 -41.66 -47.29 -3.22
CA LYS F 9 -41.30 -48.31 -4.19
C LYS F 9 -40.14 -47.78 -5.01
N TYR F 10 -39.37 -48.65 -5.65
CA TYR F 10 -38.15 -48.23 -6.29
C TYR F 10 -37.94 -48.92 -7.62
N SER F 11 -37.23 -48.26 -8.51
CA SER F 11 -36.88 -48.80 -9.81
C SER F 11 -35.37 -48.95 -9.90
N LYS F 12 -34.92 -49.90 -10.73
CA LYS F 12 -33.49 -50.17 -11.03
C LYS F 12 -32.84 -48.97 -11.67
N GLU F 13 -33.69 -48.06 -12.10
CA GLU F 13 -33.28 -46.83 -12.77
C GLU F 13 -32.88 -45.75 -11.77
N HIS F 14 -32.92 -46.11 -10.49
CA HIS F 14 -32.67 -45.20 -9.35
C HIS F 14 -33.74 -44.08 -9.34
N GLU F 15 -34.99 -44.55 -9.39
CA GLU F 15 -36.17 -43.73 -9.20
C GLU F 15 -37.01 -44.29 -8.05
N TRP F 16 -37.84 -43.44 -7.47
CA TRP F 16 -38.77 -43.87 -6.44
C TRP F 16 -40.20 -43.58 -6.91
N LEU F 17 -41.18 -44.31 -6.35
CA LEU F 17 -42.62 -44.15 -6.72
C LEU F 17 -43.44 -44.09 -5.41
N ARG F 18 -44.22 -43.04 -5.21
CA ARG F 18 -45.11 -42.94 -4.06
C ARG F 18 -46.54 -43.07 -4.60
N LYS F 19 -47.22 -44.13 -4.19
CA LYS F 19 -48.62 -44.32 -4.56
C LYS F 19 -49.39 -43.18 -3.87
N GLU F 20 -50.11 -42.39 -4.63
CA GLU F 20 -50.90 -41.29 -4.07
C GLU F 20 -52.35 -41.76 -3.72
N ALA F 21 -53.12 -40.88 -3.11
CA ALA F 21 -54.52 -41.18 -2.79
C ALA F 21 -55.35 -41.50 -4.05
N ASP F 22 -55.20 -40.69 -5.10
CA ASP F 22 -55.96 -40.91 -6.33
C ASP F 22 -55.41 -42.01 -7.23
N GLY F 23 -54.77 -43.02 -6.65
CA GLY F 23 -54.20 -44.12 -7.42
C GLY F 23 -52.91 -43.86 -8.24
N THR F 24 -52.59 -42.59 -8.56
CA THR F 24 -51.37 -42.25 -9.33
C THR F 24 -50.06 -42.43 -8.53
N TYR F 25 -48.95 -42.34 -9.26
CA TYR F 25 -47.62 -42.46 -8.65
C TYR F 25 -46.80 -41.15 -8.88
N THR F 26 -46.30 -40.58 -7.80
CA THR F 26 -45.34 -39.47 -7.88
C THR F 26 -43.95 -40.11 -8.05
N VAL F 27 -43.15 -39.60 -9.02
CA VAL F 27 -41.83 -40.15 -9.43
C VAL F 27 -40.71 -39.11 -9.27
N GLY F 28 -39.55 -39.57 -8.82
CA GLY F 28 -38.37 -38.70 -8.88
C GLY F 28 -37.15 -39.59 -8.87
N ILE F 29 -36.00 -39.01 -8.55
CA ILE F 29 -34.80 -39.83 -8.47
C ILE F 29 -34.41 -40.01 -7.04
N THR F 30 -33.58 -41.01 -6.75
CA THR F 30 -33.25 -41.29 -5.35
C THR F 30 -32.15 -40.40 -4.83
N GLU F 31 -31.96 -40.42 -3.51
CA GLU F 31 -30.83 -39.73 -2.89
C GLU F 31 -29.58 -40.24 -3.59
N HIS F 32 -29.47 -41.55 -3.76
CA HIS F 32 -28.39 -42.11 -4.52
C HIS F 32 -28.22 -41.47 -5.89
N ALA F 33 -29.30 -41.40 -6.68
CA ALA F 33 -29.17 -40.93 -8.03
C ALA F 33 -28.73 -39.43 -8.07
N GLN F 34 -29.26 -38.62 -7.16
CA GLN F 34 -28.95 -37.19 -7.22
C GLN F 34 -27.47 -36.96 -6.82
N GLU F 35 -26.91 -37.85 -5.97
CA GLU F 35 -25.53 -37.77 -5.54
C GLU F 35 -24.60 -38.05 -6.72
N LEU F 36 -24.92 -39.08 -7.51
CA LEU F 36 -24.16 -39.36 -8.71
C LEU F 36 -24.25 -38.25 -9.75
N LEU F 37 -25.44 -37.68 -9.90
CA LEU F 37 -25.63 -36.61 -10.87
C LEU F 37 -24.81 -35.37 -10.47
N GLY F 38 -24.84 -35.03 -9.18
CA GLY F 38 -24.27 -33.74 -8.68
C GLY F 38 -25.35 -32.65 -8.87
N ASP F 39 -24.98 -31.40 -8.54
CA ASP F 39 -25.89 -30.28 -8.51
C ASP F 39 -26.66 -30.09 -9.82
N MET F 40 -27.99 -30.03 -9.71
CA MET F 40 -28.83 -29.98 -10.88
C MET F 40 -29.00 -28.52 -11.26
N VAL F 41 -28.91 -28.22 -12.54
CA VAL F 41 -28.99 -26.82 -12.98
C VAL F 41 -30.11 -26.62 -13.95
N PHE F 42 -30.58 -27.72 -14.53
CA PHE F 42 -31.66 -27.71 -15.55
C PHE F 42 -32.26 -29.13 -15.66
N VAL F 43 -33.59 -29.14 -15.80
CA VAL F 43 -34.40 -30.32 -16.10
C VAL F 43 -35.28 -30.05 -17.35
N ASP F 44 -35.14 -30.89 -18.36
CA ASP F 44 -36.02 -30.83 -19.52
C ASP F 44 -37.18 -31.73 -19.13
N LEU F 45 -38.25 -31.17 -18.56
CA LEU F 45 -39.36 -32.02 -18.04
C LEU F 45 -40.11 -32.84 -19.14
N PRO F 46 -40.76 -33.98 -18.77
CA PRO F 46 -41.64 -34.64 -19.75
C PRO F 46 -42.96 -33.87 -20.00
N GLU F 47 -43.62 -34.14 -21.14
CA GLU F 47 -44.91 -33.48 -21.46
C GLU F 47 -46.10 -34.07 -20.72
N VAL F 48 -46.83 -33.22 -19.99
CA VAL F 48 -48.10 -33.68 -19.42
C VAL F 48 -48.99 -34.26 -20.53
N GLY F 49 -49.55 -35.44 -20.25
CA GLY F 49 -50.48 -36.10 -21.18
C GLY F 49 -49.83 -37.15 -22.05
N ALA F 50 -48.51 -37.10 -22.19
CA ALA F 50 -47.83 -38.03 -23.06
C ALA F 50 -47.94 -39.41 -22.44
N THR F 51 -47.99 -40.44 -23.29
CA THR F 51 -48.02 -41.84 -22.85
C THR F 51 -46.62 -42.36 -23.07
N VAL F 52 -46.15 -43.22 -22.16
CA VAL F 52 -44.78 -43.72 -22.21
C VAL F 52 -44.82 -45.19 -21.89
N SER F 53 -43.80 -45.92 -22.34
CA SER F 53 -43.61 -47.29 -21.89
C SER F 53 -42.45 -47.33 -20.94
N ALA F 54 -42.53 -48.20 -19.95
CA ALA F 54 -41.38 -48.41 -19.09
C ALA F 54 -40.13 -48.51 -19.98
N GLY F 55 -39.08 -47.81 -19.55
CA GLY F 55 -37.78 -47.82 -20.27
C GLY F 55 -37.63 -46.71 -21.31
N ASP F 56 -38.71 -46.01 -21.62
CA ASP F 56 -38.62 -44.84 -22.50
C ASP F 56 -37.76 -43.74 -21.95
N ASP F 57 -37.00 -43.13 -22.86
CA ASP F 57 -36.21 -41.93 -22.58
C ASP F 57 -37.15 -40.72 -22.54
N CYS F 58 -37.57 -40.26 -21.35
CA CYS F 58 -38.68 -39.26 -21.30
C CYS F 58 -38.41 -37.82 -20.77
N ALA F 59 -37.22 -37.59 -20.23
CA ALA F 59 -36.84 -36.29 -19.66
C ALA F 59 -35.30 -36.25 -19.54
N VAL F 60 -34.72 -35.08 -19.25
CA VAL F 60 -33.26 -34.93 -19.12
C VAL F 60 -32.89 -34.18 -17.83
N ALA F 61 -32.02 -34.74 -17.00
CA ALA F 61 -31.49 -33.99 -15.85
C ALA F 61 -30.10 -33.55 -16.25
N GLU F 62 -29.90 -32.22 -16.25
CA GLU F 62 -28.60 -31.57 -16.50
C GLU F 62 -27.93 -31.09 -15.22
N SER F 63 -26.71 -31.59 -15.01
CA SER F 63 -25.89 -31.01 -13.99
C SER F 63 -24.89 -30.08 -14.68
N VAL F 64 -24.04 -29.40 -13.93
CA VAL F 64 -22.98 -28.65 -14.60
C VAL F 64 -22.16 -29.55 -15.54
N ALA F 66 -22.87 -32.79 -17.02
CA ALA F 66 -23.46 -33.63 -18.08
C ALA F 66 -24.96 -33.66 -18.02
N ALA F 67 -25.54 -34.03 -19.17
CA ALA F 67 -26.96 -34.26 -19.34
C ALA F 67 -27.16 -35.74 -19.06
N SER F 68 -28.21 -36.09 -18.33
CA SER F 68 -28.49 -37.50 -18.19
C SER F 68 -29.97 -37.82 -18.30
N ASP F 69 -30.24 -38.93 -18.97
CA ASP F 69 -31.57 -39.25 -19.40
C ASP F 69 -32.32 -39.86 -18.24
N ILE F 70 -33.58 -39.46 -18.11
CA ILE F 70 -34.48 -40.01 -17.09
C ILE F 70 -35.42 -40.94 -17.85
N TYR F 71 -35.49 -42.21 -17.40
CA TYR F 71 -36.35 -43.22 -18.01
C TYR F 71 -37.68 -43.42 -17.22
N ALA F 72 -38.76 -43.69 -17.95
CA ALA F 72 -40.03 -44.09 -17.33
C ALA F 72 -39.90 -45.43 -16.55
N PRO F 73 -40.14 -45.42 -15.24
CA PRO F 73 -39.95 -46.65 -14.44
C PRO F 73 -41.13 -47.61 -14.58
N VAL F 74 -42.26 -47.09 -15.07
CA VAL F 74 -43.45 -47.88 -15.43
C VAL F 74 -44.05 -47.30 -16.69
N SER F 75 -45.00 -48.03 -17.27
CA SER F 75 -45.80 -47.56 -18.39
C SER F 75 -47.03 -46.78 -17.89
N GLY F 76 -47.52 -45.86 -18.69
CA GLY F 76 -48.72 -45.14 -18.34
C GLY F 76 -48.79 -43.74 -18.93
N GLU F 77 -49.52 -42.85 -18.25
CA GLU F 77 -49.73 -41.46 -18.69
C GLU F 77 -49.14 -40.51 -17.64
N ILE F 78 -48.38 -39.55 -18.15
CA ILE F 78 -47.82 -38.44 -17.38
C ILE F 78 -48.97 -37.48 -17.16
N VAL F 79 -49.48 -37.42 -15.94
CA VAL F 79 -50.59 -36.52 -15.66
C VAL F 79 -50.13 -35.19 -15.06
N ALA F 80 -48.86 -35.10 -14.64
CA ALA F 80 -48.32 -33.86 -14.01
C ALA F 80 -46.79 -33.85 -14.01
N VAL F 81 -46.20 -32.66 -14.19
CA VAL F 81 -44.75 -32.44 -13.94
C VAL F 81 -44.53 -31.34 -12.89
N ASN F 82 -43.31 -31.26 -12.33
CA ASN F 82 -43.01 -30.36 -11.20
C ASN F 82 -42.44 -29.08 -11.76
N ASP F 83 -43.29 -28.08 -11.94
CA ASP F 83 -42.86 -26.79 -12.48
C ASP F 83 -41.86 -26.06 -11.62
N ALA F 84 -41.84 -26.35 -10.34
CA ALA F 84 -40.90 -25.65 -9.46
C ALA F 84 -39.45 -26.06 -9.80
N LEU F 85 -39.26 -27.03 -10.70
CA LEU F 85 -37.89 -27.43 -11.11
C LEU F 85 -37.40 -26.56 -12.24
N SER F 86 -38.33 -25.84 -12.87
CA SER F 86 -37.92 -24.88 -13.88
C SER F 86 -37.02 -23.77 -13.30
N ASP F 87 -37.24 -23.41 -12.03
CA ASP F 87 -36.54 -22.31 -11.41
C ASP F 87 -35.74 -22.75 -10.19
N SER F 88 -36.13 -23.88 -9.61
CA SER F 88 -35.42 -24.49 -8.52
C SER F 88 -35.03 -25.97 -8.83
N PRO F 89 -34.20 -26.21 -9.89
CA PRO F 89 -33.82 -27.63 -10.16
C PRO F 89 -33.01 -28.26 -9.03
N GLU F 90 -32.37 -27.43 -8.19
CA GLU F 90 -31.65 -27.89 -6.99
C GLU F 90 -32.49 -28.68 -5.98
N LEU F 91 -33.80 -28.55 -6.06
CA LEU F 91 -34.70 -29.32 -5.14
C LEU F 91 -34.51 -30.85 -5.29
N VAL F 92 -34.12 -31.29 -6.49
CA VAL F 92 -33.82 -32.71 -6.81
C VAL F 92 -32.67 -33.22 -5.90
N ASN F 93 -31.72 -32.31 -5.66
CA ASN F 93 -30.62 -32.59 -4.74
C ASN F 93 -31.00 -32.42 -3.29
N SER F 94 -31.67 -31.32 -2.94
CA SER F 94 -31.93 -31.00 -1.54
C SER F 94 -33.10 -31.79 -0.93
N GLU F 95 -34.07 -32.15 -1.75
CA GLU F 95 -35.29 -32.88 -1.32
C GLU F 95 -35.66 -33.88 -2.43
N PRO F 96 -34.78 -34.85 -2.73
CA PRO F 96 -35.11 -35.80 -3.81
C PRO F 96 -36.45 -36.53 -3.56
N TYR F 97 -36.84 -36.66 -2.28
CA TYR F 97 -38.10 -37.36 -1.93
C TYR F 97 -39.26 -36.45 -1.55
N ALA F 98 -39.03 -35.15 -1.61
CA ALA F 98 -40.06 -34.18 -1.25
C ALA F 98 -40.24 -33.19 -2.42
N GLY F 99 -39.81 -31.95 -2.22
CA GLY F 99 -39.93 -30.92 -3.25
C GLY F 99 -39.28 -31.27 -4.58
N GLY F 100 -38.37 -32.25 -4.55
CA GLY F 100 -37.65 -32.62 -5.75
C GLY F 100 -38.34 -33.61 -6.68
N TRP F 101 -39.59 -34.02 -6.36
CA TRP F 101 -40.31 -34.95 -7.25
C TRP F 101 -40.31 -34.36 -8.65
N ILE F 102 -40.36 -35.21 -9.68
CA ILE F 102 -40.20 -34.75 -11.07
C ILE F 102 -41.48 -34.82 -11.86
N PHE F 103 -42.14 -35.98 -11.86
CA PHE F 103 -43.41 -36.10 -12.61
C PHE F 103 -44.37 -37.07 -11.93
N LYS F 104 -45.63 -37.01 -12.34
CA LYS F 104 -46.64 -37.87 -11.75
C LYS F 104 -47.20 -38.77 -12.81
N ILE F 105 -47.45 -40.02 -12.44
CA ILE F 105 -47.81 -40.95 -13.48
C ILE F 105 -49.03 -41.81 -13.11
N LYS F 106 -49.90 -42.02 -14.08
CA LYS F 106 -50.99 -42.98 -13.92
C LYS F 106 -50.64 -44.30 -14.67
N ALA F 107 -50.31 -45.31 -13.87
CA ALA F 107 -49.72 -46.54 -14.38
C ALA F 107 -50.77 -47.36 -15.12
N SER F 108 -50.36 -48.01 -16.22
CA SER F 108 -51.30 -48.78 -17.05
C SER F 108 -51.09 -50.31 -16.95
N ASP F 109 -50.01 -50.75 -16.31
CA ASP F 109 -49.73 -52.17 -16.25
C ASP F 109 -49.46 -52.66 -14.83
N GLU F 110 -50.38 -53.47 -14.35
CA GLU F 110 -50.32 -53.97 -12.99
C GLU F 110 -49.12 -54.86 -12.63
N SER F 111 -48.68 -55.71 -13.55
CA SER F 111 -47.47 -56.52 -13.29
C SER F 111 -46.18 -55.66 -13.10
N GLU F 112 -45.99 -54.62 -13.91
CA GLU F 112 -44.87 -53.66 -13.68
C GLU F 112 -44.84 -53.19 -12.22
N LEU F 113 -45.97 -52.64 -11.77
CA LEU F 113 -46.16 -52.27 -10.37
C LEU F 113 -45.79 -53.37 -9.36
N GLU F 114 -46.09 -54.63 -9.67
CA GLU F 114 -45.78 -55.74 -8.76
C GLU F 114 -44.29 -56.07 -8.80
N SER F 115 -43.68 -55.73 -9.94
CA SER F 115 -42.27 -55.98 -10.24
C SER F 115 -41.29 -54.87 -9.63
N LEU F 116 -41.87 -53.85 -8.99
CA LEU F 116 -41.08 -52.72 -8.44
C LEU F 116 -40.42 -53.09 -7.13
N LEU F 117 -39.25 -52.50 -6.86
CA LEU F 117 -38.47 -52.85 -5.67
C LEU F 117 -39.02 -52.24 -4.38
N ASP F 118 -39.03 -53.02 -3.31
CA ASP F 118 -39.33 -52.41 -2.02
C ASP F 118 -38.06 -51.73 -1.50
N ALA F 119 -38.16 -51.01 -0.39
CA ALA F 119 -36.99 -50.35 0.19
C ALA F 119 -35.84 -51.37 0.42
N THR F 120 -36.14 -52.53 1.01
CA THR F 120 -35.12 -53.57 1.28
C THR F 120 -34.39 -54.02 0.01
N ALA F 121 -35.12 -54.26 -1.07
CA ALA F 121 -34.46 -54.67 -2.31
C ALA F 121 -33.70 -53.50 -2.97
N TYR F 122 -34.11 -52.27 -2.67
CA TYR F 122 -33.35 -51.12 -3.21
C TYR F 122 -32.01 -51.01 -2.47
N GLU F 123 -32.07 -50.97 -1.14
CA GLU F 123 -30.86 -51.00 -0.29
C GLU F 123 -29.84 -52.04 -0.76
N ALA F 124 -30.33 -53.19 -1.24
CA ALA F 124 -29.44 -54.27 -1.64
C ALA F 124 -28.86 -54.07 -3.06
N LEU F 125 -29.60 -53.37 -3.94
CA LEU F 125 -29.06 -53.00 -5.25
C LEU F 125 -27.88 -51.99 -5.06
N LEU F 126 -28.08 -51.08 -4.11
CA LEU F 126 -27.01 -50.19 -3.66
C LEU F 126 -25.85 -50.96 -2.98
N GLU F 127 -26.14 -52.00 -2.18
CA GLU F 127 -25.08 -52.76 -1.47
C GLU F 127 -24.06 -53.48 -2.37
N ASP F 128 -24.23 -53.38 -3.69
CA ASP F 128 -23.25 -53.85 -4.68
C ASP F 128 -22.08 -52.87 -4.89
#